data_5W87
# 
_entry.id   5W87 
# 
_audit_conform.dict_name       mmcif_pdbx.dic 
_audit_conform.dict_version    5.379 
_audit_conform.dict_location   http://mmcif.pdb.org/dictionaries/ascii/mmcif_pdbx.dic 
# 
loop_
_database_2.database_id 
_database_2.database_code 
_database_2.pdbx_database_accession 
_database_2.pdbx_DOI 
PDB   5W87         pdb_00005w87 10.2210/pdb5w87/pdb 
WWPDB D_1000228402 ?            ?                   
# 
_pdbx_database_status.status_code                     REL 
_pdbx_database_status.status_code_sf                  REL 
_pdbx_database_status.status_code_mr                  ? 
_pdbx_database_status.entry_id                        5W87 
_pdbx_database_status.recvd_initial_deposition_date   2017-06-21 
_pdbx_database_status.SG_entry                        N 
_pdbx_database_status.deposit_site                    RCSB 
_pdbx_database_status.process_site                    RCSB 
_pdbx_database_status.status_code_cs                  ? 
_pdbx_database_status.methods_development_category    ? 
_pdbx_database_status.pdb_format_compatible           Y 
_pdbx_database_status.status_code_nmr_data            ? 
# 
loop_
_audit_author.name 
_audit_author.pdbx_ordinal 
_audit_author.identifier_ORCID 
'WANG, Y.'       1 ? 
'BELLESIS, A.G.' 2 ? 
'ROYER, W.E.'    3 ? 
'SPRATT, D.E.'   4 ? 
# 
_citation.abstract                  ? 
_citation.abstract_id_CAS           ? 
_citation.book_id_ISBN              ? 
_citation.book_publisher            ? 
_citation.book_publisher_city       ? 
_citation.book_title                ? 
_citation.coordinate_linkage        ? 
_citation.country                   ? 
_citation.database_id_Medline       ? 
_citation.details                   ? 
_citation.id                        primary 
_citation.journal_abbrev            'To Be Published' 
_citation.journal_id_ASTM           ? 
_citation.journal_id_CSD            0353 
_citation.journal_id_ISSN           ? 
_citation.journal_full              ? 
_citation.journal_issue             ? 
_citation.journal_volume            ? 
_citation.language                  ? 
_citation.page_first                ? 
_citation.page_last                 ? 
_citation.title                     'Crystal structure of the C-terminal lobe of the human HERC6 HECT domain' 
_citation.year                      ? 
_citation.database_id_CSD           ? 
_citation.pdbx_database_id_DOI      ? 
_citation.pdbx_database_id_PubMed   ? 
_citation.unpublished_flag          ? 
# 
loop_
_citation_author.citation_id 
_citation_author.name 
_citation_author.ordinal 
_citation_author.identifier_ORCID 
primary 'WANG, Y.'       1 ? 
primary 'BELLESIS, A.G.' 2 ? 
primary 'ROYER, W.E.'    3 ? 
primary 'SPRATT, D.E.'   4 ? 
# 
_cell.angle_alpha                  90.00 
_cell.angle_alpha_esd              ? 
_cell.angle_beta                   90.00 
_cell.angle_beta_esd               ? 
_cell.angle_gamma                  120.00 
_cell.angle_gamma_esd              ? 
_cell.entry_id                     5W87 
_cell.details                      ? 
_cell.formula_units_Z              ? 
_cell.length_a                     74.579 
_cell.length_a_esd                 ? 
_cell.length_b                     74.579 
_cell.length_b_esd                 ? 
_cell.length_c                     114.890 
_cell.length_c_esd                 ? 
_cell.volume                       ? 
_cell.volume_esd                   ? 
_cell.Z_PDB                        18 
_cell.reciprocal_angle_alpha       ? 
_cell.reciprocal_angle_beta        ? 
_cell.reciprocal_angle_gamma       ? 
_cell.reciprocal_angle_alpha_esd   ? 
_cell.reciprocal_angle_beta_esd    ? 
_cell.reciprocal_angle_gamma_esd   ? 
_cell.reciprocal_length_a          ? 
_cell.reciprocal_length_b          ? 
_cell.reciprocal_length_c          ? 
_cell.reciprocal_length_a_esd      ? 
_cell.reciprocal_length_b_esd      ? 
_cell.reciprocal_length_c_esd      ? 
_cell.pdbx_unique_axis             ? 
# 
_symmetry.entry_id                         5W87 
_symmetry.cell_setting                     ? 
_symmetry.Int_Tables_number                146 
_symmetry.space_group_name_Hall            ? 
_symmetry.space_group_name_H-M             'H 3' 
_symmetry.pdbx_full_space_group_name_H-M   ? 
# 
loop_
_entity.id 
_entity.type 
_entity.src_method 
_entity.pdbx_description 
_entity.formula_weight 
_entity.pdbx_number_of_molecules 
_entity.pdbx_ec 
_entity.pdbx_mutation 
_entity.pdbx_fragment 
_entity.details 
1 polymer     man 'Probable E3 ubiquitin-protein ligase HERC6' 14382.314 2  2.3.2.26 C970S 
'C-terminal lobe (UNP residues 902-1022)' ? 
2 non-polymer syn 'PHOSPHATE ION'                              94.971    1  ?        ?     ? ? 
3 water       nat water                                        18.015    35 ?        ?     ? ? 
# 
_entity_name_com.entity_id   1 
_entity_name_com.name        'HECT domain and RCC1-like domain-containing protein 6,HECT-type E3 ubiquitin transferase HERC6' 
# 
_entity_poly.entity_id                      1 
_entity_poly.type                           'polypeptide(L)' 
_entity_poly.nstd_linkage                   no 
_entity_poly.nstd_monomer                   no 
_entity_poly.pdbx_seq_one_letter_code       
;GNTDYDWKQFEQNSKYEQGYQKSHPTIQLFWKAFHKLTLDEKKKFLFFLTGRDRLHARGIQKMEIVFRSPETFSERDHPT
SITCHNILSLPKYSTMERMEEALQVAINNNRGFVSPMLTQS
;
_entity_poly.pdbx_seq_one_letter_code_can   
;GNTDYDWKQFEQNSKYEQGYQKSHPTIQLFWKAFHKLTLDEKKKFLFFLTGRDRLHARGIQKMEIVFRSPETFSERDHPT
SITCHNILSLPKYSTMERMEEALQVAINNNRGFVSPMLTQS
;
_entity_poly.pdbx_strand_id                 A,B 
_entity_poly.pdbx_target_identifier         ? 
# 
loop_
_entity_poly_seq.entity_id 
_entity_poly_seq.num 
_entity_poly_seq.mon_id 
_entity_poly_seq.hetero 
1 1   GLY n 
1 2   ASN n 
1 3   THR n 
1 4   ASP n 
1 5   TYR n 
1 6   ASP n 
1 7   TRP n 
1 8   LYS n 
1 9   GLN n 
1 10  PHE n 
1 11  GLU n 
1 12  GLN n 
1 13  ASN n 
1 14  SER n 
1 15  LYS n 
1 16  TYR n 
1 17  GLU n 
1 18  GLN n 
1 19  GLY n 
1 20  TYR n 
1 21  GLN n 
1 22  LYS n 
1 23  SER n 
1 24  HIS n 
1 25  PRO n 
1 26  THR n 
1 27  ILE n 
1 28  GLN n 
1 29  LEU n 
1 30  PHE n 
1 31  TRP n 
1 32  LYS n 
1 33  ALA n 
1 34  PHE n 
1 35  HIS n 
1 36  LYS n 
1 37  LEU n 
1 38  THR n 
1 39  LEU n 
1 40  ASP n 
1 41  GLU n 
1 42  LYS n 
1 43  LYS n 
1 44  LYS n 
1 45  PHE n 
1 46  LEU n 
1 47  PHE n 
1 48  PHE n 
1 49  LEU n 
1 50  THR n 
1 51  GLY n 
1 52  ARG n 
1 53  ASP n 
1 54  ARG n 
1 55  LEU n 
1 56  HIS n 
1 57  ALA n 
1 58  ARG n 
1 59  GLY n 
1 60  ILE n 
1 61  GLN n 
1 62  LYS n 
1 63  MET n 
1 64  GLU n 
1 65  ILE n 
1 66  VAL n 
1 67  PHE n 
1 68  ARG n 
1 69  SER n 
1 70  PRO n 
1 71  GLU n 
1 72  THR n 
1 73  PHE n 
1 74  SER n 
1 75  GLU n 
1 76  ARG n 
1 77  ASP n 
1 78  HIS n 
1 79  PRO n 
1 80  THR n 
1 81  SER n 
1 82  ILE n 
1 83  THR n 
1 84  CYS n 
1 85  HIS n 
1 86  ASN n 
1 87  ILE n 
1 88  LEU n 
1 89  SER n 
1 90  LEU n 
1 91  PRO n 
1 92  LYS n 
1 93  TYR n 
1 94  SER n 
1 95  THR n 
1 96  MET n 
1 97  GLU n 
1 98  ARG n 
1 99  MET n 
1 100 GLU n 
1 101 GLU n 
1 102 ALA n 
1 103 LEU n 
1 104 GLN n 
1 105 VAL n 
1 106 ALA n 
1 107 ILE n 
1 108 ASN n 
1 109 ASN n 
1 110 ASN n 
1 111 ARG n 
1 112 GLY n 
1 113 PHE n 
1 114 VAL n 
1 115 SER n 
1 116 PRO n 
1 117 MET n 
1 118 LEU n 
1 119 THR n 
1 120 GLN n 
1 121 SER n 
# 
_entity_src_gen.entity_id                          1 
_entity_src_gen.pdbx_src_id                        1 
_entity_src_gen.pdbx_alt_source_flag               sample 
_entity_src_gen.pdbx_seq_type                      'Biological sequence' 
_entity_src_gen.pdbx_beg_seq_num                   1 
_entity_src_gen.pdbx_end_seq_num                   121 
_entity_src_gen.gene_src_common_name               Human 
_entity_src_gen.gene_src_genus                     ? 
_entity_src_gen.pdbx_gene_src_gene                 HERC6 
_entity_src_gen.gene_src_species                   ? 
_entity_src_gen.gene_src_strain                    ? 
_entity_src_gen.gene_src_tissue                    ? 
_entity_src_gen.gene_src_tissue_fraction           ? 
_entity_src_gen.gene_src_details                   ? 
_entity_src_gen.pdbx_gene_src_fragment             ? 
_entity_src_gen.pdbx_gene_src_scientific_name      'Homo sapiens' 
_entity_src_gen.pdbx_gene_src_ncbi_taxonomy_id     9606 
_entity_src_gen.pdbx_gene_src_variant              ? 
_entity_src_gen.pdbx_gene_src_cell_line            ? 
_entity_src_gen.pdbx_gene_src_atcc                 ? 
_entity_src_gen.pdbx_gene_src_organ                ? 
_entity_src_gen.pdbx_gene_src_organelle            ? 
_entity_src_gen.pdbx_gene_src_cell                 ? 
_entity_src_gen.pdbx_gene_src_cellular_location    ? 
_entity_src_gen.host_org_common_name               ? 
_entity_src_gen.pdbx_host_org_scientific_name      'Escherichia coli' 
_entity_src_gen.pdbx_host_org_ncbi_taxonomy_id     562 
_entity_src_gen.host_org_genus                     ? 
_entity_src_gen.pdbx_host_org_gene                 ? 
_entity_src_gen.pdbx_host_org_organ                ? 
_entity_src_gen.host_org_species                   ? 
_entity_src_gen.pdbx_host_org_tissue               ? 
_entity_src_gen.pdbx_host_org_tissue_fraction      ? 
_entity_src_gen.pdbx_host_org_strain               'BL21(DE3) CodonPlus RIL' 
_entity_src_gen.pdbx_host_org_variant              ? 
_entity_src_gen.pdbx_host_org_cell_line            ? 
_entity_src_gen.pdbx_host_org_atcc                 ? 
_entity_src_gen.pdbx_host_org_culture_collection   ? 
_entity_src_gen.pdbx_host_org_cell                 ? 
_entity_src_gen.pdbx_host_org_organelle            ? 
_entity_src_gen.pdbx_host_org_cellular_location    ? 
_entity_src_gen.pdbx_host_org_vector_type          ? 
_entity_src_gen.pdbx_host_org_vector               ? 
_entity_src_gen.host_org_details                   ? 
_entity_src_gen.expression_system_id               ? 
_entity_src_gen.plasmid_name                       ? 
_entity_src_gen.plasmid_details                    ? 
_entity_src_gen.pdbx_description                   ? 
# 
_struct_ref.id                         1 
_struct_ref.db_name                    UNP 
_struct_ref.db_code                    HERC6_HUMAN 
_struct_ref.pdbx_db_accession          Q8IVU3 
_struct_ref.pdbx_db_isoform            ? 
_struct_ref.entity_id                  1 
_struct_ref.pdbx_seq_one_letter_code   
;GNTDYDWKQFEQNSKYEQGYQKSHPTIQLFWKAFHKLTLDEKKKFLFFLTGRDRLHARGIQKMEIVFRCPETFSERDHPT
SITCHNILSLPKYSTMERMEEALQVAINNNRGFVSPMLTQS
;
_struct_ref.pdbx_align_begin           902 
# 
loop_
_struct_ref_seq.align_id 
_struct_ref_seq.ref_id 
_struct_ref_seq.pdbx_PDB_id_code 
_struct_ref_seq.pdbx_strand_id 
_struct_ref_seq.seq_align_beg 
_struct_ref_seq.pdbx_seq_align_beg_ins_code 
_struct_ref_seq.seq_align_end 
_struct_ref_seq.pdbx_seq_align_end_ins_code 
_struct_ref_seq.pdbx_db_accession 
_struct_ref_seq.db_align_beg 
_struct_ref_seq.pdbx_db_align_beg_ins_code 
_struct_ref_seq.db_align_end 
_struct_ref_seq.pdbx_db_align_end_ins_code 
_struct_ref_seq.pdbx_auth_seq_align_beg 
_struct_ref_seq.pdbx_auth_seq_align_end 
1 1 5W87 A 1 ? 121 ? Q8IVU3 902 ? 1022 ? 902 1022 
2 1 5W87 B 1 ? 121 ? Q8IVU3 902 ? 1022 ? 902 1022 
# 
loop_
_struct_ref_seq_dif.align_id 
_struct_ref_seq_dif.pdbx_pdb_id_code 
_struct_ref_seq_dif.mon_id 
_struct_ref_seq_dif.pdbx_pdb_strand_id 
_struct_ref_seq_dif.seq_num 
_struct_ref_seq_dif.pdbx_pdb_ins_code 
_struct_ref_seq_dif.pdbx_seq_db_name 
_struct_ref_seq_dif.pdbx_seq_db_accession_code 
_struct_ref_seq_dif.db_mon_id 
_struct_ref_seq_dif.pdbx_seq_db_seq_num 
_struct_ref_seq_dif.details 
_struct_ref_seq_dif.pdbx_auth_seq_num 
_struct_ref_seq_dif.pdbx_ordinal 
1 5W87 SER A 69 ? UNP Q8IVU3 CYS 970 'engineered mutation' 970 1 
2 5W87 SER B 69 ? UNP Q8IVU3 CYS 970 'engineered mutation' 970 2 
# 
loop_
_chem_comp.id 
_chem_comp.type 
_chem_comp.mon_nstd_flag 
_chem_comp.name 
_chem_comp.pdbx_synonyms 
_chem_comp.formula 
_chem_comp.formula_weight 
ALA 'L-peptide linking' y ALANINE         ? 'C3 H7 N O2'     89.093  
ARG 'L-peptide linking' y ARGININE        ? 'C6 H15 N4 O2 1' 175.209 
ASN 'L-peptide linking' y ASPARAGINE      ? 'C4 H8 N2 O3'    132.118 
ASP 'L-peptide linking' y 'ASPARTIC ACID' ? 'C4 H7 N O4'     133.103 
CYS 'L-peptide linking' y CYSTEINE        ? 'C3 H7 N O2 S'   121.158 
GLN 'L-peptide linking' y GLUTAMINE       ? 'C5 H10 N2 O3'   146.144 
GLU 'L-peptide linking' y 'GLUTAMIC ACID' ? 'C5 H9 N O4'     147.129 
GLY 'peptide linking'   y GLYCINE         ? 'C2 H5 N O2'     75.067  
HIS 'L-peptide linking' y HISTIDINE       ? 'C6 H10 N3 O2 1' 156.162 
HOH non-polymer         . WATER           ? 'H2 O'           18.015  
ILE 'L-peptide linking' y ISOLEUCINE      ? 'C6 H13 N O2'    131.173 
LEU 'L-peptide linking' y LEUCINE         ? 'C6 H13 N O2'    131.173 
LYS 'L-peptide linking' y LYSINE          ? 'C6 H15 N2 O2 1' 147.195 
MET 'L-peptide linking' y METHIONINE      ? 'C5 H11 N O2 S'  149.211 
PHE 'L-peptide linking' y PHENYLALANINE   ? 'C9 H11 N O2'    165.189 
PO4 non-polymer         . 'PHOSPHATE ION' ? 'O4 P -3'        94.971  
PRO 'L-peptide linking' y PROLINE         ? 'C5 H9 N O2'     115.130 
SER 'L-peptide linking' y SERINE          ? 'C3 H7 N O3'     105.093 
THR 'L-peptide linking' y THREONINE       ? 'C4 H9 N O3'     119.119 
TRP 'L-peptide linking' y TRYPTOPHAN      ? 'C11 H12 N2 O2'  204.225 
TYR 'L-peptide linking' y TYROSINE        ? 'C9 H11 N O3'    181.189 
VAL 'L-peptide linking' y VALINE          ? 'C5 H11 N O2'    117.146 
# 
_exptl.absorpt_coefficient_mu     ? 
_exptl.absorpt_correction_T_max   ? 
_exptl.absorpt_correction_T_min   ? 
_exptl.absorpt_correction_type    ? 
_exptl.absorpt_process_details    ? 
_exptl.entry_id                   5W87 
_exptl.crystals_number            1 
_exptl.details                    ? 
_exptl.method                     'X-RAY DIFFRACTION' 
_exptl.method_details             ? 
# 
_exptl_crystal.colour                      ? 
_exptl_crystal.density_diffrn              ? 
_exptl_crystal.density_Matthews            2.14 
_exptl_crystal.density_method              ? 
_exptl_crystal.density_percent_sol         42.46 
_exptl_crystal.description                 'triangular pyramid with soft vertices' 
_exptl_crystal.F_000                       ? 
_exptl_crystal.id                          1 
_exptl_crystal.preparation                 ? 
_exptl_crystal.size_max                    ? 
_exptl_crystal.size_mid                    ? 
_exptl_crystal.size_min                    ? 
_exptl_crystal.size_rad                    ? 
_exptl_crystal.colour_lustre               ? 
_exptl_crystal.colour_modifier             ? 
_exptl_crystal.colour_primary              ? 
_exptl_crystal.density_meas                ? 
_exptl_crystal.density_meas_esd            ? 
_exptl_crystal.density_meas_gt             ? 
_exptl_crystal.density_meas_lt             ? 
_exptl_crystal.density_meas_temp           ? 
_exptl_crystal.density_meas_temp_esd       ? 
_exptl_crystal.density_meas_temp_gt        ? 
_exptl_crystal.density_meas_temp_lt        ? 
_exptl_crystal.pdbx_crystal_image_url      ? 
_exptl_crystal.pdbx_crystal_image_format   ? 
_exptl_crystal.pdbx_mosaicity              ? 
_exptl_crystal.pdbx_mosaicity_esd          ? 
# 
_exptl_crystal_grow.apparatus       ? 
_exptl_crystal_grow.atmosphere      ? 
_exptl_crystal_grow.crystal_id      1 
_exptl_crystal_grow.details         ? 
_exptl_crystal_grow.method          'VAPOR DIFFUSION, HANGING DROP' 
_exptl_crystal_grow.method_ref      ? 
_exptl_crystal_grow.pH              8.0 
_exptl_crystal_grow.pressure        ? 
_exptl_crystal_grow.pressure_esd    ? 
_exptl_crystal_grow.seeding         ? 
_exptl_crystal_grow.seeding_ref     ? 
_exptl_crystal_grow.temp            293.15 
_exptl_crystal_grow.temp_details    ? 
_exptl_crystal_grow.temp_esd        ? 
_exptl_crystal_grow.time            ? 
_exptl_crystal_grow.pdbx_details    'K2HPO4/NaH2PO4, NaCl, imidazole:HCl' 
_exptl_crystal_grow.pdbx_pH_range   7.6-8.0 
# 
_diffrn.ambient_environment    ? 
_diffrn.ambient_temp           298.15 
_diffrn.ambient_temp_details   'room temperature' 
_diffrn.ambient_temp_esd       ? 
_diffrn.crystal_id             1 
_diffrn.crystal_support        ? 
_diffrn.crystal_treatment      ? 
_diffrn.details                ? 
_diffrn.id                     1 
_diffrn.ambient_pressure       ? 
_diffrn.ambient_pressure_esd   ? 
_diffrn.ambient_pressure_gt    ? 
_diffrn.ambient_pressure_lt    ? 
_diffrn.ambient_temp_gt        ? 
_diffrn.ambient_temp_lt        ? 
# 
_diffrn_detector.details                      ? 
_diffrn_detector.detector                     CCD 
_diffrn_detector.diffrn_id                    1 
_diffrn_detector.type                         'RIGAKU SATURN 944' 
_diffrn_detector.area_resol_mean              ? 
_diffrn_detector.dtime                        ? 
_diffrn_detector.pdbx_frames_total            ? 
_diffrn_detector.pdbx_collection_time_total   ? 
_diffrn_detector.pdbx_collection_date         2017-03-27 
# 
_diffrn_radiation.collimation                      ? 
_diffrn_radiation.diffrn_id                        1 
_diffrn_radiation.filter_edge                      ? 
_diffrn_radiation.inhomogeneity                    ? 
_diffrn_radiation.monochromator                    ? 
_diffrn_radiation.polarisn_norm                    ? 
_diffrn_radiation.polarisn_ratio                   ? 
_diffrn_radiation.probe                            ? 
_diffrn_radiation.type                             ? 
_diffrn_radiation.xray_symbol                      ? 
_diffrn_radiation.wavelength_id                    1 
_diffrn_radiation.pdbx_monochromatic_or_laue_m_l   M 
_diffrn_radiation.pdbx_wavelength_list             ? 
_diffrn_radiation.pdbx_wavelength                  ? 
_diffrn_radiation.pdbx_diffrn_protocol             'SINGLE WAVELENGTH' 
_diffrn_radiation.pdbx_analyzer                    ? 
_diffrn_radiation.pdbx_scattering_type             x-ray 
# 
_diffrn_radiation_wavelength.id           1 
_diffrn_radiation_wavelength.wavelength   1.54 
_diffrn_radiation_wavelength.wt           1.0 
# 
_diffrn_source.current                     ? 
_diffrn_source.details                     ? 
_diffrn_source.diffrn_id                   1 
_diffrn_source.power                       ? 
_diffrn_source.size                        ? 
_diffrn_source.source                      'ROTATING ANODE' 
_diffrn_source.target                      ? 
_diffrn_source.type                        RIGAKU 
_diffrn_source.voltage                     ? 
_diffrn_source.take-off_angle              ? 
_diffrn_source.pdbx_wavelength_list        1.54 
_diffrn_source.pdbx_wavelength             ? 
_diffrn_source.pdbx_synchrotron_beamline   ? 
_diffrn_source.pdbx_synchrotron_site       ? 
# 
_reflns.B_iso_Wilson_estimate            ? 
_reflns.entry_id                         5W87 
_reflns.data_reduction_details           ? 
_reflns.data_reduction_method            ? 
_reflns.d_resolution_high                2.199 
_reflns.d_resolution_low                 23.88 
_reflns.details                          ? 
_reflns.limit_h_max                      ? 
_reflns.limit_h_min                      ? 
_reflns.limit_k_max                      ? 
_reflns.limit_k_min                      ? 
_reflns.limit_l_max                      ? 
_reflns.limit_l_min                      ? 
_reflns.number_all                       ? 
_reflns.number_obs                       11479 
_reflns.observed_criterion               ? 
_reflns.observed_criterion_F_max         ? 
_reflns.observed_criterion_F_min         ? 
_reflns.observed_criterion_I_max         ? 
_reflns.observed_criterion_I_min         ? 
_reflns.observed_criterion_sigma_F       ? 
_reflns.observed_criterion_sigma_I       ? 
_reflns.percent_possible_obs             91.75 
_reflns.R_free_details                   ? 
_reflns.Rmerge_F_all                     ? 
_reflns.Rmerge_F_obs                     ? 
_reflns.Friedel_coverage                 ? 
_reflns.number_gt                        ? 
_reflns.threshold_expression             ? 
_reflns.pdbx_redundancy                  3.5 
_reflns.pdbx_Rmerge_I_obs                0.05707 
_reflns.pdbx_Rmerge_I_all                ? 
_reflns.pdbx_Rsym_value                  ? 
_reflns.pdbx_netI_over_av_sigmaI         ? 
_reflns.pdbx_netI_over_sigmaI            12.12 
_reflns.pdbx_res_netI_over_av_sigmaI_2   ? 
_reflns.pdbx_res_netI_over_sigmaI_2      ? 
_reflns.pdbx_chi_squared                 ? 
_reflns.pdbx_scaling_rejects             ? 
_reflns.pdbx_d_res_high_opt              ? 
_reflns.pdbx_d_res_low_opt               ? 
_reflns.pdbx_d_res_opt_method            ? 
_reflns.phase_calculation_details        ? 
_reflns.pdbx_Rrim_I_all                  ? 
_reflns.pdbx_Rpim_I_all                  0.0349 
_reflns.pdbx_d_opt                       ? 
_reflns.pdbx_number_measured_all         ? 
_reflns.pdbx_diffrn_id                   1 
_reflns.pdbx_ordinal                     1 
_reflns.pdbx_CC_half                     ? 
_reflns.pdbx_R_split                     ? 
# 
_reflns_shell.d_res_high                  2.199 
_reflns_shell.d_res_low                   2.278 
_reflns_shell.meanI_over_sigI_all         ? 
_reflns_shell.meanI_over_sigI_obs         ? 
_reflns_shell.number_measured_all         ? 
_reflns_shell.number_measured_obs         ? 
_reflns_shell.number_possible             ? 
_reflns_shell.number_unique_all           ? 
_reflns_shell.number_unique_obs           782 
_reflns_shell.percent_possible_all        64.41 
_reflns_shell.percent_possible_obs        ? 
_reflns_shell.Rmerge_F_all                ? 
_reflns_shell.Rmerge_F_obs                ? 
_reflns_shell.Rmerge_I_all                ? 
_reflns_shell.Rmerge_I_obs                0.7581 
_reflns_shell.meanI_over_sigI_gt          ? 
_reflns_shell.meanI_over_uI_all           ? 
_reflns_shell.meanI_over_uI_gt            ? 
_reflns_shell.number_measured_gt          ? 
_reflns_shell.number_unique_gt            ? 
_reflns_shell.percent_possible_gt         ? 
_reflns_shell.Rmerge_F_gt                 ? 
_reflns_shell.Rmerge_I_gt                 ? 
_reflns_shell.pdbx_redundancy             ? 
_reflns_shell.pdbx_Rsym_value             ? 
_reflns_shell.pdbx_chi_squared            ? 
_reflns_shell.pdbx_netI_over_sigmaI_all   ? 
_reflns_shell.pdbx_netI_over_sigmaI_obs   ? 
_reflns_shell.pdbx_Rrim_I_all             ? 
_reflns_shell.pdbx_Rpim_I_all             0.6231 
_reflns_shell.pdbx_rejects                ? 
_reflns_shell.pdbx_ordinal                1 
_reflns_shell.pdbx_diffrn_id              1 
_reflns_shell.pdbx_CC_half                ? 
_reflns_shell.pdbx_R_split                ? 
# 
_refine.aniso_B[1][1]                            ? 
_refine.aniso_B[1][2]                            ? 
_refine.aniso_B[1][3]                            ? 
_refine.aniso_B[2][2]                            ? 
_refine.aniso_B[2][3]                            ? 
_refine.aniso_B[3][3]                            ? 
_refine.B_iso_max                                ? 
_refine.B_iso_mean                               ? 
_refine.B_iso_min                                ? 
_refine.correlation_coeff_Fo_to_Fc               ? 
_refine.correlation_coeff_Fo_to_Fc_free          ? 
_refine.details                                  ? 
_refine.diff_density_max                         ? 
_refine.diff_density_max_esd                     ? 
_refine.diff_density_min                         ? 
_refine.diff_density_min_esd                     ? 
_refine.diff_density_rms                         ? 
_refine.diff_density_rms_esd                     ? 
_refine.entry_id                                 5W87 
_refine.pdbx_refine_id                           'X-RAY DIFFRACTION' 
_refine.ls_abs_structure_details                 ? 
_refine.ls_abs_structure_Flack                   ? 
_refine.ls_abs_structure_Flack_esd               ? 
_refine.ls_abs_structure_Rogers                  ? 
_refine.ls_abs_structure_Rogers_esd              ? 
_refine.ls_d_res_high                            2.199 
_refine.ls_d_res_low                             23.879 
_refine.ls_extinction_coef                       ? 
_refine.ls_extinction_coef_esd                   ? 
_refine.ls_extinction_expression                 ? 
_refine.ls_extinction_method                     ? 
_refine.ls_goodness_of_fit_all                   ? 
_refine.ls_goodness_of_fit_all_esd               ? 
_refine.ls_goodness_of_fit_obs                   ? 
_refine.ls_goodness_of_fit_obs_esd               ? 
_refine.ls_hydrogen_treatment                    ? 
_refine.ls_matrix_type                           ? 
_refine.ls_number_constraints                    ? 
_refine.ls_number_parameters                     ? 
_refine.ls_number_reflns_all                     ? 
_refine.ls_number_reflns_obs                     11127 
_refine.ls_number_reflns_R_free                  557 
_refine.ls_number_reflns_R_work                  ? 
_refine.ls_number_restraints                     ? 
_refine.ls_percent_reflns_obs                    91.81 
_refine.ls_percent_reflns_R_free                 5.01 
_refine.ls_R_factor_all                          ? 
_refine.ls_R_factor_obs                          0.2129 
_refine.ls_R_factor_R_free                       0.2435 
_refine.ls_R_factor_R_free_error                 ? 
_refine.ls_R_factor_R_free_error_details         ? 
_refine.ls_R_factor_R_work                       0.2112 
_refine.ls_R_Fsqd_factor_obs                     ? 
_refine.ls_R_I_factor_obs                        ? 
_refine.ls_redundancy_reflns_all                 ? 
_refine.ls_redundancy_reflns_obs                 ? 
_refine.ls_restrained_S_all                      ? 
_refine.ls_restrained_S_obs                      ? 
_refine.ls_shift_over_esd_max                    ? 
_refine.ls_shift_over_esd_mean                   ? 
_refine.ls_structure_factor_coef                 ? 
_refine.ls_weighting_details                     ? 
_refine.ls_weighting_scheme                      ? 
_refine.ls_wR_factor_all                         ? 
_refine.ls_wR_factor_obs                         ? 
_refine.ls_wR_factor_R_free                      ? 
_refine.ls_wR_factor_R_work                      ? 
_refine.occupancy_max                            ? 
_refine.occupancy_min                            ? 
_refine.solvent_model_details                    ? 
_refine.solvent_model_param_bsol                 ? 
_refine.solvent_model_param_ksol                 ? 
_refine.ls_R_factor_gt                           ? 
_refine.ls_goodness_of_fit_gt                    ? 
_refine.ls_goodness_of_fit_ref                   ? 
_refine.ls_shift_over_su_max                     ? 
_refine.ls_shift_over_su_max_lt                  ? 
_refine.ls_shift_over_su_mean                    ? 
_refine.ls_shift_over_su_mean_lt                 ? 
_refine.pdbx_ls_sigma_I                          ? 
_refine.pdbx_ls_sigma_F                          1.96 
_refine.pdbx_ls_sigma_Fsqd                       ? 
_refine.pdbx_data_cutoff_high_absF               ? 
_refine.pdbx_data_cutoff_high_rms_absF           ? 
_refine.pdbx_data_cutoff_low_absF                ? 
_refine.pdbx_isotropic_thermal_model             ? 
_refine.pdbx_ls_cross_valid_method               'FREE R-VALUE' 
_refine.pdbx_method_to_determine_struct          'MOLECULAR REPLACEMENT' 
_refine.pdbx_starting_model                      1C4Z 
_refine.pdbx_stereochemistry_target_values       ? 
_refine.pdbx_R_Free_selection_details            ? 
_refine.pdbx_stereochem_target_val_spec_case     ? 
_refine.pdbx_overall_ESU_R                       ? 
_refine.pdbx_overall_ESU_R_Free                  ? 
_refine.pdbx_solvent_vdw_probe_radii             1.11 
_refine.pdbx_solvent_ion_probe_radii             ? 
_refine.pdbx_solvent_shrinkage_radii             0.90 
_refine.pdbx_real_space_R                        ? 
_refine.pdbx_density_correlation                 ? 
_refine.pdbx_pd_number_of_powder_patterns        ? 
_refine.pdbx_pd_number_of_points                 ? 
_refine.pdbx_pd_meas_number_of_points            ? 
_refine.pdbx_pd_proc_ls_prof_R_factor            ? 
_refine.pdbx_pd_proc_ls_prof_wR_factor           ? 
_refine.pdbx_pd_Marquardt_correlation_coeff      ? 
_refine.pdbx_pd_Fsqrd_R_factor                   ? 
_refine.pdbx_pd_ls_matrix_band_width             ? 
_refine.pdbx_overall_phase_error                 31.65 
_refine.pdbx_overall_SU_R_free_Cruickshank_DPI   ? 
_refine.pdbx_overall_SU_R_free_Blow_DPI          ? 
_refine.pdbx_overall_SU_R_Blow_DPI               ? 
_refine.pdbx_TLS_residual_ADP_flag               ? 
_refine.pdbx_diffrn_id                           1 
_refine.overall_SU_B                             ? 
_refine.overall_SU_ML                            0.33 
_refine.overall_SU_R_Cruickshank_DPI             ? 
_refine.overall_SU_R_free                        ? 
_refine.overall_FOM_free_R_set                   ? 
_refine.overall_FOM_work_R_set                   ? 
_refine.pdbx_average_fsc_overall                 ? 
_refine.pdbx_average_fsc_work                    ? 
_refine.pdbx_average_fsc_free                    ? 
# 
_refine_hist.pdbx_refine_id                   'X-RAY DIFFRACTION' 
_refine_hist.cycle_id                         LAST 
_refine_hist.pdbx_number_atoms_protein        1521 
_refine_hist.pdbx_number_atoms_nucleic_acid   0 
_refine_hist.pdbx_number_atoms_ligand         5 
_refine_hist.number_atoms_solvent             35 
_refine_hist.number_atoms_total               1561 
_refine_hist.d_res_high                       2.199 
_refine_hist.d_res_low                        23.879 
# 
loop_
_refine_ls_restr.pdbx_refine_id 
_refine_ls_restr.criterion 
_refine_ls_restr.dev_ideal 
_refine_ls_restr.dev_ideal_target 
_refine_ls_restr.number 
_refine_ls_restr.rejects 
_refine_ls_restr.type 
_refine_ls_restr.weight 
_refine_ls_restr.pdbx_restraint_function 
'X-RAY DIFFRACTION' ? 0.002 ? 1564 ? f_bond_d           ? ? 
'X-RAY DIFFRACTION' ? 0.528 ? 2114 ? f_angle_d          ? ? 
'X-RAY DIFFRACTION' ? 4.661 ? 915  ? f_dihedral_angle_d ? ? 
'X-RAY DIFFRACTION' ? 0.036 ? 230  ? f_chiral_restr     ? ? 
'X-RAY DIFFRACTION' ? 0.003 ? 263  ? f_plane_restr      ? ? 
# 
loop_
_refine_ls_shell.pdbx_refine_id 
_refine_ls_shell.d_res_high 
_refine_ls_shell.d_res_low 
_refine_ls_shell.number_reflns_all 
_refine_ls_shell.number_reflns_obs 
_refine_ls_shell.number_reflns_R_free 
_refine_ls_shell.number_reflns_R_work 
_refine_ls_shell.percent_reflns_obs 
_refine_ls_shell.percent_reflns_R_free 
_refine_ls_shell.R_factor_all 
_refine_ls_shell.R_factor_obs 
_refine_ls_shell.R_factor_R_free 
_refine_ls_shell.R_factor_R_free_error 
_refine_ls_shell.R_factor_R_work 
_refine_ls_shell.redundancy_reflns_all 
_refine_ls_shell.redundancy_reflns_obs 
_refine_ls_shell.wR_factor_all 
_refine_ls_shell.wR_factor_obs 
_refine_ls_shell.wR_factor_R_free 
_refine_ls_shell.wR_factor_R_work 
_refine_ls_shell.pdbx_total_number_of_bins_used 
_refine_ls_shell.pdbx_phase_error 
_refine_ls_shell.pdbx_fsc_work 
_refine_ls_shell.pdbx_fsc_free 
'X-RAY DIFFRACTION' 2.1990 2.4200  . . 124 2278 79.00  . . . 0.3261 . 0.2966 . . . . . . . . . . 
'X-RAY DIFFRACTION' 2.4200 2.7698  . . 154 2858 100.00 . . . 0.3289 . 0.2809 . . . . . . . . . . 
'X-RAY DIFFRACTION' 2.7698 3.4879  . . 147 2873 100.00 . . . 0.2739 . 0.2286 . . . . . . . . . . 
'X-RAY DIFFRACTION' 3.4879 23.8800 . . 132 2561 89.00  . . . 0.1978 . 0.1761 . . . . . . . . . . 
# 
_struct.entry_id                     5W87 
_struct.title                        'Crystal structure of the C-terminal lobe of the human HERC6 HECT domain' 
_struct.pdbx_model_details           ? 
_struct.pdbx_formula_weight          ? 
_struct.pdbx_formula_weight_method   ? 
_struct.pdbx_model_type_details      ? 
_struct.pdbx_CASP_flag               N 
# 
_struct_keywords.entry_id        5W87 
_struct_keywords.text            'E3 ligase, antiviral activity, TRANSFERASE-LIGASE complex' 
_struct_keywords.pdbx_keywords   TRANSFERASE/LIGASE 
# 
loop_
_struct_asym.id 
_struct_asym.pdbx_blank_PDB_chainid_flag 
_struct_asym.pdbx_modified 
_struct_asym.entity_id 
_struct_asym.details 
A N N 1 ? 
B N N 1 ? 
C N N 2 ? 
D N N 3 ? 
E N N 3 ? 
# 
loop_
_struct_conf.conf_type_id 
_struct_conf.id 
_struct_conf.pdbx_PDB_helix_id 
_struct_conf.beg_label_comp_id 
_struct_conf.beg_label_asym_id 
_struct_conf.beg_label_seq_id 
_struct_conf.pdbx_beg_PDB_ins_code 
_struct_conf.end_label_comp_id 
_struct_conf.end_label_asym_id 
_struct_conf.end_label_seq_id 
_struct_conf.pdbx_end_PDB_ins_code 
_struct_conf.beg_auth_comp_id 
_struct_conf.beg_auth_asym_id 
_struct_conf.beg_auth_seq_id 
_struct_conf.end_auth_comp_id 
_struct_conf.end_auth_asym_id 
_struct_conf.end_auth_seq_id 
_struct_conf.pdbx_PDB_helix_class 
_struct_conf.details 
_struct_conf.pdbx_PDB_helix_length 
HELX_P HELX_P1  AA1 ASP A 6  ? ASN A 13  ? ASP A 907 ASN A 914  1 ? 8  
HELX_P HELX_P2  AA2 HIS A 24 ? HIS A 35  ? HIS A 925 HIS A 936  1 ? 12 
HELX_P HELX_P3  AA3 THR A 38 ? THR A 50  ? THR A 939 THR A 951  1 ? 13 
HELX_P HELX_P4  AA4 HIS A 56 ? MET A 63  ? HIS A 957 MET A 964  1 ? 8  
HELX_P HELX_P5  AA5 THR A 95 ? ASN A 108 ? THR A 996 ASN A 1009 1 ? 14 
HELX_P HELX_P6  AA6 ASP B 6  ? ASN B 13  ? ASP B 907 ASN B 914  1 ? 8  
HELX_P HELX_P7  AA7 HIS B 24 ? LEU B 37  ? HIS B 925 LEU B 938  1 ? 14 
HELX_P HELX_P8  AA8 THR B 38 ? THR B 50  ? THR B 939 THR B 951  1 ? 13 
HELX_P HELX_P9  AA9 SER B 69 ? PHE B 73  ? SER B 970 PHE B 974  5 ? 5  
HELX_P HELX_P10 AB1 THR B 95 ? ILE B 107 ? THR B 996 ILE B 1008 1 ? 13 
# 
_struct_conf_type.id          HELX_P 
_struct_conf_type.criteria    ? 
_struct_conf_type.reference   ? 
# 
_struct_sheet.id               AA1 
_struct_sheet.type             ? 
_struct_sheet.number_strands   6 
_struct_sheet.details          ? 
# 
loop_
_struct_sheet_order.sheet_id 
_struct_sheet_order.range_id_1 
_struct_sheet_order.range_id_2 
_struct_sheet_order.offset 
_struct_sheet_order.sense 
AA1 1 2 ? parallel      
AA1 2 3 ? parallel      
AA1 3 4 ? anti-parallel 
AA1 4 5 ? parallel      
AA1 5 6 ? parallel      
# 
loop_
_struct_sheet_range.sheet_id 
_struct_sheet_range.id 
_struct_sheet_range.beg_label_comp_id 
_struct_sheet_range.beg_label_asym_id 
_struct_sheet_range.beg_label_seq_id 
_struct_sheet_range.pdbx_beg_PDB_ins_code 
_struct_sheet_range.end_label_comp_id 
_struct_sheet_range.end_label_asym_id 
_struct_sheet_range.end_label_seq_id 
_struct_sheet_range.pdbx_end_PDB_ins_code 
_struct_sheet_range.beg_auth_comp_id 
_struct_sheet_range.beg_auth_asym_id 
_struct_sheet_range.beg_auth_seq_id 
_struct_sheet_range.end_auth_comp_id 
_struct_sheet_range.end_auth_asym_id 
_struct_sheet_range.end_auth_seq_id 
AA1 1 LYS A 15 ? TYR A 16 ? LYS A 916 TYR A 917 
AA1 2 VAL A 66 ? ARG A 68 ? VAL A 967 ARG A 969 
AA1 3 THR B 83 ? SER B 89 ? THR B 984 SER B 990 
AA1 4 THR A 83 ? SER A 89 ? THR A 984 SER A 990 
AA1 5 VAL B 66 ? ARG B 68 ? VAL B 967 ARG B 969 
AA1 6 LYS B 15 ? TYR B 16 ? LYS B 916 TYR B 917 
# 
loop_
_pdbx_struct_sheet_hbond.sheet_id 
_pdbx_struct_sheet_hbond.range_id_1 
_pdbx_struct_sheet_hbond.range_id_2 
_pdbx_struct_sheet_hbond.range_1_label_atom_id 
_pdbx_struct_sheet_hbond.range_1_label_comp_id 
_pdbx_struct_sheet_hbond.range_1_label_asym_id 
_pdbx_struct_sheet_hbond.range_1_label_seq_id 
_pdbx_struct_sheet_hbond.range_1_PDB_ins_code 
_pdbx_struct_sheet_hbond.range_1_auth_atom_id 
_pdbx_struct_sheet_hbond.range_1_auth_comp_id 
_pdbx_struct_sheet_hbond.range_1_auth_asym_id 
_pdbx_struct_sheet_hbond.range_1_auth_seq_id 
_pdbx_struct_sheet_hbond.range_2_label_atom_id 
_pdbx_struct_sheet_hbond.range_2_label_comp_id 
_pdbx_struct_sheet_hbond.range_2_label_asym_id 
_pdbx_struct_sheet_hbond.range_2_label_seq_id 
_pdbx_struct_sheet_hbond.range_2_PDB_ins_code 
_pdbx_struct_sheet_hbond.range_2_auth_atom_id 
_pdbx_struct_sheet_hbond.range_2_auth_comp_id 
_pdbx_struct_sheet_hbond.range_2_auth_asym_id 
_pdbx_struct_sheet_hbond.range_2_auth_seq_id 
AA1 1 2 N LYS A 15 ? N LYS A 916 O PHE A 67 ? O PHE A 968 
AA1 2 3 N VAL A 66 ? N VAL A 967 O LEU B 88 ? O LEU B 989 
AA1 3 4 O SER B 89 ? O SER B 990 N THR A 83 ? N THR A 984 
AA1 4 5 N LEU A 88 ? N LEU A 989 O VAL B 66 ? O VAL B 967 
AA1 5 6 O PHE B 67 ? O PHE B 968 N LYS B 15 ? N LYS B 916 
# 
_struct_site.id                   AC1 
_struct_site.pdbx_evidence_code   Software 
_struct_site.pdbx_auth_asym_id    A 
_struct_site.pdbx_auth_comp_id    PO4 
_struct_site.pdbx_auth_seq_id     1101 
_struct_site.pdbx_auth_ins_code   ? 
_struct_site.pdbx_num_residues    6 
_struct_site.details              'binding site for residue PO4 A 1101' 
# 
loop_
_struct_site_gen.id 
_struct_site_gen.site_id 
_struct_site_gen.pdbx_num_res 
_struct_site_gen.label_comp_id 
_struct_site_gen.label_asym_id 
_struct_site_gen.label_seq_id 
_struct_site_gen.pdbx_auth_ins_code 
_struct_site_gen.auth_comp_id 
_struct_site_gen.auth_asym_id 
_struct_site_gen.auth_seq_id 
_struct_site_gen.label_atom_id 
_struct_site_gen.label_alt_id 
_struct_site_gen.symmetry 
_struct_site_gen.details 
1 AC1 6 LYS A 92 ? LYS A 993 . ? 2_445 ? 
2 AC1 6 LYS A 92 ? LYS A 993 . ? 3_545 ? 
3 AC1 6 LYS A 92 ? LYS A 993 . ? 1_555 ? 
4 AC1 6 HIS B 24 ? HIS B 925 . ? 1_555 ? 
5 AC1 6 HIS B 24 ? HIS B 925 . ? 3_545 ? 
6 AC1 6 HIS B 24 ? HIS B 925 . ? 2_445 ? 
# 
_atom_sites.entry_id                    5W87 
_atom_sites.fract_transf_matrix[1][1]   -0.01035989 
_atom_sites.fract_transf_matrix[1][2]   0.00176763 
_atom_sites.fract_transf_matrix[1][3]   -0.01136981 
_atom_sites.fract_transf_matrix[2][1]   -0.01440914 
_atom_sites.fract_transf_matrix[2][2]   0.00460297 
_atom_sites.fract_transf_matrix[2][3]   0.00330345 
_atom_sites.fract_transf_matrix[3][1]   0.00243892 
_atom_sites.fract_transf_matrix[3][2]   0.00830324 
_atom_sites.fract_transf_matrix[3][3]   -0.00093140 
_atom_sites.fract_transf_vector[1]      -0.479755 
_atom_sites.fract_transf_vector[2]      -0.488866 
_atom_sites.fract_transf_vector[3]      0.182641 
# 
loop_
_atom_type.symbol 
C 
N 
O 
P 
S 
# 
loop_
_atom_site.group_PDB 
_atom_site.id 
_atom_site.type_symbol 
_atom_site.label_atom_id 
_atom_site.label_alt_id 
_atom_site.label_comp_id 
_atom_site.label_asym_id 
_atom_site.label_entity_id 
_atom_site.label_seq_id 
_atom_site.pdbx_PDB_ins_code 
_atom_site.Cartn_x 
_atom_site.Cartn_y 
_atom_site.Cartn_z 
_atom_site.occupancy 
_atom_site.B_iso_or_equiv 
_atom_site.pdbx_formal_charge 
_atom_site.auth_seq_id 
_atom_site.auth_comp_id 
_atom_site.auth_asym_id 
_atom_site.auth_atom_id 
_atom_site.pdbx_PDB_model_num 
ATOM   1    N N   . ASP A 1 4   ? -16.860 -15.251 12.233  1.00 83.54  ?  905  ASP A N   1 
ATOM   2    C CA  . ASP A 1 4   ? -15.452 -15.632 12.192  1.00 59.59  ?  905  ASP A CA  1 
ATOM   3    C C   . ASP A 1 4   ? -14.705 -14.854 11.114  1.00 67.18  ?  905  ASP A C   1 
ATOM   4    O O   . ASP A 1 4   ? -15.288 -14.454 10.107  1.00 70.77  ?  905  ASP A O   1 
ATOM   5    C CB  . ASP A 1 4   ? -15.312 -17.136 11.950  1.00 55.09  ?  905  ASP A CB  1 
ATOM   6    N N   . TYR A 1 5   ? -13.410 -14.644 11.333  1.00 55.08  ?  906  TYR A N   1 
ATOM   7    C CA  . TYR A 1 5   ? -12.563 -13.923 10.392  1.00 54.73  ?  906  TYR A CA  1 
ATOM   8    C C   . TYR A 1 5   ? -11.803 -14.913 9.518   1.00 52.11  ?  906  TYR A C   1 
ATOM   9    O O   . TYR A 1 5   ? -11.339 -15.953 9.995   1.00 51.95  ?  906  TYR A O   1 
ATOM   10   C CB  . TYR A 1 5   ? -11.591 -13.003 11.132  1.00 52.95  ?  906  TYR A CB  1 
ATOM   11   C CG  . TYR A 1 5   ? -12.248 -11.760 11.693  1.00 50.68  ?  906  TYR A CG  1 
ATOM   12   C CD1 . TYR A 1 5   ? -13.056 -11.826 12.821  1.00 50.80  ?  906  TYR A CD1 1 
ATOM   13   C CD2 . TYR A 1 5   ? -12.067 -10.521 11.091  1.00 47.64  ?  906  TYR A CD2 1 
ATOM   14   C CE1 . TYR A 1 5   ? -13.663 -10.696 13.335  1.00 49.45  ?  906  TYR A CE1 1 
ATOM   15   C CE2 . TYR A 1 5   ? -12.670 -9.383  11.598  1.00 43.62  ?  906  TYR A CE2 1 
ATOM   16   C CZ  . TYR A 1 5   ? -13.466 -9.478  12.720  1.00 50.00  ?  906  TYR A CZ  1 
ATOM   17   O OH  . TYR A 1 5   ? -14.069 -8.351  13.230  1.00 54.40  ?  906  TYR A OH  1 
ATOM   18   N N   . ASP A 1 6   ? -11.678 -14.578 8.235   1.00 45.79  ?  907  ASP A N   1 
ATOM   19   C CA  . ASP A 1 6   ? -11.136 -15.495 7.232   1.00 45.23  ?  907  ASP A CA  1 
ATOM   20   C C   . ASP A 1 6   ? -9.660  -15.183 6.986   1.00 42.73  ?  907  ASP A C   1 
ATOM   21   O O   . ASP A 1 6   ? -9.257  -14.658 5.946   1.00 43.64  ?  907  ASP A O   1 
ATOM   22   C CB  . ASP A 1 6   ? -11.954 -15.405 5.947   1.00 43.11  ?  907  ASP A CB  1 
ATOM   23   C CG  . ASP A 1 6   ? -11.778 -16.614 5.057   1.00 43.96  ?  907  ASP A CG  1 
ATOM   24   O OD1 . ASP A 1 6   ? -11.090 -17.570 5.473   1.00 45.52  ?  907  ASP A OD1 1 
ATOM   25   O OD2 . ASP A 1 6   ? -12.334 -16.610 3.938   1.00 41.38  -1 907  ASP A OD2 1 
ATOM   26   N N   . TRP A 1 7   ? -8.843  -15.546 7.977   1.00 40.26  ?  908  TRP A N   1 
ATOM   27   C CA  . TRP A 1 7   ? -7.421  -15.223 7.920   1.00 43.28  ?  908  TRP A CA  1 
ATOM   28   C C   . TRP A 1 7   ? -6.681  -16.075 6.898   1.00 42.13  ?  908  TRP A C   1 
ATOM   29   O O   . TRP A 1 7   ? -5.699  -15.611 6.306   1.00 49.80  ?  908  TRP A O   1 
ATOM   30   C CB  . TRP A 1 7   ? -6.796  -15.377 9.306   1.00 43.07  ?  908  TRP A CB  1 
ATOM   31   C CG  . TRP A 1 7   ? -7.357  -14.405 10.293  1.00 37.40  ?  908  TRP A CG  1 
ATOM   32   C CD1 . TRP A 1 7   ? -8.065  -14.696 11.420  1.00 33.50  ?  908  TRP A CD1 1 
ATOM   33   C CD2 . TRP A 1 7   ? -7.276  -12.977 10.225  1.00 36.10  ?  908  TRP A CD2 1 
ATOM   34   N NE1 . TRP A 1 7   ? -8.421  -13.536 12.067  1.00 44.03  ?  908  TRP A NE1 1 
ATOM   35   C CE2 . TRP A 1 7   ? -7.951  -12.467 11.351  1.00 30.38  ?  908  TRP A CE2 1 
ATOM   36   C CE3 . TRP A 1 7   ? -6.693  -12.079 9.325   1.00 45.17  ?  908  TRP A CE3 1 
ATOM   37   C CZ2 . TRP A 1 7   ? -8.059  -11.101 11.600  1.00 42.98  ?  908  TRP A CZ2 1 
ATOM   38   C CZ3 . TRP A 1 7   ? -6.803  -10.724 9.574   1.00 40.90  ?  908  TRP A CZ3 1 
ATOM   39   C CH2 . TRP A 1 7   ? -7.480  -10.248 10.701  1.00 40.52  ?  908  TRP A CH2 1 
ATOM   40   N N   . LYS A 1 8   ? -7.128  -17.312 6.673   1.00 40.46  ?  909  LYS A N   1 
ATOM   41   C CA  . LYS A 1 8   ? -6.471  -18.156 5.679   1.00 38.58  ?  909  LYS A CA  1 
ATOM   42   C C   . LYS A 1 8   ? -6.656  -17.597 4.274   1.00 46.12  ?  909  LYS A C   1 
ATOM   43   O O   . LYS A 1 8   ? -5.732  -17.652 3.453   1.00 40.72  ?  909  LYS A O   1 
ATOM   44   C CB  . LYS A 1 8   ? -6.999  -19.586 5.769   1.00 46.77  ?  909  LYS A CB  1 
ATOM   45   C CG  . LYS A 1 8   ? -6.131  -20.504 6.614   1.00 59.25  ?  909  LYS A CG  1 
ATOM   46   C CD  . LYS A 1 8   ? -4.700  -20.539 6.092   1.00 67.94  ?  909  LYS A CD  1 
ATOM   47   C CE  . LYS A 1 8   ? -3.772  -21.263 7.056   1.00 66.39  ?  909  LYS A CE  1 
ATOM   48   N NZ  . LYS A 1 8   ? -2.352  -20.851 6.868   1.00 61.78  1  909  LYS A NZ  1 
ATOM   49   N N   . GLN A 1 9   ? -7.841  -17.056 3.978   1.00 41.29  ?  910  GLN A N   1 
ATOM   50   C CA  . GLN A 1 9   ? -8.045  -16.382 2.700   1.00 39.21  ?  910  GLN A CA  1 
ATOM   51   C C   . GLN A 1 9   ? -7.151  -15.154 2.582   1.00 40.54  ?  910  GLN A C   1 
ATOM   52   O O   . GLN A 1 9   ? -6.556  -14.907 1.526   1.00 42.02  ?  910  GLN A O   1 
ATOM   53   C CB  . GLN A 1 9   ? -9.513  -15.992 2.541   1.00 42.67  ?  910  GLN A CB  1 
ATOM   54   C CG  . GLN A 1 9   ? -9.810  -15.167 1.300   1.00 36.30  ?  910  GLN A CG  1 
ATOM   55   C CD  . GLN A 1 9   ? -9.687  -15.973 0.023   1.00 51.62  ?  910  GLN A CD  1 
ATOM   56   O OE1 . GLN A 1 9   ? -10.398 -16.957 -0.176  1.00 44.69  ?  910  GLN A OE1 1 
ATOM   57   N NE2 . GLN A 1 9   ? -8.778  -15.559 -0.853  1.00 55.88  ?  910  GLN A NE2 1 
ATOM   58   N N   . PHE A 1 10  ? -7.048  -14.375 3.662   1.00 36.43  ?  911  PHE A N   1 
ATOM   59   C CA  . PHE A 1 10  ? -6.169  -13.209 3.671   1.00 44.57  ?  911  PHE A CA  1 
ATOM   60   C C   . PHE A 1 10  ? -4.725  -13.608 3.393   1.00 42.41  ?  911  PHE A C   1 
ATOM   61   O O   . PHE A 1 10  ? -4.007  -12.905 2.671   1.00 39.86  ?  911  PHE A O   1 
ATOM   62   C CB  . PHE A 1 10  ? -6.291  -12.489 5.016   1.00 45.79  ?  911  PHE A CB  1 
ATOM   63   C CG  . PHE A 1 10  ? -5.250  -11.430 5.241   1.00 44.12  ?  911  PHE A CG  1 
ATOM   64   C CD1 . PHE A 1 10  ? -5.238  -10.276 4.475   1.00 56.11  ?  911  PHE A CD1 1 
ATOM   65   C CD2 . PHE A 1 10  ? -4.293  -11.582 6.231   1.00 40.72  ?  911  PHE A CD2 1 
ATOM   66   C CE1 . PHE A 1 10  ? -4.284  -9.298  4.687   1.00 43.59  ?  911  PHE A CE1 1 
ATOM   67   C CE2 . PHE A 1 10  ? -3.337  -10.608 6.447   1.00 40.20  ?  911  PHE A CE2 1 
ATOM   68   C CZ  . PHE A 1 10  ? -3.333  -9.465  5.674   1.00 51.26  ?  911  PHE A CZ  1 
ATOM   69   N N   . GLU A 1 11  ? -4.285  -14.740 3.949   1.00 38.04  ?  912  GLU A N   1 
ATOM   70   C CA  . GLU A 1 11  ? -2.956  -15.253 3.633   1.00 50.60  ?  912  GLU A CA  1 
ATOM   71   C C   . GLU A 1 11  ? -2.846  -15.632 2.162   1.00 44.51  ?  912  GLU A C   1 
ATOM   72   O O   . GLU A 1 11  ? -1.814  -15.387 1.525   1.00 41.58  ?  912  GLU A O   1 
ATOM   73   C CB  . GLU A 1 11  ? -2.632  -16.458 4.517   1.00 46.59  ?  912  GLU A CB  1 
ATOM   74   C CG  . GLU A 1 11  ? -1.250  -17.054 4.275   1.00 54.29  ?  912  GLU A CG  1 
ATOM   75   C CD  . GLU A 1 11  ? -1.066  -18.404 4.944   1.00 52.75  ?  912  GLU A CD  1 
ATOM   76   O OE1 . GLU A 1 11  ? -0.468  -19.304 4.316   1.00 60.91  ?  912  GLU A OE1 1 
ATOM   77   O OE2 . GLU A 1 11  ? -1.519  -18.567 6.095   1.00 47.97  -1 912  GLU A OE2 1 
ATOM   78   N N   . GLN A 1 12  ? -3.902  -16.227 1.604   1.00 41.12  ?  913  GLN A N   1 
ATOM   79   C CA  . GLN A 1 12  ? -3.849  -16.680 0.217   1.00 44.23  ?  913  GLN A CA  1 
ATOM   80   C C   . GLN A 1 12  ? -3.873  -15.516 -0.766  1.00 42.12  ?  913  GLN A C   1 
ATOM   81   O O   . GLN A 1 12  ? -3.384  -15.651 -1.892  1.00 46.31  ?  913  GLN A O   1 
ATOM   82   C CB  . GLN A 1 12  ? -5.004  -17.639 -0.066  1.00 44.89  ?  913  GLN A CB  1 
ATOM   83   C CG  . GLN A 1 12  ? -4.838  -19.002 0.581   1.00 51.58  ?  913  GLN A CG  1 
ATOM   84   C CD  . GLN A 1 12  ? -3.541  -19.679 0.182   1.00 71.65  ?  913  GLN A CD  1 
ATOM   85   O OE1 . GLN A 1 12  ? -2.683  -19.951 1.023   1.00 64.47  ?  913  GLN A OE1 1 
ATOM   86   N NE2 . GLN A 1 12  ? -3.392  -19.958 -1.108  1.00 72.63  ?  913  GLN A NE2 1 
ATOM   87   N N   . ASN A 1 13  ? -4.434  -14.372 -0.366  1.00 48.34  ?  914  ASN A N   1 
ATOM   88   C CA  . ASN A 1 13  ? -4.442  -13.197 -1.231  1.00 39.55  ?  914  ASN A CA  1 
ATOM   89   C C   . ASN A 1 13  ? -3.063  -12.571 -1.389  1.00 49.96  ?  914  ASN A C   1 
ATOM   90   O O   . ASN A 1 13  ? -2.903  -11.682 -2.232  1.00 46.71  ?  914  ASN A O   1 
ATOM   91   C CB  . ASN A 1 13  ? -5.409  -12.141 -0.688  1.00 43.64  ?  914  ASN A CB  1 
ATOM   92   C CG  . ASN A 1 13  ? -6.849  -12.610 -0.689  1.00 42.62  ?  914  ASN A CG  1 
ATOM   93   O OD1 . ASN A 1 13  ? -7.222  -13.511 -1.440  1.00 41.92  ?  914  ASN A OD1 1 
ATOM   94   N ND2 . ASN A 1 13  ? -7.671  -11.992 0.153   1.00 39.95  ?  914  ASN A ND2 1 
ATOM   95   N N   . SER A 1 14  ? -2.076  -13.009 -0.612  1.00 42.21  ?  915  SER A N   1 
ATOM   96   C CA  . SER A 1 14  ? -0.784  -12.341 -0.581  1.00 44.15  ?  915  SER A CA  1 
ATOM   97   C C   . SER A 1 14  ? -0.026  -12.523 -1.892  1.00 47.65  ?  915  SER A C   1 
ATOM   98   O O   . SER A 1 14  ? -0.114  -13.561 -2.553  1.00 50.45  ?  915  SER A O   1 
ATOM   99   C CB  . SER A 1 14  ? 0.058   -12.872 0.579   1.00 44.88  ?  915  SER A CB  1 
ATOM   100  O OG  . SER A 1 14  ? -0.593  -12.646 1.815   1.00 56.11  ?  915  SER A OG  1 
ATOM   101  N N   . LYS A 1 15  ? 0.725   -11.490 -2.259  0.81 46.13  ?  916  LYS A N   1 
ATOM   102  C CA  . LYS A 1 15  ? 1.623   -11.521 -3.402  0.81 43.69  ?  916  LYS A CA  1 
ATOM   103  C C   . LYS A 1 15  ? 3.049   -11.296 -2.921  0.81 46.49  ?  916  LYS A C   1 
ATOM   104  O O   . LYS A 1 15  ? 3.279   -10.661 -1.888  0.81 47.74  ?  916  LYS A O   1 
ATOM   105  C CB  . LYS A 1 15  ? 1.245   -10.461 -4.442  0.81 44.40  ?  916  LYS A CB  1 
ATOM   106  C CG  . LYS A 1 15  ? -0.062  -10.739 -5.161  0.81 55.70  ?  916  LYS A CG  1 
ATOM   107  C CD  . LYS A 1 15  ? -0.736  -9.448  -5.593  0.81 60.85  ?  916  LYS A CD  1 
ATOM   108  C CE  . LYS A 1 15  ? -1.906  -9.716  -6.525  0.81 73.03  ?  916  LYS A CE  1 
ATOM   109  N NZ  . LYS A 1 15  ? -1.981  -8.710  -7.621  0.81 76.66  1  916  LYS A NZ  1 
ATOM   110  N N   . TYR A 1 16  ? 4.006   -11.821 -3.678  1.00 52.17  ?  917  TYR A N   1 
ATOM   111  C CA  . TYR A 1 16  ? 5.410   -11.782 -3.294  1.00 60.67  ?  917  TYR A CA  1 
ATOM   112  C C   . TYR A 1 16  ? 6.229   -11.212 -4.443  1.00 62.35  ?  917  TYR A C   1 
ATOM   113  O O   . TYR A 1 16  ? 6.163   -11.715 -5.568  1.00 56.71  ?  917  TYR A O   1 
ATOM   114  C CB  . TYR A 1 16  ? 5.897   -13.178 -2.899  1.00 59.27  ?  917  TYR A CB  1 
ATOM   115  C CG  . TYR A 1 16  ? 5.048   -13.786 -1.805  1.00 52.74  ?  917  TYR A CG  1 
ATOM   116  C CD1 . TYR A 1 16  ? 5.268   -13.465 -0.472  1.00 54.34  ?  917  TYR A CD1 1 
ATOM   117  C CD2 . TYR A 1 16  ? 4.008   -14.656 -2.107  1.00 53.00  ?  917  TYR A CD2 1 
ATOM   118  C CE1 . TYR A 1 16  ? 4.488   -14.007 0.531   1.00 57.05  ?  917  TYR A CE1 1 
ATOM   119  C CE2 . TYR A 1 16  ? 3.222   -15.202 -1.110  1.00 53.92  ?  917  TYR A CE2 1 
ATOM   120  C CZ  . TYR A 1 16  ? 3.466   -14.874 0.206   1.00 49.44  ?  917  TYR A CZ  1 
ATOM   121  O OH  . TYR A 1 16  ? 2.688   -15.413 1.204   1.00 58.34  ?  917  TYR A OH  1 
ATOM   122  N N   . GLU A 1 17  ? 6.995   -10.160 -4.150  1.00 61.16  ?  918  GLU A N   1 
ATOM   123  C CA  . GLU A 1 17  ? 7.667   -9.383  -5.183  1.00 71.33  ?  918  GLU A CA  1 
ATOM   124  C C   . GLU A 1 17  ? 9.176   -9.598  -5.181  1.00 78.74  ?  918  GLU A C   1 
ATOM   125  O O   . GLU A 1 17  ? 9.655   -10.706 -5.445  1.00 81.03  ?  918  GLU A O   1 
ATOM   126  C CB  . GLU A 1 17  ? 7.357   -7.894  -5.004  1.00 60.32  ?  918  GLU A CB  1 
ATOM   127  C CG  . GLU A 1 17  ? 6.322   -7.346  -5.970  1.00 75.65  ?  918  GLU A CG  1 
ATOM   128  C CD  . GLU A 1 17  ? 6.574   -5.894  -6.325  1.00 92.35  ?  918  GLU A CD  1 
ATOM   129  O OE1 . GLU A 1 17  ? 7.514   -5.626  -7.103  1.00 101.58 ?  918  GLU A OE1 1 
ATOM   130  O OE2 . GLU A 1 17  ? 5.837   -5.019  -5.823  1.00 92.37  -1 918  GLU A OE2 1 
ATOM   131  N N   . GLN A 1 18  ? 9.928   -8.537  -4.885  1.00 78.48  ?  919  GLN A N   1 
ATOM   132  C CA  . GLN A 1 18  ? 11.382  -8.546  -5.007  1.00 75.40  ?  919  GLN A CA  1 
ATOM   133  C C   . GLN A 1 18  ? 12.036  -9.539  -4.055  1.00 78.75  ?  919  GLN A C   1 
ATOM   134  O O   . GLN A 1 18  ? 12.233  -9.239  -2.873  1.00 81.76  ?  919  GLN A O   1 
ATOM   135  C CB  . GLN A 1 18  ? 11.941  -7.143  -4.761  1.00 68.73  ?  919  GLN A CB  1 
ATOM   136  N N   . GLY A 1 19  ? 12.378  -10.718 -4.563  0.83 69.72  ?  920  GLY A N   1 
ATOM   137  C CA  . GLY A 1 19  ? 13.132  -11.686 -3.784  0.83 73.47  ?  920  GLY A CA  1 
ATOM   138  C C   . GLY A 1 19  ? 12.350  -12.394 -2.699  0.83 69.59  ?  920  GLY A C   1 
ATOM   139  O O   . GLY A 1 19  ? 12.877  -12.604 -1.599  0.83 63.68  ?  920  GLY A O   1 
ATOM   140  N N   . TYR A 1 20  ? 11.104  -12.769 -2.978  1.00 68.04  ?  921  TYR A N   1 
ATOM   141  C CA  . TYR A 1 20  ? 10.300  -13.511 -2.020  1.00 67.43  ?  921  TYR A CA  1 
ATOM   142  C C   . TYR A 1 20  ? 9.395   -14.478 -2.769  1.00 63.81  ?  921  TYR A C   1 
ATOM   143  O O   . TYR A 1 20  ? 9.045   -14.256 -3.932  1.00 62.86  ?  921  TYR A O   1 
ATOM   144  C CB  . TYR A 1 20  ? 9.455   -12.583 -1.138  1.00 55.04  ?  921  TYR A CB  1 
ATOM   145  C CG  . TYR A 1 20  ? 10.075  -12.251 0.204   1.00 48.49  ?  921  TYR A CG  1 
ATOM   146  C CD1 . TYR A 1 20  ? 10.741  -13.219 0.946   1.00 50.61  ?  921  TYR A CD1 1 
ATOM   147  C CD2 . TYR A 1 20  ? 9.979   -10.970 0.734   1.00 53.72  ?  921  TYR A CD2 1 
ATOM   148  C CE1 . TYR A 1 20  ? 11.303  -12.916 2.175   1.00 55.01  ?  921  TYR A CE1 1 
ATOM   149  C CE2 . TYR A 1 20  ? 10.536  -10.659 1.961   1.00 43.62  ?  921  TYR A CE2 1 
ATOM   150  C CZ  . TYR A 1 20  ? 11.197  -11.634 2.677   1.00 57.96  ?  921  TYR A CZ  1 
ATOM   151  O OH  . TYR A 1 20  ? 11.752  -11.325 3.898   1.00 53.72  ?  921  TYR A OH  1 
ATOM   152  N N   . GLN A 1 21  ? 9.029   -15.559 -2.087  1.00 62.17  ?  922  GLN A N   1 
ATOM   153  C CA  . GLN A 1 21  ? 8.058   -16.515 -2.596  1.00 52.49  ?  922  GLN A CA  1 
ATOM   154  C C   . GLN A 1 21  ? 7.322   -17.119 -1.409  1.00 55.29  ?  922  GLN A C   1 
ATOM   155  O O   . GLN A 1 21  ? 7.771   -17.023 -0.264  1.00 60.32  ?  922  GLN A O   1 
ATOM   156  C CB  . GLN A 1 21  ? 8.721   -17.609 -3.442  1.00 61.04  ?  922  GLN A CB  1 
ATOM   157  N N   . LYS A 1 22  ? 6.179   -17.744 -1.699  1.00 59.87  ?  923  LYS A N   1 
ATOM   158  C CA  . LYS A 1 22  ? 5.359   -18.326 -0.642  0.94 63.70  ?  923  LYS A CA  1 
ATOM   159  C C   . LYS A 1 22  ? 6.106   -19.388 0.155   0.24 66.87  ?  923  LYS A C   1 
ATOM   160  O O   . LYS A 1 22  ? 5.752   -19.640 1.311   0.84 66.71  ?  923  LYS A O   1 
ATOM   161  C CB  . LYS A 1 22  ? 4.082   -18.924 -1.237  1.00 60.60  ?  923  LYS A CB  1 
ATOM   162  N N   . SER A 1 23  ? 7.133   -20.004 -0.428  1.00 71.00  ?  924  SER A N   1 
ATOM   163  C CA  . SER A 1 23  ? 7.884   -21.062 0.232   1.00 75.65  ?  924  SER A CA  1 
ATOM   164  C C   . SER A 1 23  ? 9.151   -20.565 0.917   1.00 73.87  ?  924  SER A C   1 
ATOM   165  O O   . SER A 1 23  ? 9.866   -21.372 1.519   1.00 78.74  ?  924  SER A O   1 
ATOM   166  C CB  . SER A 1 23  ? 8.243   -22.158 -0.776  1.00 70.70  ?  924  SER A CB  1 
ATOM   167  O OG  . SER A 1 23  ? 9.474   -21.876 -1.418  1.00 74.56  ?  924  SER A OG  1 
ATOM   168  N N   . HIS A 1 24  ? 9.450   -19.271 0.839   1.00 69.41  ?  925  HIS A N   1 
ATOM   169  C CA  . HIS A 1 24  ? 10.636  -18.745 1.501   1.00 57.76  ?  925  HIS A CA  1 
ATOM   170  C C   . HIS A 1 24  ? 10.510  -18.942 3.006   1.00 68.57  ?  925  HIS A C   1 
ATOM   171  O O   . HIS A 1 24  ? 9.456   -18.628 3.582   1.00 65.63  ?  925  HIS A O   1 
ATOM   172  C CB  . HIS A 1 24  ? 10.831  -17.266 1.170   1.00 48.34  ?  925  HIS A CB  1 
ATOM   173  C CG  . HIS A 1 24  ? 12.131  -16.704 1.658   1.00 61.27  ?  925  HIS A CG  1 
ATOM   174  N ND1 . HIS A 1 24  ? 12.324  -16.296 2.960   1.00 64.49  ?  925  HIS A ND1 1 
ATOM   175  C CD2 . HIS A 1 24  ? 13.303  -16.483 1.018   1.00 61.10  ?  925  HIS A CD2 1 
ATOM   176  C CE1 . HIS A 1 24  ? 13.558  -15.847 3.101   1.00 61.35  ?  925  HIS A CE1 1 
ATOM   177  N NE2 . HIS A 1 24  ? 14.174  -15.949 1.936   1.00 64.06  ?  925  HIS A NE2 1 
ATOM   178  N N   . PRO A 1 25  ? 11.540  -19.458 3.681   1.00 70.05  ?  926  PRO A N   1 
ATOM   179  C CA  . PRO A 1 25  ? 11.397  -19.792 5.108   1.00 63.22  ?  926  PRO A CA  1 
ATOM   180  C C   . PRO A 1 25  ? 11.008  -18.612 5.985   1.00 65.68  ?  926  PRO A C   1 
ATOM   181  O O   . PRO A 1 25  ? 10.336  -18.810 7.005   1.00 63.47  ?  926  PRO A O   1 
ATOM   182  C CB  . PRO A 1 25  ? 12.783  -20.342 5.484   1.00 73.18  ?  926  PRO A CB  1 
ATOM   183  C CG  . PRO A 1 25  ? 13.697  -19.946 4.356   1.00 71.30  ?  926  PRO A CG  1 
ATOM   184  C CD  . PRO A 1 25  ? 12.844  -19.877 3.137   1.00 65.73  ?  926  PRO A CD  1 
ATOM   185  N N   . THR A 1 26  ? 11.407  -17.390 5.624   1.00 60.33  ?  927  THR A N   1 
ATOM   186  C CA  . THR A 1 26  ? 11.009  -16.226 6.411   1.00 66.61  ?  927  THR A CA  1 
ATOM   187  C C   . THR A 1 26  ? 9.519   -15.940 6.263   1.00 54.93  ?  927  THR A C   1 
ATOM   188  O O   . THR A 1 26  ? 8.870   -15.516 7.228   1.00 46.54  ?  927  THR A O   1 
ATOM   189  C CB  . THR A 1 26  ? 11.849  -15.010 6.007   1.00 58.18  ?  927  THR A CB  1 
ATOM   190  O OG1 . THR A 1 26  ? 13.166  -15.138 6.557   1.00 66.83  ?  927  THR A OG1 1 
ATOM   191  C CG2 . THR A 1 26  ? 11.230  -13.715 6.514   1.00 48.20  ?  927  THR A CG2 1 
ATOM   192  N N   . ILE A 1 27  ? 8.957   -16.185 5.078   1.00 53.59  ?  928  ILE A N   1 
ATOM   193  C CA  . ILE A 1 27  ? 7.518   -16.022 4.887   1.00 55.03  ?  928  ILE A CA  1 
ATOM   194  C C   . ILE A 1 27  ? 6.752   -16.977 5.795   1.00 61.19  ?  928  ILE A C   1 
ATOM   195  O O   . ILE A 1 27  ? 5.794   -16.586 6.473   1.00 54.38  ?  928  ILE A O   1 
ATOM   196  C CB  . ILE A 1 27  ? 7.143   -16.231 3.409   1.00 60.93  ?  928  ILE A CB  1 
ATOM   197  C CG1 . ILE A 1 27  ? 7.864   -15.212 2.524   1.00 51.55  ?  928  ILE A CG1 1 
ATOM   198  C CG2 . ILE A 1 27  ? 5.636   -16.140 3.223   1.00 54.17  ?  928  ILE A CG2 1 
ATOM   199  C CD1 . ILE A 1 27  ? 7.708   -13.779 2.985   1.00 51.29  ?  928  ILE A CD1 1 
ATOM   200  N N   . GLN A 1 28  ? 7.170   -18.246 5.824   1.00 57.00  ?  929  GLN A N   1 
ATOM   201  C CA  . GLN A 1 28  ? 6.517   -19.222 6.690   1.00 56.23  ?  929  GLN A CA  1 
ATOM   202  C C   . GLN A 1 28  ? 6.660   -18.837 8.157   1.00 54.02  ?  929  GLN A C   1 
ATOM   203  O O   . GLN A 1 28  ? 5.741   -19.055 8.956   1.00 62.48  ?  929  GLN A O   1 
ATOM   204  C CB  . GLN A 1 28  ? 7.093   -20.615 6.433   1.00 57.52  ?  929  GLN A CB  1 
ATOM   205  C CG  . GLN A 1 28  ? 6.906   -21.106 5.004   1.00 71.49  ?  929  GLN A CG  1 
ATOM   206  C CD  . GLN A 1 28  ? 7.720   -22.351 4.700   1.00 84.09  ?  929  GLN A CD  1 
ATOM   207  O OE1 . GLN A 1 28  ? 8.406   -22.887 5.570   1.00 90.59  ?  929  GLN A OE1 1 
ATOM   208  N NE2 . GLN A 1 28  ? 7.649   -22.815 3.457   1.00 87.04  ?  929  GLN A NE2 1 
ATOM   209  N N   . LEU A 1 29  ? 7.805   -18.260 8.530   1.00 49.93  ?  930  LEU A N   1 
ATOM   210  C CA  . LEU A 1 29  ? 7.960   -17.735 9.882   1.00 53.96  ?  930  LEU A CA  1 
ATOM   211  C C   . LEU A 1 29  ? 6.981   -16.596 10.144  1.00 54.91  ?  930  LEU A C   1 
ATOM   212  O O   . LEU A 1 29  ? 6.422   -16.488 11.241  1.00 47.23  ?  930  LEU A O   1 
ATOM   213  C CB  . LEU A 1 29  ? 9.395   -17.257 10.108  1.00 55.66  ?  930  LEU A CB  1 
ATOM   214  C CG  . LEU A 1 29  ? 10.509  -18.290 10.295  1.00 59.40  ?  930  LEU A CG  1 
ATOM   215  C CD1 . LEU A 1 29  ? 11.775  -17.601 10.780  1.00 59.68  ?  930  LEU A CD1 1 
ATOM   216  C CD2 . LEU A 1 29  ? 10.089  -19.375 11.267  1.00 42.16  ?  930  LEU A CD2 1 
ATOM   217  N N   . PHE A 1 30  ? 6.766   -15.734 9.146   1.00 45.79  ?  931  PHE A N   1 
ATOM   218  C CA  . PHE A 1 30  ? 5.861   -14.603 9.323   1.00 51.45  ?  931  PHE A CA  1 
ATOM   219  C C   . PHE A 1 30  ? 4.436   -15.075 9.578   1.00 43.11  ?  931  PHE A C   1 
ATOM   220  O O   . PHE A 1 30  ? 3.775   -14.617 10.518  1.00 47.97  ?  931  PHE A O   1 
ATOM   221  C CB  . PHE A 1 30  ? 5.903   -13.689 8.094   1.00 46.80  ?  931  PHE A CB  1 
ATOM   222  C CG  . PHE A 1 30  ? 4.749   -12.723 8.021   1.00 39.75  ?  931  PHE A CG  1 
ATOM   223  C CD1 . PHE A 1 30  ? 4.797   -11.515 8.698   1.00 39.62  ?  931  PHE A CD1 1 
ATOM   224  C CD2 . PHE A 1 30  ? 3.613   -13.026 7.285   1.00 35.62  ?  931  PHE A CD2 1 
ATOM   225  C CE1 . PHE A 1 30  ? 3.737   -10.627 8.641   1.00 44.00  ?  931  PHE A CE1 1 
ATOM   226  C CE2 . PHE A 1 30  ? 2.548   -12.146 7.230   1.00 41.68  ?  931  PHE A CE2 1 
ATOM   227  C CZ  . PHE A 1 30  ? 2.611   -10.944 7.906   1.00 40.10  ?  931  PHE A CZ  1 
ATOM   228  N N   . TRP A 1 31  ? 3.942   -15.989 8.742   1.00 39.78  ?  932  TRP A N   1 
ATOM   229  C CA  . TRP A 1 31  ? 2.551   -16.412 8.852   1.00 44.72  ?  932  TRP A CA  1 
ATOM   230  C C   . TRP A 1 31  ? 2.315   -17.220 10.120  1.00 52.06  ?  932  TRP A C   1 
ATOM   231  O O   . TRP A 1 31  ? 1.254   -17.102 10.747  1.00 44.30  ?  932  TRP A O   1 
ATOM   232  C CB  . TRP A 1 31  ? 2.148   -17.206 7.612   1.00 36.87  ?  932  TRP A CB  1 
ATOM   233  C CG  . TRP A 1 31  ? 1.942   -16.328 6.420   1.00 50.44  ?  932  TRP A CG  1 
ATOM   234  C CD1 . TRP A 1 31  ? 2.630   -16.365 5.241   1.00 48.74  ?  932  TRP A CD1 1 
ATOM   235  C CD2 . TRP A 1 31  ? 0.995   -15.260 6.298   1.00 46.72  ?  932  TRP A CD2 1 
ATOM   236  N NE1 . TRP A 1 31  ? 2.160   -15.394 4.389   1.00 48.67  ?  932  TRP A NE1 1 
ATOM   237  C CE2 . TRP A 1 31  ? 1.157   -14.702 5.015   1.00 47.05  ?  932  TRP A CE2 1 
ATOM   238  C CE3 . TRP A 1 31  ? 0.018   -14.727 7.146   1.00 41.13  ?  932  TRP A CE3 1 
ATOM   239  C CZ2 . TRP A 1 31  ? 0.382   -13.636 4.561   1.00 44.21  ?  932  TRP A CZ2 1 
ATOM   240  C CZ3 . TRP A 1 31  ? -0.750  -13.670 6.694   1.00 40.68  ?  932  TRP A CZ3 1 
ATOM   241  C CH2 . TRP A 1 31  ? -0.564  -13.136 5.413   1.00 46.00  ?  932  TRP A CH2 1 
ATOM   242  N N   . LYS A 1 32  ? 3.288   -18.044 10.514  1.00 50.54  ?  933  LYS A N   1 
ATOM   243  C CA  . LYS A 1 32  ? 3.186   -18.742 11.790  1.00 39.65  ?  933  LYS A CA  1 
ATOM   244  C C   . LYS A 1 32  ? 3.059   -17.747 12.937  1.00 56.03  ?  933  LYS A C   1 
ATOM   245  O O   . LYS A 1 32  ? 2.228   -17.917 13.836  1.00 54.68  ?  933  LYS A O   1 
ATOM   246  C CB  . LYS A 1 32  ? 4.400   -19.649 11.989  1.00 55.18  ?  933  LYS A CB  1 
ATOM   247  N N   . ALA A 1 33  ? 3.867   -16.685 12.906  1.00 47.67  ?  934  ALA A N   1 
ATOM   248  C CA  . ALA A 1 33  ? 3.767   -15.654 13.930  1.00 51.05  ?  934  ALA A CA  1 
ATOM   249  C C   . ALA A 1 33  ? 2.489   -14.838 13.785  1.00 50.67  ?  934  ALA A C   1 
ATOM   250  O O   . ALA A 1 33  ? 1.926   -14.389 14.789  1.00 50.15  ?  934  ALA A O   1 
ATOM   251  C CB  . ALA A 1 33  ? 4.991   -14.740 13.876  1.00 43.36  ?  934  ALA A CB  1 
ATOM   252  N N   . PHE A 1 34  ? 2.014   -14.634 12.553  1.00 46.17  ?  935  PHE A N   1 
ATOM   253  C CA  . PHE A 1 34  ? 0.809   -13.833 12.363  1.00 45.70  ?  935  PHE A CA  1 
ATOM   254  C C   . PHE A 1 34  ? -0.427  -14.562 12.869  1.00 41.47  ?  935  PHE A C   1 
ATOM   255  O O   . PHE A 1 34  ? -1.297  -13.954 13.503  1.00 47.44  ?  935  PHE A O   1 
ATOM   256  C CB  . PHE A 1 34  ? 0.636   -13.460 10.890  1.00 37.11  ?  935  PHE A CB  1 
ATOM   257  C CG  . PHE A 1 34  ? -0.605  -12.656 10.618  1.00 39.75  ?  935  PHE A CG  1 
ATOM   258  C CD1 . PHE A 1 34  ? -0.614  -11.285 10.812  1.00 48.15  ?  935  PHE A CD1 1 
ATOM   259  C CD2 . PHE A 1 34  ? -1.768  -13.273 10.180  1.00 42.89  ?  935  PHE A CD2 1 
ATOM   260  C CE1 . PHE A 1 34  ? -1.755  -10.542 10.569  1.00 47.02  ?  935  PHE A CE1 1 
ATOM   261  C CE2 . PHE A 1 34  ? -2.912  -12.536 9.936   1.00 44.43  ?  935  PHE A CE2 1 
ATOM   262  C CZ  . PHE A 1 34  ? -2.906  -11.169 10.130  1.00 43.02  ?  935  PHE A CZ  1 
ATOM   263  N N   . HIS A 1 35  ? -0.527  -15.861 12.599  1.00 47.84  ?  936  HIS A N   1 
ATOM   264  C CA  . HIS A 1 35  ? -1.660  -16.658 13.047  1.00 54.28  ?  936  HIS A CA  1 
ATOM   265  C C   . HIS A 1 35  ? -1.615  -16.960 14.541  1.00 57.44  ?  936  HIS A C   1 
ATOM   266  O O   . HIS A 1 35  ? -2.485  -17.683 15.039  1.00 72.35  ?  936  HIS A O   1 
ATOM   267  C CB  . HIS A 1 35  ? -1.732  -17.963 12.248  1.00 47.28  ?  936  HIS A CB  1 
ATOM   268  C CG  . HIS A 1 35  ? -2.096  -17.769 10.807  1.00 49.06  ?  936  HIS A CG  1 
ATOM   269  N ND1 . HIS A 1 35  ? -3.281  -17.186 10.412  1.00 46.69  ?  936  HIS A ND1 1 
ATOM   270  C CD2 . HIS A 1 35  ? -1.435  -18.085 9.668   1.00 51.38  ?  936  HIS A CD2 1 
ATOM   271  C CE1 . HIS A 1 35  ? -3.332  -17.147 9.093   1.00 44.36  ?  936  HIS A CE1 1 
ATOM   272  N NE2 . HIS A 1 35  ? -2.224  -17.687 8.617   1.00 44.62  ?  936  HIS A NE2 1 
ATOM   273  N N   . LYS A 1 36  ? -0.630  -16.423 15.260  0.89 52.10  ?  937  LYS A N   1 
ATOM   274  C CA  . LYS A 1 36  ? -0.535  -16.592 16.703  0.89 54.05  ?  937  LYS A CA  1 
ATOM   275  C C   . LYS A 1 36  ? -1.030  -15.383 17.481  0.89 51.36  ?  937  LYS A C   1 
ATOM   276  O O   . LYS A 1 36  ? -1.383  -15.525 18.656  0.89 56.08  ?  937  LYS A O   1 
ATOM   277  C CB  . LYS A 1 36  ? 0.914   -16.886 17.110  0.89 52.99  ?  937  LYS A CB  1 
ATOM   278  C CG  . LYS A 1 36  ? 1.069   -18.061 18.060  0.89 68.96  ?  937  LYS A CG  1 
ATOM   279  C CD  . LYS A 1 36  ? 2.260   -18.920 17.675  0.89 59.97  ?  937  LYS A CD  1 
ATOM   280  C CE  . LYS A 1 36  ? 3.567   -18.253 18.066  0.89 58.52  ?  937  LYS A CE  1 
ATOM   281  N NZ  . LYS A 1 36  ? 4.741   -19.126 17.783  0.89 76.60  1  937  LYS A NZ  1 
ATOM   282  N N   . LEU A 1 37  ? -1.059  -14.207 16.859  1.00 49.05  ?  938  LEU A N   1 
ATOM   283  C CA  . LEU A 1 37  ? -1.542  -13.012 17.532  1.00 52.02  ?  938  LEU A CA  1 
ATOM   284  C C   . LEU A 1 37  ? -3.024  -13.150 17.867  1.00 56.82  ?  938  LEU A C   1 
ATOM   285  O O   . LEU A 1 37  ? -3.750  -13.965 17.290  1.00 58.46  ?  938  LEU A O   1 
ATOM   286  C CB  . LEU A 1 37  ? -1.327  -11.779 16.653  1.00 49.83  ?  938  LEU A CB  1 
ATOM   287  C CG  . LEU A 1 37  ? 0.065   -11.557 16.061  1.00 57.16  ?  938  LEU A CG  1 
ATOM   288  C CD1 . LEU A 1 37  ? 0.017   -10.510 14.957  1.00 43.69  ?  938  LEU A CD1 1 
ATOM   289  C CD2 . LEU A 1 37  ? 1.042   -11.144 17.148  1.00 50.82  ?  938  LEU A CD2 1 
ATOM   290  N N   . THR A 1 38  ? -3.474  -12.338 18.820  1.00 61.41  ?  939  THR A N   1 
ATOM   291  C CA  . THR A 1 38  ? -4.903  -12.222 19.052  1.00 60.15  ?  939  THR A CA  1 
ATOM   292  C C   . THR A 1 38  ? -5.551  -11.461 17.901  1.00 60.79  ?  939  THR A C   1 
ATOM   293  O O   . THR A 1 38  ? -4.881  -10.790 17.111  1.00 55.23  ?  939  THR A O   1 
ATOM   294  C CB  . THR A 1 38  ? -5.188  -11.512 20.377  1.00 57.87  ?  939  THR A CB  1 
ATOM   295  O OG1 . THR A 1 38  ? -4.776  -10.141 20.289  1.00 51.72  ?  939  THR A OG1 1 
ATOM   296  C CG2 . THR A 1 38  ? -4.445  -12.192 21.507  1.00 62.26  ?  939  THR A CG2 1 
ATOM   297  N N   . LEU A 1 39  ? -6.879  -11.581 17.805  1.00 55.31  ?  940  LEU A N   1 
ATOM   298  C CA  . LEU A 1 39  ? -7.597  -10.857 16.763  1.00 47.36  ?  940  LEU A CA  1 
ATOM   299  C C   . LEU A 1 39  ? -7.351  -9.359  16.874  1.00 52.57  ?  940  LEU A C   1 
ATOM   300  O O   . LEU A 1 39  ? -7.177  -8.674  15.860  1.00 53.35  ?  940  LEU A O   1 
ATOM   301  C CB  . LEU A 1 39  ? -9.094  -11.153 16.834  1.00 57.29  ?  940  LEU A CB  1 
ATOM   302  C CG  . LEU A 1 39  ? -9.903  -10.416 15.761  1.00 62.38  ?  940  LEU A CG  1 
ATOM   303  C CD1 . LEU A 1 39  ? -10.008 -11.257 14.499  1.00 50.06  ?  940  LEU A CD1 1 
ATOM   304  C CD2 . LEU A 1 39  ? -11.279 -10.023 16.264  1.00 51.87  ?  940  LEU A CD2 1 
ATOM   305  N N   . ASP A 1 40  ? -7.322  -8.835  18.100  1.00 50.73  ?  941  ASP A N   1 
ATOM   306  C CA  . ASP A 1 40  ? -7.063  -7.411  18.282  1.00 60.47  ?  941  ASP A CA  1 
ATOM   307  C C   . ASP A 1 40  ? -5.646  -7.045  17.863  1.00 51.09  ?  941  ASP A C   1 
ATOM   308  O O   . ASP A 1 40  ? -5.416  -5.939  17.362  1.00 50.16  ?  941  ASP A O   1 
ATOM   309  C CB  . ASP A 1 40  ? -7.313  -7.012  19.736  1.00 58.44  ?  941  ASP A CB  1 
ATOM   310  C CG  . ASP A 1 40  ? -8.584  -7.619  20.291  1.00 63.64  ?  941  ASP A CG  1 
ATOM   311  O OD1 . ASP A 1 40  ? -8.609  -8.852  20.495  1.00 61.28  ?  941  ASP A OD1 1 
ATOM   312  O OD2 . ASP A 1 40  ? -9.562  -6.873  20.507  1.00 55.69  -1 941  ASP A OD2 1 
ATOM   313  N N   . GLU A 1 41  ? -4.689  -7.959  18.042  1.00 45.89  ?  942  GLU A N   1 
ATOM   314  C CA  . GLU A 1 41  ? -3.332  -7.695  17.579  1.00 60.60  ?  942  GLU A CA  1 
ATOM   315  C C   . GLU A 1 41  ? -3.237  -7.816  16.065  1.00 48.46  ?  942  GLU A C   1 
ATOM   316  O O   . GLU A 1 41  ? -2.543  -7.024  15.415  1.00 55.46  ?  942  GLU A O   1 
ATOM   317  C CB  . GLU A 1 41  ? -2.351  -8.646  18.256  1.00 55.56  ?  942  GLU A CB  1 
ATOM   318  C CG  . GLU A 1 41  ? -2.081  -8.309  19.706  1.00 57.98  ?  942  GLU A CG  1 
ATOM   319  C CD  . GLU A 1 41  ? -1.117  -9.278  20.352  1.00 61.69  ?  942  GLU A CD  1 
ATOM   320  O OE1 . GLU A 1 41  ? -1.366  -10.499 20.281  1.00 57.04  ?  942  GLU A OE1 1 
ATOM   321  O OE2 . GLU A 1 41  ? -0.107  -8.819  20.923  1.00 68.97  -1 942  GLU A OE2 1 
ATOM   322  N N   . LYS A 1 42  ? -3.916  -8.811  15.487  1.00 53.46  ?  943  LYS A N   1 
ATOM   323  C CA  . LYS A 1 42  ? -4.018  -8.895  14.035  1.00 53.61  ?  943  LYS A CA  1 
ATOM   324  C C   . LYS A 1 42  ? -4.602  -7.611  13.462  1.00 52.22  ?  943  LYS A C   1 
ATOM   325  O O   . LYS A 1 42  ? -4.094  -7.065  12.477  1.00 49.91  ?  943  LYS A O   1 
ATOM   326  C CB  . LYS A 1 42  ? -4.880  -10.095 13.636  1.00 49.73  ?  943  LYS A CB  1 
ATOM   327  C CG  . LYS A 1 42  ? -4.219  -11.454 13.805  1.00 47.09  ?  943  LYS A CG  1 
ATOM   328  C CD  . LYS A 1 42  ? -5.085  -12.541 13.181  1.00 43.69  ?  943  LYS A CD  1 
ATOM   329  C CE  . LYS A 1 42  ? -4.462  -13.919 13.316  1.00 43.79  ?  943  LYS A CE  1 
ATOM   330  N NZ  . LYS A 1 42  ? -4.620  -14.471 14.689  1.00 49.24  1  943  LYS A NZ  1 
ATOM   331  N N   . LYS A 1 43  ? -5.672  -7.108  14.083  1.00 53.45  ?  944  LYS A N   1 
ATOM   332  C CA  . LYS A 1 43  ? -6.288  -5.870  13.619  1.00 54.76  ?  944  LYS A CA  1 
ATOM   333  C C   . LYS A 1 43  ? -5.363  -4.680  13.836  1.00 53.81  ?  944  LYS A C   1 
ATOM   334  O O   . LYS A 1 43  ? -5.242  -3.813  12.961  1.00 50.70  ?  944  LYS A O   1 
ATOM   335  C CB  . LYS A 1 43  ? -7.621  -5.651  14.331  1.00 50.46  ?  944  LYS A CB  1 
ATOM   336  C CG  . LYS A 1 43  ? -8.702  -6.632  13.920  1.00 46.46  ?  944  LYS A CG  1 
ATOM   337  C CD  . LYS A 1 43  ? -10.078 -6.147  14.334  1.00 61.99  ?  944  LYS A CD  1 
ATOM   338  C CE  . LYS A 1 43  ? -11.139 -7.165  13.962  1.00 57.60  ?  944  LYS A CE  1 
ATOM   339  N NZ  . LYS A 1 43  ? -12.470 -6.831  14.534  1.00 59.92  1  944  LYS A NZ  1 
ATOM   340  N N   . LYS A 1 44  ? -4.706  -4.619  14.997  1.00 57.68  ?  945  LYS A N   1 
ATOM   341  C CA  . LYS A 1 44  ? -3.737  -3.556  15.242  1.00 56.65  ?  945  LYS A CA  1 
ATOM   342  C C   . LYS A 1 44  ? -2.593  -3.620  14.239  1.00 55.18  ?  945  LYS A C   1 
ATOM   343  O O   . LYS A 1 44  ? -2.149  -2.585  13.727  1.00 63.30  ?  945  LYS A O   1 
ATOM   344  C CB  . LYS A 1 44  ? -3.206  -3.650  16.673  1.00 63.17  ?  945  LYS A CB  1 
ATOM   345  N N   . PHE A 1 45  ? -2.107  -4.827  13.944  1.00 54.23  ?  946  PHE A N   1 
ATOM   346  C CA  . PHE A 1 45  ? -1.083  -4.978  12.915  1.00 62.65  ?  946  PHE A CA  1 
ATOM   347  C C   . PHE A 1 45  ? -1.610  -4.551  11.553  1.00 59.27  ?  946  PHE A C   1 
ATOM   348  O O   . PHE A 1 45  ? -0.901  -3.888  10.785  1.00 60.61  ?  946  PHE A O   1 
ATOM   349  C CB  . PHE A 1 45  ? -0.590  -6.424  12.861  1.00 60.89  ?  946  PHE A CB  1 
ATOM   350  C CG  . PHE A 1 45  ? 0.421   -6.677  11.775  1.00 69.58  ?  946  PHE A CG  1 
ATOM   351  C CD1 . PHE A 1 45  ? 1.761   -6.402  11.986  1.00 70.29  ?  946  PHE A CD1 1 
ATOM   352  C CD2 . PHE A 1 45  ? 0.031   -7.187  10.546  1.00 62.14  ?  946  PHE A CD2 1 
ATOM   353  C CE1 . PHE A 1 45  ? 2.695   -6.630  10.993  1.00 72.60  ?  946  PHE A CE1 1 
ATOM   354  C CE2 . PHE A 1 45  ? 0.962   -7.416  9.548   1.00 62.47  ?  946  PHE A CE2 1 
ATOM   355  C CZ  . PHE A 1 45  ? 2.295   -7.138  9.773   1.00 67.61  ?  946  PHE A CZ  1 
ATOM   356  N N   . LEU A 1 46  ? -2.847  -4.933  11.229  1.00 53.73  ?  947  LEU A N   1 
ATOM   357  C CA  . LEU A 1 46  ? -3.443  -4.518  9.965   1.00 53.57  ?  947  LEU A CA  1 
ATOM   358  C C   . LEU A 1 46  ? -3.510  -3.000  9.870   1.00 56.27  ?  947  LEU A C   1 
ATOM   359  O O   . LEU A 1 46  ? -3.103  -2.413  8.862   1.00 62.18  ?  947  LEU A O   1 
ATOM   360  C CB  . LEU A 1 46  ? -4.836  -5.133  9.817   1.00 61.28  ?  947  LEU A CB  1 
ATOM   361  N N   . PHE A 1 47  ? -3.999  -2.349  10.930  0.85 54.72  ?  948  PHE A N   1 
ATOM   362  C CA  . PHE A 1 47  ? -4.085  -0.890  10.961  0.85 61.52  ?  948  PHE A CA  1 
ATOM   363  C C   . PHE A 1 47  ? -2.750  -0.237  10.620  0.85 60.61  ?  948  PHE A C   1 
ATOM   364  O O   . PHE A 1 47  ? -2.710  0.820   9.982   0.85 61.06  ?  948  PHE A O   1 
ATOM   365  C CB  . PHE A 1 47  ? -4.560  -0.431  12.341  0.85 66.83  ?  948  PHE A CB  1 
ATOM   366  C CG  . PHE A 1 47  ? -5.057  0.990   12.379  0.85 70.07  ?  948  PHE A CG  1 
ATOM   367  C CD1 . PHE A 1 47  ? -6.402  1.268   12.219  0.85 69.32  ?  948  PHE A CD1 1 
ATOM   368  C CD2 . PHE A 1 47  ? -4.179  2.043   12.586  0.85 69.07  ?  948  PHE A CD2 1 
ATOM   369  C CE1 . PHE A 1 47  ? -6.868  2.570   12.259  0.85 76.65  ?  948  PHE A CE1 1 
ATOM   370  C CE2 . PHE A 1 47  ? -4.638  3.349   12.627  0.85 72.41  ?  948  PHE A CE2 1 
ATOM   371  C CZ  . PHE A 1 47  ? -5.985  3.611   12.462  0.85 73.56  ?  948  PHE A CZ  1 
ATOM   372  N N   . PHE A 1 48  ? -1.644  -0.852  11.037  1.00 66.95  ?  949  PHE A N   1 
ATOM   373  C CA  . PHE A 1 48  ? -0.334  -0.269  10.768  1.00 57.23  ?  949  PHE A CA  1 
ATOM   374  C C   . PHE A 1 48  ? 0.044   -0.416  9.297   1.00 69.64  ?  949  PHE A C   1 
ATOM   375  O O   . PHE A 1 48  ? 0.604   0.509   8.698   1.00 64.96  ?  949  PHE A O   1 
ATOM   376  C CB  . PHE A 1 48  ? 0.705   -0.915  11.688  1.00 67.29  ?  949  PHE A CB  1 
ATOM   377  C CG  . PHE A 1 48  ? 2.094   -0.953  11.121  1.00 78.31  ?  949  PHE A CG  1 
ATOM   378  C CD1 . PHE A 1 48  ? 2.961   0.109   11.311  1.00 76.89  ?  949  PHE A CD1 1 
ATOM   379  C CD2 . PHE A 1 48  ? 2.548   -2.069  10.436  1.00 67.43  ?  949  PHE A CD2 1 
ATOM   380  C CE1 . PHE A 1 48  ? 4.243   0.074   10.799  1.00 72.17  ?  949  PHE A CE1 1 
ATOM   381  C CE2 . PHE A 1 48  ? 3.826   -2.110  9.921   1.00 68.63  ?  949  PHE A CE2 1 
ATOM   382  C CZ  . PHE A 1 48  ? 4.676   -1.038  10.104  1.00 77.56  ?  949  PHE A CZ  1 
ATOM   383  N N   . LEU A 1 49  ? -0.275  -1.564  8.693   1.00 65.83  ?  950  LEU A N   1 
ATOM   384  C CA  . LEU A 1 49  ? 0.105   -1.817  7.307   1.00 63.75  ?  950  LEU A CA  1 
ATOM   385  C C   . LEU A 1 49  ? -0.704  -0.986  6.316   1.00 70.44  ?  950  LEU A C   1 
ATOM   386  O O   . LEU A 1 49  ? -0.213  -0.717  5.214   0.85 77.20  ?  950  LEU A O   1 
ATOM   387  C CB  . LEU A 1 49  ? -0.052  -3.305  6.986   1.00 67.66  ?  950  LEU A CB  1 
ATOM   388  N N   . THR A 1 50  ? -1.923  -0.575  6.672   1.00 59.24  ?  951  THR A N   1 
ATOM   389  C CA  . THR A 1 50  ? -2.764  0.234   5.794   1.00 69.87  ?  951  THR A CA  1 
ATOM   390  C C   . THR A 1 50  ? -3.152  1.565   6.407   1.00 76.51  ?  951  THR A C   1 
ATOM   391  O O   . THR A 1 50  ? -2.987  2.611   5.763   1.00 85.62  ?  951  THR A O   1 
ATOM   392  C CB  . THR A 1 50  ? -4.045  -0.534  5.403   1.00 80.64  ?  951  THR A CB  1 
ATOM   393  O OG1 . THR A 1 50  ? -4.980  0.376   4.813   1.00 94.44  ?  951  THR A OG1 1 
ATOM   394  C CG2 . THR A 1 50  ? -4.700  -1.180  6.609   1.00 70.57  ?  951  THR A CG2 1 
ATOM   395  N N   . GLY A 1 51  ? -3.663  1.562   7.637   1.00 76.46  ?  952  GLY A N   1 
ATOM   396  C CA  . GLY A 1 51  ? -4.374  2.694   8.185   1.00 76.47  ?  952  GLY A CA  1 
ATOM   397  C C   . GLY A 1 51  ? -5.878  2.586   8.069   1.00 65.90  ?  952  GLY A C   1 
ATOM   398  O O   . GLY A 1 51  ? -6.581  3.540   8.423   1.00 66.08  ?  952  GLY A O   1 
ATOM   399  N N   . ARG A 1 52  ? -6.387  1.453   7.593   0.80 70.87  ?  953  ARG A N   1 
ATOM   400  C CA  . ARG A 1 52  ? -7.815  1.271   7.385   0.80 68.98  ?  953  ARG A CA  1 
ATOM   401  C C   . ARG A 1 52  ? -8.530  1.028   8.707   0.80 65.47  ?  953  ARG A C   1 
ATOM   402  O O   . ARG A 1 52  ? -8.026  0.318   9.582   0.80 60.76  ?  953  ARG A O   1 
ATOM   403  C CB  . ARG A 1 52  ? -8.064  0.097   6.437   0.80 74.20  ?  953  ARG A CB  1 
ATOM   404  N N   . ASP A 1 53  ? -9.713  1.625   8.845   1.00 78.92  ?  954  ASP A N   1 
ATOM   405  C CA  . ASP A 1 53  ? -10.565 1.374   9.998   1.00 77.06  ?  954  ASP A CA  1 
ATOM   406  C C   . ASP A 1 53  ? -11.568 0.254   9.755   1.00 72.75  ?  954  ASP A C   1 
ATOM   407  O O   . ASP A 1 53  ? -12.096 -0.308  10.721  1.00 67.61  ?  954  ASP A O   1 
ATOM   408  C CB  . ASP A 1 53  ? -11.308 2.654   10.398  1.00 63.93  ?  954  ASP A CB  1 
ATOM   409  N N   . ARG A 1 54  ? -11.827 -0.088  8.492   1.00 68.93  ?  955  ARG A N   1 
ATOM   410  C CA  . ARG A 1 54  ? -12.782 -1.130  8.113   1.00 69.90  ?  955  ARG A CA  1 
ATOM   411  C C   . ARG A 1 54  ? -12.093 -2.487  8.180   1.00 59.86  ?  955  ARG A C   1 
ATOM   412  O O   . ARG A 1 54  ? -11.615 -3.020  7.178   1.00 58.07  ?  955  ARG A O   1 
ATOM   413  C CB  . ARG A 1 54  ? -13.329 -0.871  6.717   1.00 67.46  ?  955  ARG A CB  1 
ATOM   414  C CG  . ARG A 1 54  ? -14.547 0.017   6.675   1.00 68.87  ?  955  ARG A CG  1 
ATOM   415  C CD  . ARG A 1 54  ? -14.413 1.041   5.580   1.00 66.67  ?  955  ARG A CD  1 
ATOM   416  N NE  . ARG A 1 54  ? -14.676 2.386   6.071   1.00 77.16  ?  955  ARG A NE  1 
ATOM   417  C CZ  . ARG A 1 54  ? -15.651 3.158   5.613   1.00 67.34  ?  955  ARG A CZ  1 
ATOM   418  N NH1 . ARG A 1 54  ? -16.452 2.713   4.655   1.00 78.11  1  955  ARG A NH1 1 
ATOM   419  N NH2 . ARG A 1 54  ? -15.825 4.373   6.111   1.00 71.44  ?  955  ARG A NH2 1 
ATOM   420  N N   . LEU A 1 55  ? -12.045 -3.054  9.382   0.81 60.00  ?  956  LEU A N   1 
ATOM   421  C CA  . LEU A 1 55  ? -11.471 -4.373  9.610   0.81 62.67  ?  956  LEU A CA  1 
ATOM   422  C C   . LEU A 1 55  ? -12.515 -5.348  10.148  0.81 55.42  ?  956  LEU A C   1 
ATOM   423  O O   . LEU A 1 55  ? -12.224 -6.174  11.014  0.81 48.13  ?  956  LEU A O   1 
ATOM   424  C CB  . LEU A 1 55  ? -10.264 -4.280  10.544  0.81 54.66  ?  956  LEU A CB  1 
ATOM   425  C CG  . LEU A 1 55  ? -9.353  -3.090  10.225  0.81 55.72  ?  956  LEU A CG  1 
ATOM   426  C CD1 . LEU A 1 55  ? -8.301  -2.824  11.303  0.81 48.04  ?  956  LEU A CD1 1 
ATOM   427  C CD2 . LEU A 1 55  ? -8.700  -3.314  8.866   0.81 60.71  ?  956  LEU A CD2 1 
ATOM   428  N N   . HIS A 1 56  ? -13.748 -5.236  9.660   1.00 62.83  ?  957  HIS A N   1 
ATOM   429  C CA  . HIS A 1 56  ? -14.746 -6.275  9.858   1.00 62.39  ?  957  HIS A CA  1 
ATOM   430  C C   . HIS A 1 56  ? -14.343 -7.536  9.089   1.00 55.09  ?  957  HIS A C   1 
ATOM   431  O O   . HIS A 1 56  ? -13.355 -7.557  8.348   1.00 60.13  ?  957  HIS A O   1 
ATOM   432  C CB  . HIS A 1 56  ? -16.120 -5.781  9.407   1.00 63.30  ?  957  HIS A CB  1 
ATOM   433  C CG  . HIS A 1 56  ? -16.114 -5.142  8.052   1.00 64.77  ?  957  HIS A CG  1 
ATOM   434  N ND1 . HIS A 1 56  ? -15.486 -3.942  7.794   1.00 65.13  ?  957  HIS A ND1 1 
ATOM   435  C CD2 . HIS A 1 56  ? -16.659 -5.540  6.878   1.00 54.17  ?  957  HIS A CD2 1 
ATOM   436  C CE1 . HIS A 1 56  ? -15.645 -3.627  6.521   1.00 63.31  ?  957  HIS A CE1 1 
ATOM   437  N NE2 . HIS A 1 56  ? -16.355 -4.580  5.943   1.00 60.63  ?  957  HIS A NE2 1 
ATOM   438  N N   . ALA A 1 57  ? -15.131 -8.601  9.266   1.00 50.37  ?  958  ALA A N   1 
ATOM   439  C CA  . ALA A 1 57  ? -14.777 -9.887  8.669   1.00 57.59  ?  958  ALA A CA  1 
ATOM   440  C C   . ALA A 1 57  ? -14.712 -9.799  7.148   1.00 59.08  ?  958  ALA A C   1 
ATOM   441  O O   . ALA A 1 57  ? -13.824 -10.392 6.522   1.00 53.46  ?  958  ALA A O   1 
ATOM   442  C CB  . ALA A 1 57  ? -15.772 -10.961 9.107   1.00 46.08  ?  958  ALA A CB  1 
ATOM   443  N N   . ARG A 1 58  ? -15.632 -9.051  6.535   1.00 47.71  ?  959  ARG A N   1 
ATOM   444  C CA  . ARG A 1 58  ? -15.642 -8.945  5.081   1.00 49.91  ?  959  ARG A CA  1 
ATOM   445  C C   . ARG A 1 58  ? -14.485 -8.100  4.567   1.00 50.18  ?  959  ARG A C   1 
ATOM   446  O O   . ARG A 1 58  ? -14.035 -8.298  3.433   1.00 51.09  ?  959  ARG A O   1 
ATOM   447  C CB  . ARG A 1 58  ? -16.973 -8.361  4.604   1.00 48.45  ?  959  ARG A CB  1 
ATOM   448  N N   . GLY A 1 59  ? -13.990 -7.163  5.377   1.00 55.42  ?  960  GLY A N   1 
ATOM   449  C CA  . GLY A 1 59  ? -12.907 -6.306  4.920   1.00 51.26  ?  960  GLY A CA  1 
ATOM   450  C C   . GLY A 1 59  ? -11.596 -7.052  4.769   1.00 51.16  ?  960  GLY A C   1 
ATOM   451  O O   . GLY A 1 59  ? -10.957 -7.003  3.714   1.00 47.92  ?  960  GLY A O   1 
ATOM   452  N N   . ILE A 1 60  ? -11.175 -7.757  5.823   0.77 50.39  ?  961  ILE A N   1 
ATOM   453  C CA  . ILE A 1 60  ? -9.918  -8.492  5.775   0.77 51.26  ?  961  ILE A CA  1 
ATOM   454  C C   . ILE A 1 60  ? -9.980  -9.657  4.797   0.77 48.80  ?  961  ILE A C   1 
ATOM   455  O O   . ILE A 1 60  ? -8.939  -10.103 4.302   0.77 45.35  ?  961  ILE A O   1 
ATOM   456  C CB  . ILE A 1 60  ? -9.526  -8.983  7.183   0.77 43.87  ?  961  ILE A CB  1 
ATOM   457  C CG1 . ILE A 1 60  ? -10.416 -10.148 7.623   0.77 54.44  ?  961  ILE A CG1 1 
ATOM   458  C CG2 . ILE A 1 60  ? -9.614  -7.844  8.190   0.77 46.45  ?  961  ILE A CG2 1 
ATOM   459  C CD1 . ILE A 1 60  ? -9.723  -11.499 7.606   0.77 54.27  ?  961  ILE A CD1 1 
ATOM   460  N N   . GLN A 1 61  ? -11.181 -10.163 4.502   1.00 57.84  ?  962  GLN A N   1 
ATOM   461  C CA  . GLN A 1 61  ? -11.309 -11.294 3.589   1.00 54.56  ?  962  GLN A CA  1 
ATOM   462  C C   . GLN A 1 61  ? -10.920 -10.912 2.167   1.00 43.50  ?  962  GLN A C   1 
ATOM   463  O O   . GLN A 1 61  ? -10.454 -11.765 1.402   1.00 52.42  ?  962  GLN A O   1 
ATOM   464  C CB  . GLN A 1 61  ? -12.738 -11.833 3.627   1.00 52.19  ?  962  GLN A CB  1 
ATOM   465  C CG  . GLN A 1 61  ? -12.896 -13.244 3.089   1.00 53.14  ?  962  GLN A CG  1 
ATOM   466  C CD  . GLN A 1 61  ? -14.326 -13.744 3.183   1.00 48.44  ?  962  GLN A CD  1 
ATOM   467  O OE1 . GLN A 1 61  ? -15.276 -12.968 3.076   1.00 55.24  ?  962  GLN A OE1 1 
ATOM   468  N NE2 . GLN A 1 61  ? -14.484 -15.046 3.387   1.00 41.75  ?  962  GLN A NE2 1 
ATOM   469  N N   . LYS A 1 62  ? -11.095 -9.646  1.799   1.00 50.74  ?  963  LYS A N   1 
ATOM   470  C CA  . LYS A 1 62  ? -10.715 -9.153  0.485   1.00 54.86  ?  963  LYS A CA  1 
ATOM   471  C C   . LYS A 1 62  ? -9.398  -8.387  0.501   1.00 54.07  ?  963  LYS A C   1 
ATOM   472  O O   . LYS A 1 62  ? -8.929  -7.965  -0.560  1.00 56.95  ?  963  LYS A O   1 
ATOM   473  C CB  . LYS A 1 62  ? -11.825 -8.262  -0.082  1.00 54.45  ?  963  LYS A CB  1 
ATOM   474  N N   . MET A 1 63  ? -8.793  -8.204  1.671   1.00 53.98  ?  964  MET A N   1 
ATOM   475  C CA  . MET A 1 63  ? -7.563  -7.432  1.768   1.00 44.81  ?  964  MET A CA  1 
ATOM   476  C C   . MET A 1 63  ? -6.393  -8.193  1.153   1.00 52.93  ?  964  MET A C   1 
ATOM   477  O O   . MET A 1 63  ? -6.320  -9.424  1.210   1.00 51.59  ?  964  MET A O   1 
ATOM   478  C CB  . MET A 1 63  ? -7.264  -7.092  3.227   1.00 56.42  ?  964  MET A CB  1 
ATOM   479  C CG  . MET A 1 63  ? -6.405  -5.854  3.410   1.00 64.54  ?  964  MET A CG  1 
ATOM   480  S SD  . MET A 1 63  ? -6.404  -5.246  5.108   1.00 82.61  ?  964  MET A SD  1 
ATOM   481  C CE  . MET A 1 63  ? -8.127  -4.793  5.307   1.00 61.14  ?  964  MET A CE  1 
ATOM   482  N N   . GLU A 1 64  ? -5.468  -7.441  0.563   1.00 54.18  ?  965  GLU A N   1 
ATOM   483  C CA  . GLU A 1 64  ? -4.320  -8.000  -0.135  1.00 48.68  ?  965  GLU A CA  1 
ATOM   484  C C   . GLU A 1 64  ? -3.049  -7.311  0.338   1.00 50.62  ?  965  GLU A C   1 
ATOM   485  O O   . GLU A 1 64  ? -3.010  -6.084  0.470   1.00 57.46  ?  965  GLU A O   1 
ATOM   486  C CB  . GLU A 1 64  ? -4.476  -7.845  -1.653  1.00 61.33  ?  965  GLU A CB  1 
ATOM   487  C CG  . GLU A 1 64  ? -3.260  -8.265  -2.459  1.00 58.35  ?  965  GLU A CG  1 
ATOM   488  C CD  . GLU A 1 64  ? -3.446  -8.024  -3.943  1.00 72.79  ?  965  GLU A CD  1 
ATOM   489  O OE1 . GLU A 1 64  ? -2.746  -7.151  -4.497  1.00 73.98  ?  965  GLU A OE1 1 
ATOM   490  O OE2 . GLU A 1 64  ? -4.294  -8.708  -4.555  1.00 86.31  -1 965  GLU A OE2 1 
ATOM   491  N N   . ILE A 1 65  ? -2.012  -8.106  0.595   1.00 51.68  ?  966  ILE A N   1 
ATOM   492  C CA  . ILE A 1 65  ? -0.732  -7.612  1.085   1.00 51.02  ?  966  ILE A CA  1 
ATOM   493  C C   . ILE A 1 65  ? 0.367   -8.086  0.146   1.00 55.33  ?  966  ILE A C   1 
ATOM   494  O O   . ILE A 1 65  ? 0.376   -9.247  -0.279  1.00 49.10  ?  966  ILE A O   1 
ATOM   495  C CB  . ILE A 1 65  ? -0.460  -8.081  2.530   1.00 57.47  ?  966  ILE A CB  1 
ATOM   496  C CG1 . ILE A 1 65  ? -1.439  -7.412  3.498   1.00 61.54  ?  966  ILE A CG1 1 
ATOM   497  C CG2 . ILE A 1 65  ? 0.978   -7.788  2.936   1.00 54.67  ?  966  ILE A CG2 1 
ATOM   498  C CD1 . ILE A 1 65  ? -1.206  -5.930  3.673   1.00 63.26  ?  966  ILE A CD1 1 
ATOM   499  N N   . VAL A 1 66  ? 1.292   -7.185  -0.179  1.00 49.54  ?  967  VAL A N   1 
ATOM   500  C CA  . VAL A 1 66  ? 2.419   -7.478  -1.058  1.00 44.41  ?  967  VAL A CA  1 
ATOM   501  C C   . VAL A 1 66  ? 3.686   -7.515  -0.217  1.00 56.33  ?  967  VAL A C   1 
ATOM   502  O O   . VAL A 1 66  ? 3.978   -6.566  0.521   1.00 49.78  ?  967  VAL A O   1 
ATOM   503  C CB  . VAL A 1 66  ? 2.534   -6.442  -2.189  1.00 51.35  ?  967  VAL A CB  1 
ATOM   504  C CG1 . VAL A 1 66  ? 3.631   -6.838  -3.166  1.00 45.24  ?  967  VAL A CG1 1 
ATOM   505  C CG2 . VAL A 1 66  ? 1.201   -6.292  -2.908  1.00 44.75  ?  967  VAL A CG2 1 
ATOM   506  N N   . PHE A 1 67  ? 4.436   -8.607  -0.329  1.00 46.56  ?  968  PHE A N   1 
ATOM   507  C CA  . PHE A 1 67  ? 5.677   -8.790  0.412   1.00 53.47  ?  968  PHE A CA  1 
ATOM   508  C C   . PHE A 1 67  ? 6.864   -8.481  -0.489  1.00 54.49  ?  968  PHE A C   1 
ATOM   509  O O   . PHE A 1 67  ? 6.900   -8.914  -1.645  1.00 55.21  ?  968  PHE A O   1 
ATOM   510  C CB  . PHE A 1 67  ? 5.795   -10.220 0.945   1.00 50.84  ?  968  PHE A CB  1 
ATOM   511  C CG  . PHE A 1 67  ? 4.824   -10.545 2.041   1.00 50.18  ?  968  PHE A CG  1 
ATOM   512  C CD1 . PHE A 1 67  ? 5.212   -10.481 3.368   1.00 44.82  ?  968  PHE A CD1 1 
ATOM   513  C CD2 . PHE A 1 67  ? 3.527   -10.932 1.744   1.00 58.17  ?  968  PHE A CD2 1 
ATOM   514  C CE1 . PHE A 1 67  ? 4.323   -10.788 4.379   1.00 49.06  ?  968  PHE A CE1 1 
ATOM   515  C CE2 . PHE A 1 67  ? 2.633   -11.238 2.750   1.00 49.85  ?  968  PHE A CE2 1 
ATOM   516  C CZ  . PHE A 1 67  ? 3.032   -11.166 4.069   1.00 44.64  ?  968  PHE A CZ  1 
ATOM   517  N N   . ARG A 1 68  ? 7.833   -7.739  0.044   1.00 54.80  ?  969  ARG A N   1 
ATOM   518  C CA  . ARG A 1 68  ? 9.089   -7.515  -0.654  1.00 61.54  ?  969  ARG A CA  1 
ATOM   519  C C   . ARG A 1 68  ? 10.198  -7.351  0.376   1.00 61.30  ?  969  ARG A C   1 
ATOM   520  O O   . ARG A 1 68  ? 9.959   -6.913  1.504   1.00 57.89  ?  969  ARG A O   1 
ATOM   521  C CB  . ARG A 1 68  ? 9.020   -6.302  -1.593  1.00 56.48  ?  969  ARG A CB  1 
ATOM   522  C CG  . ARG A 1 68  ? 9.516   -4.985  -1.013  1.00 62.98  ?  969  ARG A CG  1 
ATOM   523  C CD  . ARG A 1 68  ? 9.664   -3.953  -2.125  1.00 67.73  ?  969  ARG A CD  1 
ATOM   524  N NE  . ARG A 1 68  ? 9.557   -2.578  -1.647  1.00 70.81  ?  969  ARG A NE  1 
ATOM   525  C CZ  . ARG A 1 68  ? 9.124   -1.565  -2.391  1.00 78.15  ?  969  ARG A CZ  1 
ATOM   526  N NH1 . ARG A 1 68  ? 8.756   -1.774  -3.648  1.00 74.82  1  969  ARG A NH1 1 
ATOM   527  N NH2 . ARG A 1 68  ? 9.057   -0.343  -1.880  1.00 68.93  ?  969  ARG A NH2 1 
ATOM   528  N N   . SER A 1 69  ? 11.410  -7.727  -0.023  1.00 64.20  ?  970  SER A N   1 
ATOM   529  C CA  . SER A 1 69  ? 12.561  -7.726  0.871   1.00 69.04  ?  970  SER A CA  1 
ATOM   530  C C   . SER A 1 69  ? 13.271  -6.375  0.831   1.00 61.44  ?  970  SER A C   1 
ATOM   531  O O   . SER A 1 69  ? 13.398  -5.773  -0.240  1.00 71.47  ?  970  SER A O   1 
ATOM   532  C CB  . SER A 1 69  ? 13.542  -8.828  0.486   1.00 67.84  ?  970  SER A CB  1 
ATOM   533  O OG  . SER A 1 69  ? 14.685  -8.809  1.321   1.00 79.26  ?  970  SER A OG  1 
ATOM   534  N N   . PRO A 1 70  ? 13.737  -5.876  1.986   1.00 72.63  ?  971  PRO A N   1 
ATOM   535  C CA  . PRO A 1 70  ? 14.503  -4.628  2.046   1.00 73.91  ?  971  PRO A CA  1 
ATOM   536  C C   . PRO A 1 70  ? 15.984  -4.841  1.743   1.00 72.96  ?  971  PRO A C   1 
ATOM   537  O O   . PRO A 1 70  ? 16.387  -4.687  0.590   1.00 69.53  ?  971  PRO A O   1 
ATOM   538  C CB  . PRO A 1 70  ? 14.303  -4.172  3.491   1.00 69.51  ?  971  PRO A CB  1 
ATOM   539  C CG  . PRO A 1 70  ? 14.155  -5.443  4.251   1.00 62.06  ?  971  PRO A CG  1 
ATOM   540  C CD  . PRO A 1 70  ? 13.476  -6.427  3.327   1.00 65.76  ?  971  PRO A CD  1 
ATOM   541  N N   . PRO A 1 79  ? 18.204  -1.256  7.180   0.79 76.33  ?  980  PRO A N   1 
ATOM   542  C CA  . PRO A 1 79  ? 16.807  -1.469  7.571   0.79 81.81  ?  980  PRO A CA  1 
ATOM   543  C C   . PRO A 1 79  ? 16.555  -2.868  8.124   0.79 87.97  ?  980  PRO A C   1 
ATOM   544  O O   . PRO A 1 79  ? 16.429  -3.823  7.356   0.79 87.58  ?  980  PRO A O   1 
ATOM   545  C CB  . PRO A 1 79  ? 16.040  -1.257  6.263   0.79 77.76  ?  980  PRO A CB  1 
ATOM   546  N N   . THR A 1 80  ? 16.491  -2.982  9.450   1.00 80.39  ?  981  THR A N   1 
ATOM   547  C CA  . THR A 1 80  ? 16.160  -4.233  10.117  1.00 79.34  ?  981  THR A CA  1 
ATOM   548  C C   . THR A 1 80  ? 14.782  -4.191  10.764  1.00 79.66  ?  981  THR A C   1 
ATOM   549  O O   . THR A 1 80  ? 14.449  -5.078  11.556  1.00 73.51  ?  981  THR A O   1 
ATOM   550  C CB  . THR A 1 80  ? 17.219  -4.574  11.167  1.00 78.92  ?  981  THR A CB  1 
ATOM   551  N N   . SER A 1 81  ? 13.977  -3.184  10.444  1.00 73.23  ?  982  SER A N   1 
ATOM   552  C CA  . SER A 1 81  ? 12.640  -3.021  10.992  1.00 78.93  ?  982  SER A CA  1 
ATOM   553  C C   . SER A 1 81  ? 11.592  -3.337  9.934   1.00 68.25  ?  982  SER A C   1 
ATOM   554  O O   . SER A 1 81  ? 11.843  -3.245  8.730   1.00 76.02  ?  982  SER A O   1 
ATOM   555  C CB  . SER A 1 81  ? 12.432  -1.595  11.512  1.00 84.07  ?  982  SER A CB  1 
ATOM   556  O OG  . SER A 1 81  ? 13.292  -1.314  12.602  1.00 102.45 ?  982  SER A OG  1 
ATOM   557  N N   . ILE A 1 82  ? 10.406  -3.716  10.402  1.00 66.11  ?  983  ILE A N   1 
ATOM   558  C CA  . ILE A 1 82  ? 9.270   -3.941  9.515   1.00 65.61  ?  983  ILE A CA  1 
ATOM   559  C C   . ILE A 1 82  ? 8.658   -2.590  9.165   1.00 69.23  ?  983  ILE A C   1 
ATOM   560  O O   . ILE A 1 82  ? 8.236   -1.842  10.050  1.00 71.25  ?  983  ILE A O   1 
ATOM   561  C CB  . ILE A 1 82  ? 8.230   -4.865  10.167  1.00 62.69  ?  983  ILE A CB  1 
ATOM   562  C CG1 . ILE A 1 82  ? 8.790   -6.280  10.317  1.00 58.58  ?  983  ILE A CG1 1 
ATOM   563  C CG2 . ILE A 1 82  ? 6.945   -4.884  9.353   1.00 52.67  ?  983  ILE A CG2 1 
ATOM   564  C CD1 . ILE A 1 82  ? 7.809   -7.259  10.922  1.00 54.41  ?  983  ILE A CD1 1 
ATOM   565  N N   . THR A 1 83  ? 8.618   -2.275  7.871   1.00 64.78  ?  984  THR A N   1 
ATOM   566  C CA  . THR A 1 83  ? 8.032   -1.033  7.391   1.00 66.02  ?  984  THR A CA  1 
ATOM   567  C C   . THR A 1 83  ? 7.072   -1.337  6.247   1.00 64.01  ?  984  THR A C   1 
ATOM   568  O O   . THR A 1 83  ? 7.113   -2.412  5.641   1.00 57.34  ?  984  THR A O   1 
ATOM   569  C CB  . THR A 1 83  ? 9.113   -0.031  6.942   1.00 66.25  ?  984  THR A CB  1 
ATOM   570  O OG1 . THR A 1 83  ? 8.616   1.308   7.074   1.00 88.95  ?  984  THR A OG1 1 
ATOM   571  C CG2 . THR A 1 83  ? 9.516   -0.272  5.499   1.00 61.35  ?  984  THR A CG2 1 
ATOM   572  N N   . CYS A 1 84  ? 6.194   -0.378  5.964   1.00 60.23  ?  985  CYS A N   1 
ATOM   573  C CA  . CYS A 1 84  ? 5.165   -0.549  4.951   1.00 64.86  ?  985  CYS A CA  1 
ATOM   574  C C   . CYS A 1 84  ? 5.015   0.739   4.157   1.00 71.59  ?  985  CYS A C   1 
ATOM   575  O O   . CYS A 1 84  ? 5.277   1.832   4.664   1.00 74.53  ?  985  CYS A O   1 
ATOM   576  C CB  . CYS A 1 84  ? 3.820   -0.944  5.579   1.00 68.05  ?  985  CYS A CB  1 
ATOM   577  S SG  . CYS A 1 84  ? 3.051   0.356   6.571   1.00 86.72  ?  985  CYS A SG  1 
ATOM   578  N N   . HIS A 1 85  ? 4.596   0.598   2.901   1.00 65.19  ?  986  HIS A N   1 
ATOM   579  C CA  . HIS A 1 85  ? 4.381   1.743   2.031   1.00 68.62  ?  986  HIS A CA  1 
ATOM   580  C C   . HIS A 1 85  ? 3.099   1.550   1.236   1.00 54.64  ?  986  HIS A C   1 
ATOM   581  O O   . HIS A 1 85  ? 2.730   0.427   0.883   1.00 51.57  ?  986  HIS A O   1 
ATOM   582  C CB  . HIS A 1 85  ? 5.548   1.959   1.052   1.00 69.85  ?  986  HIS A CB  1 
ATOM   583  C CG  . HIS A 1 85  ? 6.883   2.106   1.713   1.00 72.02  ?  986  HIS A CG  1 
ATOM   584  N ND1 . HIS A 1 85  ? 7.858   1.135   1.644   1.00 75.04  ?  986  HIS A ND1 1 
ATOM   585  C CD2 . HIS A 1 85  ? 7.410   3.117   2.444   1.00 81.61  ?  986  HIS A CD2 1 
ATOM   586  C CE1 . HIS A 1 85  ? 8.926   1.537   2.310   1.00 78.22  ?  986  HIS A CE1 1 
ATOM   587  N NE2 . HIS A 1 85  ? 8.680   2.736   2.805   1.00 84.63  ?  986  HIS A NE2 1 
ATOM   588  N N   . ASN A 1 86  ? 2.420   2.661   0.966   1.00 55.92  ?  987  ASN A N   1 
ATOM   589  C CA  . ASN A 1 86  ? 1.362   2.703   -0.036  1.00 50.03  ?  987  ASN A CA  1 
ATOM   590  C C   . ASN A 1 86  ? 1.978   3.161   -1.351  1.00 52.70  ?  987  ASN A C   1 
ATOM   591  O O   . ASN A 1 86  ? 2.524   4.268   -1.430  1.00 55.20  ?  987  ASN A O   1 
ATOM   592  C CB  . ASN A 1 86  ? 0.235   3.650   0.380   1.00 58.55  ?  987  ASN A CB  1 
ATOM   593  C CG  . ASN A 1 86  ? -0.424  3.246   1.681   1.00 65.14  ?  987  ASN A CG  1 
ATOM   594  O OD1 . ASN A 1 86  ? -1.188  2.282   1.732   1.00 64.95  ?  987  ASN A OD1 1 
ATOM   595  N ND2 . ASN A 1 86  ? -0.138  3.989   2.741   1.00 60.58  ?  987  ASN A ND2 1 
ATOM   596  N N   . ILE A 1 87  ? 1.910   2.313   -2.375  1.00 43.49  ?  988  ILE A N   1 
ATOM   597  C CA  . ILE A 1 87  ? 2.446   2.641   -3.689  1.00 51.62  ?  988  ILE A CA  1 
ATOM   598  C C   . ILE A 1 87  ? 1.297   2.736   -4.679  1.00 50.11  ?  988  ILE A C   1 
ATOM   599  O O   . ILE A 1 87  ? 0.351   1.938   -4.640  1.00 46.53  ?  988  ILE A O   1 
ATOM   600  C CB  . ILE A 1 87  ? 3.522   1.631   -4.160  1.00 49.29  ?  988  ILE A CB  1 
ATOM   601  C CG1 . ILE A 1 87  ? 2.921   0.286   -4.578  1.00 52.44  ?  988  ILE A CG1 1 
ATOM   602  C CG2 . ILE A 1 87  ? 4.582   1.436   -3.086  1.00 54.24  ?  988  ILE A CG2 1 
ATOM   603  C CD1 . ILE A 1 87  ? 2.820   0.103   -6.082  1.00 59.50  ?  988  ILE A CD1 1 
ATOM   604  N N   . LEU A 1 88  ? 1.371   3.735   -5.553  1.00 42.85  ?  989  LEU A N   1 
ATOM   605  C CA  . LEU A 1 88  ? 0.359   3.989   -6.565  1.00 40.22  ?  989  LEU A CA  1 
ATOM   606  C C   . LEU A 1 88  ? 0.873   3.475   -7.904  1.00 41.37  ?  989  LEU A C   1 
ATOM   607  O O   . LEU A 1 88  ? 1.871   3.985   -8.422  1.00 38.73  ?  989  LEU A O   1 
ATOM   608  C CB  . LEU A 1 88  ? 0.044   5.484   -6.643  1.00 38.49  ?  989  LEU A CB  1 
ATOM   609  C CG  . LEU A 1 88  ? -1.200  5.898   -7.424  1.00 45.45  ?  989  LEU A CG  1 
ATOM   610  C CD1 . LEU A 1 88  ? -2.398  5.152   -6.876  1.00 59.97  ?  989  LEU A CD1 1 
ATOM   611  C CD2 . LEU A 1 88  ? -1.412  7.397   -7.337  1.00 52.13  ?  989  LEU A CD2 1 
ATOM   612  N N   . SER A 1 89  ? 0.210   2.458   -8.450  1.00 40.29  ?  990  SER A N   1 
ATOM   613  C CA  . SER A 1 89  ? 0.556   1.937   -9.771  1.00 46.16  ?  990  SER A CA  1 
ATOM   614  C C   . SER A 1 89  ? -0.190  2.770   -10.807 1.00 45.33  ?  990  SER A C   1 
ATOM   615  O O   . SER A 1 89  ? -1.390  2.586   -11.024 1.00 43.44  ?  990  SER A O   1 
ATOM   616  C CB  . SER A 1 89  ? 0.214   0.457   -9.884  1.00 45.85  ?  990  SER A CB  1 
ATOM   617  O OG  . SER A 1 89  ? 0.626   -0.060  -11.138 1.00 48.02  ?  990  SER A OG  1 
ATOM   618  N N   . LEU A 1 90  ? 0.527   3.684   -11.455 1.00 39.26  ?  991  LEU A N   1 
ATOM   619  C CA  . LEU A 1 90  ? -0.084  4.670   -12.337 1.00 34.25  ?  991  LEU A CA  1 
ATOM   620  C C   . LEU A 1 90  ? 0.290   4.391   -13.786 1.00 38.94  ?  991  LEU A C   1 
ATOM   621  O O   . LEU A 1 90  ? 1.468   4.531   -14.153 1.00 31.64  ?  991  LEU A O   1 
ATOM   622  C CB  . LEU A 1 90  ? 0.357   6.077   -11.934 1.00 32.58  ?  991  LEU A CB  1 
ATOM   623  C CG  . LEU A 1 90  ? -0.113  7.259   -12.784 1.00 37.88  ?  991  LEU A CG  1 
ATOM   624  C CD1 . LEU A 1 90  ? -1.606  7.471   -12.640 1.00 33.39  ?  991  LEU A CD1 1 
ATOM   625  C CD2 . LEU A 1 90  ? 0.642   8.519   -12.397 1.00 37.24  ?  991  LEU A CD2 1 
ATOM   626  N N   . PRO A 1 91  ? -0.655  3.991   -14.637 1.00 35.26  ?  992  PRO A N   1 
ATOM   627  C CA  . PRO A 1 91  ? -0.341  3.828   -16.060 1.00 41.57  ?  992  PRO A CA  1 
ATOM   628  C C   . PRO A 1 91  ? 0.096   5.148   -16.677 1.00 37.88  ?  992  PRO A C   1 
ATOM   629  O O   . PRO A 1 91  ? -0.284  6.229   -16.224 1.00 32.44  ?  992  PRO A O   1 
ATOM   630  C CB  . PRO A 1 91  ? -1.660  3.334   -16.665 1.00 39.99  ?  992  PRO A CB  1 
ATOM   631  C CG  . PRO A 1 91  ? -2.414  2.751   -15.510 1.00 36.59  ?  992  PRO A CG  1 
ATOM   632  C CD  . PRO A 1 91  ? -2.036  3.588   -14.324 1.00 34.49  ?  992  PRO A CD  1 
ATOM   633  N N   . LYS A 1 92  ? 0.912   5.049   -17.727 1.00 36.60  ?  993  LYS A N   1 
ATOM   634  C CA  . LYS A 1 92  ? 1.507   6.228   -18.356 1.00 37.82  ?  993  LYS A CA  1 
ATOM   635  C C   . LYS A 1 92  ? 0.506   6.849   -19.331 1.00 40.46  ?  993  LYS A C   1 
ATOM   636  O O   . LYS A 1 92  ? 0.660   6.811   -20.554 1.00 40.39  ?  993  LYS A O   1 
ATOM   637  C CB  . LYS A 1 92  ? 2.816   5.858   -19.038 1.00 36.03  ?  993  LYS A CB  1 
ATOM   638  C CG  . LYS A 1 92  ? 3.948   5.599   -18.055 1.00 45.45  ?  993  LYS A CG  1 
ATOM   639  C CD  . LYS A 1 92  ? 5.255   5.286   -18.759 1.00 44.28  ?  993  LYS A CD  1 
ATOM   640  C CE  . LYS A 1 92  ? 6.422   5.359   -17.787 1.00 41.78  ?  993  LYS A CE  1 
ATOM   641  N NZ  . LYS A 1 92  ? 7.700   4.917   -18.411 1.00 51.52  1  993  LYS A NZ  1 
ATOM   642  N N   . TYR A 1 93  ? -0.540  7.437   -18.754 1.00 31.17  ?  994  TYR A N   1 
ATOM   643  C CA  . TYR A 1 93  ? -1.538  8.145   -19.544 1.00 35.98  ?  994  TYR A CA  1 
ATOM   644  C C   . TYR A 1 93  ? -0.897  9.316   -20.282 1.00 33.61  ?  994  TYR A C   1 
ATOM   645  O O   . TYR A 1 93  ? 0.085   9.907   -19.826 1.00 36.96  ?  994  TYR A O   1 
ATOM   646  C CB  . TYR A 1 93  ? -2.676  8.636   -18.648 1.00 36.60  ?  994  TYR A CB  1 
ATOM   647  C CG  . TYR A 1 93  ? -3.409  7.527   -17.921 1.00 36.74  ?  994  TYR A CG  1 
ATOM   648  C CD1 . TYR A 1 93  ? -4.023  6.498   -18.623 1.00 42.93  ?  994  TYR A CD1 1 
ATOM   649  C CD2 . TYR A 1 93  ? -3.483  7.509   -16.535 1.00 36.61  ?  994  TYR A CD2 1 
ATOM   650  C CE1 . TYR A 1 93  ? -4.695  5.483   -17.965 1.00 43.42  ?  994  TYR A CE1 1 
ATOM   651  C CE2 . TYR A 1 93  ? -4.149  6.496   -15.867 1.00 35.08  ?  994  TYR A CE2 1 
ATOM   652  C CZ  . TYR A 1 93  ? -4.755  5.487   -16.587 1.00 43.67  ?  994  TYR A CZ  1 
ATOM   653  O OH  . TYR A 1 93  ? -5.420  4.479   -15.927 1.00 48.19  ?  994  TYR A OH  1 
ATOM   654  N N   . SER A 1 94  ? -1.472  9.653   -21.438 1.00 41.05  ?  995  SER A N   1 
ATOM   655  C CA  . SER A 1 94  ? -0.865  10.612  -22.350 1.00 44.39  ?  995  SER A CA  1 
ATOM   656  C C   . SER A 1 94  ? -1.546  11.970  -22.374 1.00 40.85  ?  995  SER A C   1 
ATOM   657  O O   . SER A 1 94  ? -0.897  12.956  -22.737 1.00 46.49  ?  995  SER A O   1 
ATOM   658  C CB  . SER A 1 94  ? -0.856  10.048  -23.777 1.00 41.83  ?  995  SER A CB  1 
ATOM   659  O OG  . SER A 1 94  ? -2.163  9.691   -24.187 1.00 53.74  ?  995  SER A OG  1 
ATOM   660  N N   . THR A 1 95  ? -2.821  12.052  -22.008 1.00 39.76  ?  996  THR A N   1 
ATOM   661  C CA  . THR A 1 95  ? -3.575  13.291  -22.101 1.00 43.55  ?  996  THR A CA  1 
ATOM   662  C C   . THR A 1 95  ? -4.172  13.640  -20.746 1.00 42.78  ?  996  THR A C   1 
ATOM   663  O O   . THR A 1 95  ? -4.368  12.780  -19.884 1.00 44.95  ?  996  THR A O   1 
ATOM   664  C CB  . THR A 1 95  ? -4.687  13.190  -23.154 1.00 39.29  ?  996  THR A CB  1 
ATOM   665  O OG1 . THR A 1 95  ? -5.561  12.103  -22.826 1.00 40.86  ?  996  THR A OG1 1 
ATOM   666  C CG2 . THR A 1 95  ? -4.091  12.952  -24.532 1.00 42.76  ?  996  THR A CG2 1 
ATOM   667  N N   . MET A 1 96  ? -4.453  14.933  -20.567 1.00 45.95  ?  997  MET A N   1 
ATOM   668  C CA  . MET A 1 96  ? -5.139  15.379  -19.359 1.00 48.65  ?  997  MET A CA  1 
ATOM   669  C C   . MET A 1 96  ? -6.530  14.768  -19.264 1.00 44.56  ?  997  MET A C   1 
ATOM   670  O O   . MET A 1 96  ? -6.964  14.355  -18.183 1.00 44.53  ?  997  MET A O   1 
ATOM   671  C CB  . MET A 1 96  ? -5.223  16.905  -19.338 1.00 48.58  ?  997  MET A CB  1 
ATOM   672  C CG  . MET A 1 96  ? -5.900  17.473  -18.105 1.00 55.20  ?  997  MET A CG  1 
ATOM   673  S SD  . MET A 1 96  ? -4.919  17.223  -16.615 1.00 55.56  ?  997  MET A SD  1 
ATOM   674  C CE  . MET A 1 96  ? -3.459  18.180  -17.012 1.00 48.19  ?  997  MET A CE  1 
ATOM   675  N N   . GLU A 1 97  ? -7.240  14.698  -20.393 0.72 40.94  ?  998  GLU A N   1 
ATOM   676  C CA  . GLU A 1 97  ? -8.585  14.132  -20.399 0.72 41.63  ?  998  GLU A CA  1 
ATOM   677  C C   . GLU A 1 97  ? -8.575  12.680  -19.941 0.72 43.92  ?  998  GLU A C   1 
ATOM   678  O O   . GLU A 1 97  ? -9.491  12.236  -19.237 0.72 35.50  ?  998  GLU A O   1 
ATOM   679  C CB  . GLU A 1 97  ? -9.194  14.250  -21.798 0.72 53.56  ?  998  GLU A CB  1 
ATOM   680  C CG  . GLU A 1 97  ? -9.053  15.631  -22.431 0.72 57.38  ?  998  GLU A CG  1 
ATOM   681  C CD  . GLU A 1 97  ? -7.735  15.814  -23.162 0.72 59.17  ?  998  GLU A CD  1 
ATOM   682  O OE1 . GLU A 1 97  ? -6.687  15.902  -22.488 0.72 55.40  ?  998  GLU A OE1 1 
ATOM   683  O OE2 . GLU A 1 97  ? -7.746  15.872  -24.410 0.72 72.61  -1 998  GLU A OE2 1 
ATOM   684  N N   . ARG A 1 98  ? -7.544  11.924  -20.324 1.00 43.47  ?  999  ARG A N   1 
ATOM   685  C CA  . ARG A 1 98  ? -7.444  10.536  -19.889 1.00 46.81  ?  999  ARG A CA  1 
ATOM   686  C C   . ARG A 1 98  ? -7.114  10.445  -18.403 1.00 38.48  ?  999  ARG A C   1 
ATOM   687  O O   . ARG A 1 98  ? -7.638  9.577   -17.697 1.00 41.49  ?  999  ARG A O   1 
ATOM   688  C CB  . ARG A 1 98  ? -6.391  9.803   -20.720 1.00 45.83  ?  999  ARG A CB  1 
ATOM   689  C CG  . ARG A 1 98  ? -6.293  8.318   -20.428 1.00 44.78  ?  999  ARG A CG  1 
ATOM   690  C CD  . ARG A 1 98  ? -7.494  7.554   -20.961 1.00 63.52  ?  999  ARG A CD  1 
ATOM   691  N NE  . ARG A 1 98  ? -7.567  6.205   -20.404 1.00 56.22  ?  999  ARG A NE  1 
ATOM   692  C CZ  . ARG A 1 98  ? -8.215  5.895   -19.287 1.00 60.37  ?  999  ARG A CZ  1 
ATOM   693  N NH1 . ARG A 1 98  ? -8.850  6.838   -18.604 1.00 59.29  1  999  ARG A NH1 1 
ATOM   694  N NH2 . ARG A 1 98  ? -8.230  4.642   -18.848 1.00 55.40  ?  999  ARG A NH2 1 
ATOM   695  N N   . MET A 1 99  ? -6.249  11.337  -17.912 1.00 38.42  ?  1000 MET A N   1 
ATOM   696  C CA  . MET A 1 99  ? -5.862  11.304  -16.505 1.00 37.22  ?  1000 MET A CA  1 
ATOM   697  C C   . MET A 1 99  ? -7.041  11.641  -15.600 1.00 39.69  ?  1000 MET A C   1 
ATOM   698  O O   . MET A 1 99  ? -7.271  10.970  -14.587 1.00 39.59  ?  1000 MET A O   1 
ATOM   699  C CB  . MET A 1 99  ? -4.700  12.269  -16.260 1.00 38.27  ?  1000 MET A CB  1 
ATOM   700  C CG  . MET A 1 99  ? -4.171  12.268  -14.831 1.00 39.42  ?  1000 MET A CG  1 
ATOM   701  S SD  . MET A 1 99  ? -3.145  10.834  -14.444 1.00 41.39  ?  1000 MET A SD  1 
ATOM   702  C CE  . MET A 1 99  ? -4.339  9.759   -13.660 1.00 41.50  ?  1000 MET A CE  1 
ATOM   703  N N   . GLU A 1 100 ? -7.797  12.686  -15.947 1.00 37.54  ?  1001 GLU A N   1 
ATOM   704  C CA  . GLU A 1 100 ? -8.966  13.057  -15.152 1.00 45.10  ?  1001 GLU A CA  1 
ATOM   705  C C   . GLU A 1 100 ? -9.979  11.921  -15.099 1.00 45.51  ?  1001 GLU A C   1 
ATOM   706  O O   . GLU A 1 100 ? -10.569 11.649  -14.045 1.00 43.74  ?  1001 GLU A O   1 
ATOM   707  C CB  . GLU A 1 100 ? -9.618  14.314  -15.730 1.00 44.22  ?  1001 GLU A CB  1 
ATOM   708  C CG  . GLU A 1 100 ? -8.900  15.610  -15.405 1.00 45.14  ?  1001 GLU A CG  1 
ATOM   709  C CD  . GLU A 1 100 ? -9.532  16.806  -16.093 1.00 52.92  ?  1001 GLU A CD  1 
ATOM   710  O OE1 . GLU A 1 100 ? -10.050 16.640  -17.217 1.00 62.59  ?  1001 GLU A OE1 1 
ATOM   711  O OE2 . GLU A 1 100 ? -9.514  17.910  -15.509 1.00 77.58  -1 1001 GLU A OE2 1 
ATOM   712  N N   . GLU A 1 101 ? -10.198 11.251  -16.231 1.00 47.15  ?  1002 GLU A N   1 
ATOM   713  C CA  . GLU A 1 101 ? -11.147 10.145  -16.277 1.00 52.27  ?  1002 GLU A CA  1 
ATOM   714  C C   . GLU A 1 101 ? -10.694 8.991   -15.393 1.00 46.10  ?  1002 GLU A C   1 
ATOM   715  O O   . GLU A 1 101 ? -11.514 8.353   -14.721 1.00 47.88  ?  1002 GLU A O   1 
ATOM   716  C CB  . GLU A 1 101 ? -11.325 9.687   -17.724 1.00 51.03  ?  1002 GLU A CB  1 
ATOM   717  C CG  . GLU A 1 101 ? -12.293 8.542   -17.925 1.00 69.97  ?  1002 GLU A CG  1 
ATOM   718  C CD  . GLU A 1 101 ? -12.519 8.243   -19.394 1.00 90.45  ?  1002 GLU A CD  1 
ATOM   719  O OE1 . GLU A 1 101 ? -12.081 7.169   -19.858 1.00 95.71  ?  1002 GLU A OE1 1 
ATOM   720  O OE2 . GLU A 1 101 ? -13.130 9.084   -20.087 1.00 100.29 -1 1002 GLU A OE2 1 
ATOM   721  N N   . ALA A 1 102 ? -9.388  8.712   -15.373 1.00 44.61  ?  1003 ALA A N   1 
ATOM   722  C CA  . ALA A 1 102 ? -8.872  7.638   -14.532 1.00 47.43  ?  1003 ALA A CA  1 
ATOM   723  C C   . ALA A 1 102 ? -9.017  7.964   -13.051 1.00 47.07  ?  1003 ALA A C   1 
ATOM   724  O O   . ALA A 1 102 ? -9.234  7.057   -12.238 1.00 46.40  ?  1003 ALA A O   1 
ATOM   725  C CB  . ALA A 1 102 ? -7.411  7.356   -14.873 1.00 50.73  ?  1003 ALA A CB  1 
ATOM   726  N N   . LEU A 1 103 ? -8.892  9.241   -12.680 1.00 46.98  ?  1004 LEU A N   1 
ATOM   727  C CA  . LEU A 1 103 ? -9.109  9.627   -11.290 1.00 45.31  ?  1004 LEU A CA  1 
ATOM   728  C C   . LEU A 1 103 ? -10.565 9.431   -10.891 1.00 49.60  ?  1004 LEU A C   1 
ATOM   729  O O   . LEU A 1 103 ? -10.856 8.945   -9.792  1.00 52.97  ?  1004 LEU A O   1 
ATOM   730  C CB  . LEU A 1 103 ? -8.690  11.081  -11.074 1.00 42.44  ?  1004 LEU A CB  1 
ATOM   731  C CG  . LEU A 1 103 ? -7.197  11.413  -11.104 1.00 45.90  ?  1004 LEU A CG  1 
ATOM   732  C CD1 . LEU A 1 103 ? -6.972  12.850  -10.660 1.00 40.29  ?  1004 LEU A CD1 1 
ATOM   733  C CD2 . LEU A 1 103 ? -6.414  10.454  -10.227 1.00 41.25  ?  1004 LEU A CD2 1 
ATOM   734  N N   . GLN A 1 104 ? -11.495 9.802   -11.775 1.00 45.20  ?  1005 GLN A N   1 
ATOM   735  C CA  . GLN A 1 104 ? -12.914 9.655   -11.466 1.00 56.44  ?  1005 GLN A CA  1 
ATOM   736  C C   . GLN A 1 104 ? -13.298 8.188   -11.323 1.00 57.28  ?  1005 GLN A C   1 
ATOM   737  O O   . GLN A 1 104 ? -14.109 7.832   -10.459 1.00 57.64  ?  1005 GLN A O   1 
ATOM   738  C CB  . GLN A 1 104 ? -13.757 10.330  -12.548 1.00 47.38  ?  1005 GLN A CB  1 
ATOM   739  C CG  . GLN A 1 104 ? -13.605 11.841  -12.592 1.00 50.90  ?  1005 GLN A CG  1 
ATOM   740  C CD  . GLN A 1 104 ? -14.236 12.526  -11.396 1.00 55.22  ?  1005 GLN A CD  1 
ATOM   741  O OE1 . GLN A 1 104 ? -15.422 12.349  -11.120 1.00 60.72  ?  1005 GLN A OE1 1 
ATOM   742  N NE2 . GLN A 1 104 ? -13.444 13.312  -10.676 1.00 58.46  ?  1005 GLN A NE2 1 
ATOM   743  N N   . VAL A 1 105 ? -12.727 7.321   -12.162 1.00 56.56  ?  1006 VAL A N   1 
ATOM   744  C CA  . VAL A 1 105 ? -12.979 5.888   -12.039 1.00 52.84  ?  1006 VAL A CA  1 
ATOM   745  C C   . VAL A 1 105 ? -12.434 5.367   -10.714 1.00 59.79  ?  1006 VAL A C   1 
ATOM   746  O O   . VAL A 1 105 ? -13.036 4.495   -10.076 1.00 69.12  ?  1006 VAL A O   1 
ATOM   747  C CB  . VAL A 1 105 ? -12.372 5.138   -13.241 1.00 56.22  ?  1006 VAL A CB  1 
ATOM   748  C CG1 . VAL A 1 105 ? -12.274 3.644   -12.960 1.00 59.99  ?  1006 VAL A CG1 1 
ATOM   749  C CG2 . VAL A 1 105 ? -13.193 5.395   -14.493 1.00 51.70  ?  1006 VAL A CG2 1 
ATOM   750  N N   . ALA A 1 106 ? -11.300 5.913   -10.268 1.00 60.91  ?  1007 ALA A N   1 
ATOM   751  C CA  . ALA A 1 106 ? -10.660 5.411   -9.056  1.00 67.93  ?  1007 ALA A CA  1 
ATOM   752  C C   . ALA A 1 106 ? -11.455 5.776   -7.807  1.00 66.54  ?  1007 ALA A C   1 
ATOM   753  O O   . ALA A 1 106 ? -11.535 4.979   -6.866  1.00 78.34  ?  1007 ALA A O   1 
ATOM   754  C CB  . ALA A 1 106 ? -9.233  5.948   -8.957  1.00 61.82  ?  1007 ALA A CB  1 
ATOM   755  N N   . ILE A 1 107 ? -12.045 6.972   -7.776  1.00 70.99  ?  1008 ILE A N   1 
ATOM   756  C CA  . ILE A 1 107 ? -12.765 7.435   -6.592  1.00 69.97  ?  1008 ILE A CA  1 
ATOM   757  C C   . ILE A 1 107 ? -14.258 7.150   -6.656  1.00 66.72  ?  1008 ILE A C   1 
ATOM   758  O O   . ILE A 1 107 ? -14.964 7.392   -5.665  1.00 70.54  ?  1008 ILE A O   1 
ATOM   759  C CB  . ILE A 1 107 ? -12.530 8.941   -6.348  1.00 60.76  ?  1008 ILE A CB  1 
ATOM   760  C CG1 . ILE A 1 107 ? -13.392 9.785   -7.287  1.00 64.74  ?  1008 ILE A CG1 1 
ATOM   761  C CG2 . ILE A 1 107 ? -11.063 9.280   -6.539  1.00 70.65  ?  1008 ILE A CG2 1 
ATOM   762  C CD1 . ILE A 1 107 ? -13.032 11.257  -7.283  1.00 62.37  ?  1008 ILE A CD1 1 
ATOM   763  N N   . ASN A 1 108 ? -14.763 6.648   -7.782  1.00 74.72  ?  1009 ASN A N   1 
ATOM   764  C CA  . ASN A 1 108 ? -16.157 6.230   -7.866  1.00 81.01  ?  1009 ASN A CA  1 
ATOM   765  C C   . ASN A 1 108 ? -16.244 4.710   -7.908  1.00 89.68  ?  1009 ASN A C   1 
ATOM   766  O O   . ASN A 1 108 ? -16.852 4.139   -8.819  1.00 87.95  ?  1009 ASN A O   1 
ATOM   767  C CB  . ASN A 1 108 ? -16.836 6.845   -9.092  1.00 78.80  ?  1009 ASN A CB  1 
ATOM   768  C CG  . ASN A 1 108 ? -17.205 8.302   -8.883  1.00 83.76  ?  1009 ASN A CG  1 
ATOM   769  O OD1 . ASN A 1 108 ? -17.706 8.680   -7.824  1.00 96.28  ?  1009 ASN A OD1 1 
ATOM   770  N ND2 . ASN A 1 108 ? -16.958 9.126   -9.895  1.00 86.07  ?  1009 ASN A ND2 1 
ATOM   771  N N   . ASN A 1 109 ? -15.635 4.052   -6.926  1.00 91.68  ?  1010 ASN A N   1 
ATOM   772  C CA  . ASN A 1 109 ? -15.623 2.596   -6.854  1.00 90.05  ?  1010 ASN A CA  1 
ATOM   773  C C   . ASN A 1 109 ? -15.262 2.126   -5.449  1.00 96.37  ?  1010 ASN A C   1 
ATOM   774  O O   . ASN A 1 109 ? -14.087 1.943   -5.128  1.00 90.84  ?  1010 ASN A O   1 
ATOM   775  C CB  . ASN A 1 109 ? -14.639 2.015   -7.872  1.00 86.43  ?  1010 ASN A CB  1 
ATOM   776  N N   . TYR B 1 5   ? -4.116  21.889  5.917   0.79 65.08  ?  906  TYR B N   1 
ATOM   777  C CA  . TYR B 1 5   ? -4.631  21.380  4.649   0.79 78.81  ?  906  TYR B CA  1 
ATOM   778  C C   . TYR B 1 5   ? -3.790  21.811  3.439   0.79 74.57  ?  906  TYR B C   1 
ATOM   779  O O   . TYR B 1 5   ? -4.344  22.218  2.414   0.79 66.78  ?  906  TYR B O   1 
ATOM   780  C CB  . TYR B 1 5   ? -6.074  21.839  4.451   0.79 71.44  ?  906  TYR B CB  1 
ATOM   781  C CG  . TYR B 1 5   ? -7.128  20.807  4.799   0.79 78.12  ?  906  TYR B CG  1 
ATOM   782  C CD1 . TYR B 1 5   ? -7.002  19.482  4.398   0.79 67.25  ?  906  TYR B CD1 1 
ATOM   783  C CD2 . TYR B 1 5   ? -8.265  21.170  5.508   0.79 77.59  ?  906  TYR B CD2 1 
ATOM   784  C CE1 . TYR B 1 5   ? -7.977  18.543  4.712   0.79 66.53  ?  906  TYR B CE1 1 
ATOM   785  C CE2 . TYR B 1 5   ? -9.238  20.247  5.822   0.79 71.68  ?  906  TYR B CE2 1 
ATOM   786  C CZ  . TYR B 1 5   ? -9.092  18.934  5.423   0.79 76.12  ?  906  TYR B CZ  1 
ATOM   787  O OH  . TYR B 1 5   ? -10.067 18.013  5.739   0.79 84.01  ?  906  TYR B OH  1 
ATOM   788  N N   . ASP B 1 6   ? -2.463  21.710  3.541   1.00 71.70  ?  907  ASP B N   1 
ATOM   789  C CA  . ASP B 1 6   ? -1.587  22.149  2.455   1.00 72.12  ?  907  ASP B CA  1 
ATOM   790  C C   . ASP B 1 6   ? -1.409  20.995  1.473   1.00 68.17  ?  907  ASP B C   1 
ATOM   791  O O   . ASP B 1 6   ? -0.785  19.981  1.802   1.00 60.89  ?  907  ASP B O   1 
ATOM   792  C CB  . ASP B 1 6   ? -0.244  22.640  2.995   1.00 78.14  ?  907  ASP B CB  1 
ATOM   793  C CG  . ASP B 1 6   ? 0.707   23.071  1.892   1.00 81.07  ?  907  ASP B CG  1 
ATOM   794  O OD1 . ASP B 1 6   ? 1.859   23.404  2.219   1.00 91.14  ?  907  ASP B OD1 1 
ATOM   795  O OD2 . ASP B 1 6   ? 0.309   23.077  0.708   1.00 98.54  -1 907  ASP B OD2 1 
ATOM   796  N N   . TRP B 1 7   ? -1.958  21.145  0.262   1.00 67.15  ?  908  TRP B N   1 
ATOM   797  C CA  . TRP B 1 7   ? -1.827  20.110  -0.755  1.00 59.01  ?  908  TRP B CA  1 
ATOM   798  C C   . TRP B 1 7   ? -0.505  20.195  -1.500  1.00 60.27  ?  908  TRP B C   1 
ATOM   799  O O   . TRP B 1 7   ? -0.090  19.202  -2.108  1.00 51.33  ?  908  TRP B O   1 
ATOM   800  C CB  . TRP B 1 7   ? -2.992  20.203  -1.738  1.00 45.91  ?  908  TRP B CB  1 
ATOM   801  C CG  . TRP B 1 7   ? -4.299  19.953  -1.073  1.00 53.25  ?  908  TRP B CG  1 
ATOM   802  C CD1 . TRP B 1 7   ? -5.283  20.864  -0.846  1.00 49.02  ?  908  TRP B CD1 1 
ATOM   803  C CD2 . TRP B 1 7   ? -4.757  18.713  -0.512  1.00 47.19  ?  908  TRP B CD2 1 
ATOM   804  N NE1 . TRP B 1 7   ? -6.330  20.273  -0.185  1.00 51.14  ?  908  TRP B NE1 1 
ATOM   805  C CE2 . TRP B 1 7   ? -6.034  18.953  0.031   1.00 42.35  ?  908  TRP B CE2 1 
ATOM   806  C CE3 . TRP B 1 7   ? -4.217  17.424  -0.421  1.00 50.91  ?  908  TRP B CE3 1 
ATOM   807  C CZ2 . TRP B 1 7   ? -6.781  17.956  0.655   1.00 46.47  ?  908  TRP B CZ2 1 
ATOM   808  C CZ3 . TRP B 1 7   ? -4.962  16.432  0.203   1.00 48.25  ?  908  TRP B CZ3 1 
ATOM   809  C CH2 . TRP B 1 7   ? -6.231  16.707  0.732   1.00 54.38  ?  908  TRP B CH2 1 
ATOM   810  N N   . LYS B 1 8   ? 0.165   21.349  -1.459  1.00 57.93  ?  909  LYS B N   1 
ATOM   811  C CA  . LYS B 1 8   ? 1.493   21.458  -2.048  1.00 59.07  ?  909  LYS B CA  1 
ATOM   812  C C   . LYS B 1 8   ? 2.504   20.621  -1.278  1.00 58.07  ?  909  LYS B C   1 
ATOM   813  O O   . LYS B 1 8   ? 3.359   19.959  -1.878  1.00 62.44  ?  909  LYS B O   1 
ATOM   814  C CB  . LYS B 1 8   ? 1.931   22.920  -2.088  1.00 51.15  ?  909  LYS B CB  1 
ATOM   815  N N   . GLN B 1 9   ? 2.422   20.639  0.056   1.00 55.50  ?  910  GLN B N   1 
ATOM   816  C CA  . GLN B 1 9   ? 3.313   19.815  0.866   1.00 60.94  ?  910  GLN B CA  1 
ATOM   817  C C   . GLN B 1 9   ? 3.057   18.330  0.632   1.00 57.11  ?  910  GLN B C   1 
ATOM   818  O O   . GLN B 1 9   ? 3.999   17.530  0.593   1.00 56.76  ?  910  GLN B O   1 
ATOM   819  C CB  . GLN B 1 9   ? 3.150   20.164  2.346   1.00 61.74  ?  910  GLN B CB  1 
ATOM   820  N N   . PHE B 1 10  ? 1.787   17.945  0.476   1.00 59.95  ?  911  PHE B N   1 
ATOM   821  C CA  . PHE B 1 10  ? 1.466   16.557  0.154   1.00 58.71  ?  911  PHE B CA  1 
ATOM   822  C C   . PHE B 1 10  ? 2.116   16.139  -1.159  1.00 56.33  ?  911  PHE B C   1 
ATOM   823  O O   . PHE B 1 10  ? 2.584   15.001  -1.295  1.00 51.68  ?  911  PHE B O   1 
ATOM   824  C CB  . PHE B 1 10  ? -0.051  16.373  0.088   1.00 44.40  ?  911  PHE B CB  1 
ATOM   825  C CG  . PHE B 1 10  ? -0.480  14.994  -0.339  1.00 52.94  ?  911  PHE B CG  1 
ATOM   826  C CD1 . PHE B 1 10  ? -0.145  13.882  0.416   1.00 51.60  ?  911  PHE B CD1 1 
ATOM   827  C CD2 . PHE B 1 10  ? -1.225  14.813  -1.494  1.00 51.15  ?  911  PHE B CD2 1 
ATOM   828  C CE1 . PHE B 1 10  ? -0.542  12.614  0.025   1.00 51.45  ?  911  PHE B CE1 1 
ATOM   829  C CE2 . PHE B 1 10  ? -1.624  13.548  -1.889  1.00 45.70  ?  911  PHE B CE2 1 
ATOM   830  C CZ  . PHE B 1 10  ? -1.282  12.449  -1.129  1.00 56.00  ?  911  PHE B CZ  1 
ATOM   831  N N   . GLU B 1 11  ? 2.164   17.050  -2.132  1.00 48.37  ?  912  GLU B N   1 
ATOM   832  C CA  . GLU B 1 11  ? 2.807   16.750  -3.407  1.00 56.59  ?  912  GLU B CA  1 
ATOM   833  C C   . GLU B 1 11  ? 4.320   16.654  -3.258  1.00 58.36  ?  912  GLU B C   1 
ATOM   834  O O   . GLU B 1 11  ? 4.952   15.760  -3.833  1.00 52.17  ?  912  GLU B O   1 
ATOM   835  C CB  . GLU B 1 11  ? 2.434   17.815  -4.439  1.00 48.01  ?  912  GLU B CB  1 
ATOM   836  C CG  . GLU B 1 11  ? 3.348   17.867  -5.652  1.00 53.80  ?  912  GLU B CG  1 
ATOM   837  C CD  . GLU B 1 11  ? 2.861   18.843  -6.704  1.00 52.66  ?  912  GLU B CD  1 
ATOM   838  O OE1 . GLU B 1 11  ? 3.559   19.020  -7.724  1.00 59.10  ?  912  GLU B OE1 1 
ATOM   839  O OE2 . GLU B 1 11  ? 1.778   19.435  -6.510  1.00 53.47  -1 912  GLU B OE2 1 
ATOM   840  N N   . GLN B 1 12  ? 4.920   17.565  -2.487  1.00 62.31  ?  913  GLN B N   1 
ATOM   841  C CA  . GLN B 1 12  ? 6.371   17.551  -2.320  1.00 54.54  ?  913  GLN B CA  1 
ATOM   842  C C   . GLN B 1 12  ? 6.838   16.313  -1.565  1.00 61.82  ?  913  GLN B C   1 
ATOM   843  O O   . GLN B 1 12  ? 7.958   15.837  -1.786  1.00 57.80  ?  913  GLN B O   1 
ATOM   844  C CB  . GLN B 1 12  ? 6.829   18.820  -1.601  1.00 59.51  ?  913  GLN B CB  1 
ATOM   845  N N   . ASN B 1 13  ? 5.996   15.776  -0.676  1.00 62.40  ?  914  ASN B N   1 
ATOM   846  C CA  . ASN B 1 13  ? 6.341   14.562  0.054   1.00 52.86  ?  914  ASN B CA  1 
ATOM   847  C C   . ASN B 1 13  ? 6.432   13.341  -0.851  1.00 57.09  ?  914  ASN B C   1 
ATOM   848  O O   . ASN B 1 13  ? 6.987   12.318  -0.435  1.00 60.19  ?  914  ASN B O   1 
ATOM   849  C CB  . ASN B 1 13  ? 5.308   14.291  1.150   1.00 65.93  ?  914  ASN B CB  1 
ATOM   850  C CG  . ASN B 1 13  ? 5.375   15.293  2.284   1.00 69.04  ?  914  ASN B CG  1 
ATOM   851  O OD1 . ASN B 1 13  ? 6.384   15.973  2.469   1.00 77.27  ?  914  ASN B OD1 1 
ATOM   852  N ND2 . ASN B 1 13  ? 4.297   15.385  3.054   1.00 76.77  ?  914  ASN B ND2 1 
ATOM   853  N N   . SER B 1 14  ? 5.906   13.426  -2.070  1.00 55.10  ?  915  SER B N   1 
ATOM   854  C CA  . SER B 1 14  ? 5.766   12.250  -2.916  1.00 60.46  ?  915  SER B CA  1 
ATOM   855  C C   . SER B 1 14  ? 7.124   11.700  -3.334  1.00 57.44  ?  915  SER B C   1 
ATOM   856  O O   . SER B 1 14  ? 8.049   12.453  -3.650  1.00 51.75  ?  915  SER B O   1 
ATOM   857  C CB  . SER B 1 14  ? 4.938   12.589  -4.150  1.00 55.36  ?  915  SER B CB  1 
ATOM   858  O OG  . SER B 1 14  ? 3.658   13.045  -3.762  1.00 64.61  ?  915  SER B OG  1 
ATOM   859  N N   . LYS B 1 15  ? 7.232   10.376  -3.333  0.80 47.21  ?  916  LYS B N   1 
ATOM   860  C CA  . LYS B 1 15  ? 8.421   9.675   -3.781  0.80 47.81  ?  916  LYS B CA  1 
ATOM   861  C C   . LYS B 1 15  ? 8.111   8.892   -5.050  0.80 52.07  ?  916  LYS B C   1 
ATOM   862  O O   . LYS B 1 15  ? 6.957   8.566   -5.340  0.80 37.20  ?  916  LYS B O   1 
ATOM   863  C CB  . LYS B 1 15  ? 8.952   8.736   -2.694  0.80 60.23  ?  916  LYS B CB  1 
ATOM   864  C CG  . LYS B 1 15  ? 10.061  9.351   -1.863  0.80 62.36  ?  916  LYS B CG  1 
ATOM   865  C CD  . LYS B 1 15  ? 9.691   9.372   -0.396  0.80 70.31  ?  916  LYS B CD  1 
ATOM   866  C CE  . LYS B 1 15  ? 10.199  8.132   0.311   0.80 86.59  ?  916  LYS B CE  1 
ATOM   867  N NZ  . LYS B 1 15  ? 9.944   8.204   1.775   0.80 91.54  1  916  LYS B NZ  1 
ATOM   868  N N   . TYR B 1 16  ? 9.162   8.591   -5.806  1.00 45.42  ?  917  TYR B N   1 
ATOM   869  C CA  . TYR B 1 16  ? 9.022   7.980   -7.121  1.00 51.73  ?  917  TYR B CA  1 
ATOM   870  C C   . TYR B 1 16  ? 9.958   6.789   -7.224  1.00 48.48  ?  917  TYR B C   1 
ATOM   871  O O   . TYR B 1 16  ? 11.175  6.933   -7.068  1.00 58.20  ?  917  TYR B O   1 
ATOM   872  C CB  . TYR B 1 16  ? 9.312   8.999   -8.225  1.00 42.52  ?  917  TYR B CB  1 
ATOM   873  C CG  . TYR B 1 16  ? 8.376   10.183  -8.174  1.00 50.50  ?  917  TYR B CG  1 
ATOM   874  C CD1 . TYR B 1 16  ? 7.140   10.140  -8.804  1.00 45.15  ?  917  TYR B CD1 1 
ATOM   875  C CD2 . TYR B 1 16  ? 8.715   11.331  -7.473  1.00 52.05  ?  917  TYR B CD2 1 
ATOM   876  C CE1 . TYR B 1 16  ? 6.276   11.214  -8.751  1.00 43.83  ?  917  TYR B CE1 1 
ATOM   877  C CE2 . TYR B 1 16  ? 7.856   12.412  -7.414  1.00 47.13  ?  917  TYR B CE2 1 
ATOM   878  C CZ  . TYR B 1 16  ? 6.637   12.348  -8.055  1.00 51.43  ?  917  TYR B CZ  1 
ATOM   879  O OH  . TYR B 1 16  ? 5.776   13.420  -8.001  1.00 48.18  ?  917  TYR B OH  1 
ATOM   880  N N   . GLU B 1 17  ? 9.389   5.614   -7.481  1.00 42.56  ?  918  GLU B N   1 
ATOM   881  C CA  . GLU B 1 17  ? 10.192  4.421   -7.693  1.00 48.60  ?  918  GLU B CA  1 
ATOM   882  C C   . GLU B 1 17  ? 10.382  4.187   -9.185  1.00 51.68  ?  918  GLU B C   1 
ATOM   883  O O   . GLU B 1 17  ? 10.413  5.145   -9.965  1.00 58.95  ?  918  GLU B O   1 
ATOM   884  C CB  . GLU B 1 17  ? 9.549   3.211   -7.010  1.00 57.51  ?  918  GLU B CB  1 
ATOM   885  C CG  . GLU B 1 17  ? 9.861   3.135   -5.519  1.00 55.18  ?  918  GLU B CG  1 
ATOM   886  C CD  . GLU B 1 17  ? 9.279   1.905   -4.850  1.00 64.93  ?  918  GLU B CD  1 
ATOM   887  O OE1 . GLU B 1 17  ? 8.734   1.036   -5.564  1.00 68.64  ?  918  GLU B OE1 1 
ATOM   888  O OE2 . GLU B 1 17  ? 9.364   1.810   -3.608  1.00 65.36  -1 918  GLU B OE2 1 
ATOM   889  N N   . GLN B 1 18  ? 10.499  2.926   -9.592  1.00 50.38  ?  919  GLN B N   1 
ATOM   890  C CA  . GLN B 1 18  ? 10.893  2.606   -10.957 1.00 52.03  ?  919  GLN B CA  1 
ATOM   891  C C   . GLN B 1 18  ? 9.907   3.171   -11.974 1.00 48.66  ?  919  GLN B C   1 
ATOM   892  O O   . GLN B 1 18  ? 8.701   3.263   -11.725 1.00 45.36  ?  919  GLN B O   1 
ATOM   893  C CB  . GLN B 1 18  ? 10.995  1.092   -11.135 1.00 52.58  ?  919  GLN B CB  1 
ATOM   894  C CG  . GLN B 1 18  ? 12.397  0.537   -11.019 1.00 53.59  ?  919  GLN B CG  1 
ATOM   895  C CD  . GLN B 1 18  ? 12.396  -0.904  -10.568 1.00 68.88  ?  919  GLN B CD  1 
ATOM   896  O OE1 . GLN B 1 18  ? 12.095  -1.804  -11.349 1.00 69.98  ?  919  GLN B OE1 1 
ATOM   897  N NE2 . GLN B 1 18  ? 12.730  -1.133  -9.303  1.00 66.40  ?  919  GLN B NE2 1 
ATOM   898  N N   . GLY B 1 19  ? 10.442  3.559   -13.132 1.00 36.14  ?  920  GLY B N   1 
ATOM   899  C CA  . GLY B 1 19  ? 9.646   3.981   -14.259 1.00 37.01  ?  920  GLY B CA  1 
ATOM   900  C C   . GLY B 1 19  ? 9.279   5.449   -14.286 1.00 36.25  ?  920  GLY B C   1 
ATOM   901  O O   . GLY B 1 19  ? 8.921   5.962   -15.352 1.00 43.71  ?  920  GLY B O   1 
ATOM   902  N N   . TYR B 1 20  ? 9.363   6.147   -13.157 1.00 44.40  ?  921  TYR B N   1 
ATOM   903  C CA  . TYR B 1 20  ? 8.875   7.513   -13.069 1.00 49.61  ?  921  TYR B CA  1 
ATOM   904  C C   . TYR B 1 20  ? 9.935   8.436   -12.494 1.00 49.72  ?  921  TYR B C   1 
ATOM   905  O O   . TYR B 1 20  ? 10.772  8.029   -11.686 1.00 53.54  ?  921  TYR B O   1 
ATOM   906  C CB  . TYR B 1 20  ? 7.616   7.602   -12.205 1.00 42.30  ?  921  TYR B CB  1 
ATOM   907  C CG  . TYR B 1 20  ? 6.355   7.257   -12.948 1.00 41.64  ?  921  TYR B CG  1 
ATOM   908  C CD1 . TYR B 1 20  ? 6.044   7.882   -14.148 1.00 36.33  ?  921  TYR B CD1 1 
ATOM   909  C CD2 . TYR B 1 20  ? 5.472   6.310   -12.452 1.00 41.84  ?  921  TYR B CD2 1 
ATOM   910  C CE1 . TYR B 1 20  ? 4.893   7.568   -14.836 1.00 35.80  ?  921  TYR B CE1 1 
ATOM   911  C CE2 . TYR B 1 20  ? 4.315   5.992   -13.131 1.00 42.35  ?  921  TYR B CE2 1 
ATOM   912  C CZ  . TYR B 1 20  ? 4.031   6.623   -14.322 1.00 35.49  ?  921  TYR B CZ  1 
ATOM   913  O OH  . TYR B 1 20  ? 2.878   6.309   -15.003 1.00 37.84  ?  921  TYR B OH  1 
ATOM   914  N N   . GLN B 1 21  ? 9.884   9.689   -12.932 1.00 46.40  ?  922  GLN B N   1 
ATOM   915  C CA  . GLN B 1 21  ? 10.570  10.792  -12.284 1.00 45.32  ?  922  GLN B CA  1 
ATOM   916  C C   . GLN B 1 21  ? 9.531   11.854  -11.958 1.00 51.99  ?  922  GLN B C   1 
ATOM   917  O O   . GLN B 1 21  ? 8.417   11.837  -12.489 1.00 44.78  ?  922  GLN B O   1 
ATOM   918  C CB  . GLN B 1 21  ? 11.681  11.385  -13.168 1.00 53.32  ?  922  GLN B CB  1 
ATOM   919  C CG  . GLN B 1 21  ? 12.538  10.356  -13.889 1.00 49.98  ?  922  GLN B CG  1 
ATOM   920  C CD  . GLN B 1 21  ? 11.934  9.913   -15.210 1.00 57.08  ?  922  GLN B CD  1 
ATOM   921  O OE1 . GLN B 1 21  ? 11.218  10.672  -15.863 1.00 55.42  ?  922  GLN B OE1 1 
ATOM   922  N NE2 . GLN B 1 21  ? 12.218  8.678   -15.607 1.00 57.00  ?  922  GLN B NE2 1 
ATOM   923  N N   . LYS B 1 22  ? 9.897   12.779  -11.070 1.00 47.00  ?  923  LYS B N   1 
ATOM   924  C CA  . LYS B 1 22  ? 8.996   13.886  -10.773 1.00 44.98  ?  923  LYS B CA  1 
ATOM   925  C C   . LYS B 1 22  ? 8.698   14.700  -12.024 1.00 50.41  ?  923  LYS B C   1 
ATOM   926  O O   . LYS B 1 22  ? 7.596   15.246  -12.165 1.00 46.11  ?  923  LYS B O   1 
ATOM   927  C CB  . LYS B 1 22  ? 9.594   14.777  -9.684  1.00 51.02  ?  923  LYS B CB  1 
ATOM   928  N N   . SER B 1 23  ? 9.651   14.767  -12.949 1.00 45.17  ?  924  SER B N   1 
ATOM   929  C CA  . SER B 1 23  ? 9.519   15.528  -14.184 1.00 46.66  ?  924  SER B CA  1 
ATOM   930  C C   . SER B 1 23  ? 8.858   14.741  -15.310 1.00 44.84  ?  924  SER B C   1 
ATOM   931  O O   . SER B 1 23  ? 8.678   15.291  -16.401 1.00 47.47  ?  924  SER B O   1 
ATOM   932  C CB  . SER B 1 23  ? 10.898  16.010  -14.648 1.00 62.52  ?  924  SER B CB  1 
ATOM   933  O OG  . SER B 1 23  ? 11.198  17.297  -14.135 1.00 86.90  ?  924  SER B OG  1 
ATOM   934  N N   . HIS B 1 24  ? 8.503   13.479  -15.081 1.00 44.58  ?  925  HIS B N   1 
ATOM   935  C CA  . HIS B 1 24  ? 7.919   12.672  -16.143 1.00 39.24  ?  925  HIS B CA  1 
ATOM   936  C C   . HIS B 1 24  ? 6.585   13.279  -16.586 1.00 40.74  ?  925  HIS B C   1 
ATOM   937  O O   . HIS B 1 24  ? 5.819   13.766  -15.750 1.00 35.40  ?  925  HIS B O   1 
ATOM   938  C CB  . HIS B 1 24  ? 7.714   11.230  -15.673 1.00 41.59  ?  925  HIS B CB  1 
ATOM   939  C CG  . HIS B 1 24  ? 7.378   10.273  -16.777 1.00 41.28  ?  925  HIS B CG  1 
ATOM   940  N ND1 . HIS B 1 24  ? 6.125   10.207  -17.348 1.00 34.69  ?  925  HIS B ND1 1 
ATOM   941  C CD2 . HIS B 1 24  ? 8.132   9.345   -17.413 1.00 33.58  ?  925  HIS B CD2 1 
ATOM   942  C CE1 . HIS B 1 24  ? 6.122   9.280   -18.290 1.00 33.48  ?  925  HIS B CE1 1 
ATOM   943  N NE2 . HIS B 1 24  ? 7.326   8.741   -18.348 1.00 36.61  ?  925  HIS B NE2 1 
ATOM   944  N N   . PRO B 1 25  ? 6.291   13.273  -17.892 1.00 49.27  ?  926  PRO B N   1 
ATOM   945  C CA  . PRO B 1 25  ? 5.058   13.931  -18.368 1.00 33.74  ?  926  PRO B CA  1 
ATOM   946  C C   . PRO B 1 25  ? 3.777   13.387  -17.755 1.00 43.16  ?  926  PRO B C   1 
ATOM   947  O O   . PRO B 1 25  ? 2.830   14.155  -17.548 1.00 35.20  ?  926  PRO B O   1 
ATOM   948  C CB  . PRO B 1 25  ? 5.104   13.690  -19.884 1.00 35.50  ?  926  PRO B CB  1 
ATOM   949  C CG  . PRO B 1 25  ? 6.557   13.512  -20.195 1.00 39.83  ?  926  PRO B CG  1 
ATOM   950  C CD  . PRO B 1 25  ? 7.153   12.831  -19.000 1.00 40.66  ?  926  PRO B CD  1 
ATOM   951  N N   . THR B 1 26  ? 3.709   12.086  -17.458 1.00 36.82  ?  927  THR B N   1 
ATOM   952  C CA  . THR B 1 26  ? 2.503   11.541  -16.842 1.00 42.33  ?  927  THR B CA  1 
ATOM   953  C C   . THR B 1 26  ? 2.357   11.997  -15.394 1.00 36.05  ?  927  THR B C   1 
ATOM   954  O O   . THR B 1 26  ? 1.235   12.214  -14.922 1.00 34.42  ?  927  THR B O   1 
ATOM   955  C CB  . THR B 1 26  ? 2.516   10.015  -16.927 1.00 37.03  ?  927  THR B CB  1 
ATOM   956  O OG1 . THR B 1 26  ? 2.659   9.618   -18.295 1.00 35.50  ?  927  THR B OG1 1 
ATOM   957  C CG2 . THR B 1 26  ? 1.223   9.434   -16.374 1.00 32.12  ?  927  THR B CG2 1 
ATOM   958  N N   . ILE B 1 27  ? 3.473   12.156  -14.679 1.00 36.17  ?  928  ILE B N   1 
ATOM   959  C CA  . ILE B 1 27  ? 3.413   12.623  -13.298 1.00 33.06  ?  928  ILE B CA  1 
ATOM   960  C C   . ILE B 1 27  ? 2.938   14.070  -13.244 1.00 38.93  ?  928  ILE B C   1 
ATOM   961  O O   . ILE B 1 27  ? 2.171   14.454  -12.352 1.00 39.70  ?  928  ILE B O   1 
ATOM   962  C CB  . ILE B 1 27  ? 4.783   12.449  -12.615 1.00 37.81  ?  928  ILE B CB  1 
ATOM   963  C CG1 . ILE B 1 27  ? 5.110   10.963  -12.455 1.00 39.43  ?  928  ILE B CG1 1 
ATOM   964  C CG2 . ILE B 1 27  ? 4.810   13.157  -11.265 1.00 36.12  ?  928  ILE B CG2 1 
ATOM   965  C CD1 . ILE B 1 27  ? 4.007   10.161  -11.794 1.00 36.24  ?  928  ILE B CD1 1 
ATOM   966  N N   . GLN B 1 28  ? 3.376   14.894  -14.198 1.00 42.86  ?  929  GLN B N   1 
ATOM   967  C CA  . GLN B 1 28  ? 2.921   16.279  -14.239 1.00 38.96  ?  929  GLN B CA  1 
ATOM   968  C C   . GLN B 1 28  ? 1.434   16.357  -14.562 1.00 36.94  ?  929  GLN B C   1 
ATOM   969  O O   . GLN B 1 28  ? 0.727   17.237  -14.056 1.00 38.95  ?  929  GLN B O   1 
ATOM   970  C CB  . GLN B 1 28  ? 3.744   17.070  -15.256 1.00 41.41  ?  929  GLN B CB  1 
ATOM   971  C CG  . GLN B 1 28  ? 5.178   17.341  -14.817 1.00 43.15  ?  929  GLN B CG  1 
ATOM   972  C CD  . GLN B 1 28  ? 6.021   17.948  -15.921 1.00 63.67  ?  929  GLN B CD  1 
ATOM   973  O OE1 . GLN B 1 28  ? 5.724   17.787  -17.105 1.00 67.81  ?  929  GLN B OE1 1 
ATOM   974  N NE2 . GLN B 1 28  ? 7.081   18.652  -15.539 1.00 65.56  ?  929  GLN B NE2 1 
ATOM   975  N N   . LEU B 1 29  ? 0.939   15.440  -15.399 1.00 42.98  ?  930  LEU B N   1 
ATOM   976  C CA  . LEU B 1 29  ? -0.495  15.374  -15.669 1.00 40.10  ?  930  LEU B CA  1 
ATOM   977  C C   . LEU B 1 29  ? -1.272  14.954  -14.427 1.00 40.94  ?  930  LEU B C   1 
ATOM   978  O O   . LEU B 1 29  ? -2.336  15.512  -14.138 1.00 38.36  ?  930  LEU B O   1 
ATOM   979  C CB  . LEU B 1 29  ? -0.779  14.405  -16.817 1.00 38.60  ?  930  LEU B CB  1 
ATOM   980  C CG  . LEU B 1 29  ? -0.356  14.794  -18.235 1.00 42.57  ?  930  LEU B CG  1 
ATOM   981  C CD1 . LEU B 1 29  ? -0.913  13.795  -19.235 1.00 47.27  ?  930  LEU B CD1 1 
ATOM   982  C CD2 . LEU B 1 29  ? -0.812  16.201  -18.573 1.00 42.35  ?  930  LEU B CD2 1 
ATOM   983  N N   . PHE B 1 30  ? -0.762  13.963  -13.690 1.00 36.60  ?  931  PHE B N   1 
ATOM   984  C CA  . PHE B 1 30  ? -1.465  13.477  -12.506 1.00 38.04  ?  931  PHE B CA  1 
ATOM   985  C C   . PHE B 1 30  ? -1.665  14.591  -11.490 1.00 37.06  ?  931  PHE B C   1 
ATOM   986  O O   . PHE B 1 30  ? -2.762  14.762  -10.944 1.00 38.63  ?  931  PHE B O   1 
ATOM   987  C CB  . PHE B 1 30  ? -0.701  12.314  -11.867 1.00 39.69  ?  931  PHE B CB  1 
ATOM   988  C CG  . PHE B 1 30  ? -1.187  11.963  -10.484 1.00 39.05  ?  931  PHE B CG  1 
ATOM   989  C CD1 . PHE B 1 30  ? -2.258  11.102  -10.311 1.00 37.86  ?  931  PHE B CD1 1 
ATOM   990  C CD2 . PHE B 1 30  ? -0.583  12.504  -9.356  1.00 36.28  ?  931  PHE B CD2 1 
ATOM   991  C CE1 . PHE B 1 30  ? -2.716  10.783  -9.045  1.00 42.52  ?  931  PHE B CE1 1 
ATOM   992  C CE2 . PHE B 1 30  ? -1.040  12.192  -8.088  1.00 38.12  ?  931  PHE B CE2 1 
ATOM   993  C CZ  . PHE B 1 30  ? -2.104  11.328  -7.933  1.00 39.14  ?  931  PHE B CZ  1 
ATOM   994  N N   . TRP B 1 31  ? -0.610  15.357  -11.214 1.00 37.47  ?  932  TRP B N   1 
ATOM   995  C CA  . TRP B 1 31  ? -0.699  16.370  -10.170 1.00 39.37  ?  932  TRP B CA  1 
ATOM   996  C C   . TRP B 1 31  ? -1.619  17.516  -10.565 1.00 42.48  ?  932  TRP B C   1 
ATOM   997  O O   . TRP B 1 31  ? -2.308  18.073  -9.704  1.00 45.81  ?  932  TRP B O   1 
ATOM   998  C CB  . TRP B 1 31  ? 0.695   16.881  -9.814  1.00 37.11  ?  932  TRP B CB  1 
ATOM   999  C CG  . TRP B 1 31  ? 1.424   15.922  -8.931  1.00 35.94  ?  932  TRP B CG  1 
ATOM   1000 C CD1 . TRP B 1 31  ? 2.593   15.275  -9.209  1.00 35.54  ?  932  TRP B CD1 1 
ATOM   1001 C CD2 . TRP B 1 31  ? 1.015   15.472  -7.634  1.00 37.91  ?  932  TRP B CD2 1 
ATOM   1002 N NE1 . TRP B 1 31  ? 2.944   14.460  -8.160  1.00 37.58  ?  932  TRP B NE1 1 
ATOM   1003 C CE2 . TRP B 1 31  ? 1.990   14.564  -7.181  1.00 38.86  ?  932  TRP B CE2 1 
ATOM   1004 C CE3 . TRP B 1 31  ? -0.078  15.755  -6.808  1.00 47.95  ?  932  TRP B CE3 1 
ATOM   1005 C CZ2 . TRP B 1 31  ? 1.906   13.936  -5.944  1.00 42.88  ?  932  TRP B CZ2 1 
ATOM   1006 C CZ3 . TRP B 1 31  ? -0.160  15.130  -5.577  1.00 41.57  ?  932  TRP B CZ3 1 
ATOM   1007 C CH2 . TRP B 1 31  ? 0.827   14.232  -5.156  1.00 48.16  ?  932  TRP B CH2 1 
ATOM   1008 N N   . LYS B 1 32  ? -1.672  17.878  -11.847 0.91 34.70  ?  933  LYS B N   1 
ATOM   1009 C CA  . LYS B 1 32  ? -2.627  18.910  -12.232 0.91 36.28  ?  933  LYS B CA  1 
ATOM   1010 C C   . LYS B 1 32  ? -4.054  18.378  -12.195 0.91 39.90  ?  933  LYS B C   1 
ATOM   1011 O O   . LYS B 1 32  ? -4.982  19.105  -11.829 0.91 42.97  ?  933  LYS B O   1 
ATOM   1012 C CB  . LYS B 1 32  ? -2.293  19.483  -13.611 0.91 32.62  ?  933  LYS B CB  1 
ATOM   1013 C CG  . LYS B 1 32  ? -1.234  20.605  -13.610 0.91 51.37  ?  933  LYS B CG  1 
ATOM   1014 C CD  . LYS B 1 32  ? -1.189  21.451  -12.320 0.91 69.21  ?  933  LYS B CD  1 
ATOM   1015 C CE  . LYS B 1 32  ? -2.490  22.203  -12.015 0.91 63.74  ?  933  LYS B CE  1 
ATOM   1016 N NZ  . LYS B 1 32  ? -2.584  22.531  -10.561 0.91 55.35  1  933  LYS B NZ  1 
ATOM   1017 N N   . ALA B 1 33  ? -4.250  17.108  -12.552 1.00 34.76  ?  934  ALA B N   1 
ATOM   1018 C CA  . ALA B 1 33  ? -5.577  16.518  -12.415 1.00 34.75  ?  934  ALA B CA  1 
ATOM   1019 C C   . ALA B 1 33  ? -5.957  16.365  -10.948 1.00 42.55  ?  934  ALA B C   1 
ATOM   1020 O O   . ALA B 1 33  ? -7.126  16.536  -10.584 1.00 39.82  ?  934  ALA B O   1 
ATOM   1021 C CB  . ALA B 1 33  ? -5.634  15.170  -13.132 1.00 40.15  ?  934  ALA B CB  1 
ATOM   1022 N N   . PHE B 1 34  ? -4.983  16.047  -10.090 1.00 38.24  ?  935  PHE B N   1 
ATOM   1023 C CA  . PHE B 1 34  ? -5.280  15.892  -8.671  1.00 41.20  ?  935  PHE B CA  1 
ATOM   1024 C C   . PHE B 1 34  ? -5.626  17.228  -8.029  1.00 39.97  ?  935  PHE B C   1 
ATOM   1025 O O   . PHE B 1 34  ? -6.577  17.317  -7.243  1.00 45.03  ?  935  PHE B O   1 
ATOM   1026 C CB  . PHE B 1 34  ? -4.102  15.245  -7.943  1.00 41.14  ?  935  PHE B CB  1 
ATOM   1027 C CG  . PHE B 1 34  ? -4.311  15.114  -6.457  1.00 38.10  ?  935  PHE B CG  1 
ATOM   1028 C CD1 . PHE B 1 34  ? -5.000  14.031  -5.935  1.00 38.20  ?  935  PHE B CD1 1 
ATOM   1029 C CD2 . PHE B 1 34  ? -3.828  16.078  -5.584  1.00 41.07  ?  935  PHE B CD2 1 
ATOM   1030 C CE1 . PHE B 1 34  ? -5.201  13.909  -4.569  1.00 46.88  ?  935  PHE B CE1 1 
ATOM   1031 C CE2 . PHE B 1 34  ? -4.026  15.962  -4.220  1.00 44.97  ?  935  PHE B CE2 1 
ATOM   1032 C CZ  . PHE B 1 34  ? -4.713  14.876  -3.712  1.00 46.68  ?  935  PHE B CZ  1 
ATOM   1033 N N   . HIS B 1 35  ? -4.862  18.277  -8.342  1.00 44.35  ?  936  HIS B N   1 
ATOM   1034 C CA  . HIS B 1 35  ? -5.118  19.583  -7.749  1.00 40.27  ?  936  HIS B CA  1 
ATOM   1035 C C   . HIS B 1 35  ? -6.439  20.182  -8.211  1.00 41.46  ?  936  HIS B C   1 
ATOM   1036 O O   . HIS B 1 35  ? -7.009  21.014  -7.498  1.00 45.66  ?  936  HIS B O   1 
ATOM   1037 C CB  . HIS B 1 35  ? -3.968  20.542  -8.066  1.00 39.62  ?  936  HIS B CB  1 
ATOM   1038 C CG  . HIS B 1 35  ? -2.723  20.274  -7.275  1.00 37.63  ?  936  HIS B CG  1 
ATOM   1039 N ND1 . HIS B 1 35  ? -2.699  20.287  -5.898  1.00 38.77  ?  936  HIS B ND1 1 
ATOM   1040 C CD2 . HIS B 1 35  ? -1.458  19.997  -7.672  1.00 37.48  ?  936  HIS B CD2 1 
ATOM   1041 C CE1 . HIS B 1 35  ? -1.473  20.021  -5.478  1.00 40.45  ?  936  HIS B CE1 1 
ATOM   1042 N NE2 . HIS B 1 35  ? -0.702  19.840  -6.535  1.00 45.16  ?  936  HIS B NE2 1 
ATOM   1043 N N   . LYS B 1 36  ? -6.942  19.777  -9.380  0.90 36.46  ?  937  LYS B N   1 
ATOM   1044 C CA  . LYS B 1 36  ? -8.231  20.266  -9.850  0.90 38.05  ?  937  LYS B CA  1 
ATOM   1045 C C   . LYS B 1 36  ? -9.405  19.595  -9.152  0.90 33.94  ?  937  LYS B C   1 
ATOM   1046 O O   . LYS B 1 36  ? -10.532 20.091  -9.253  0.90 40.34  ?  937  LYS B O   1 
ATOM   1047 C CB  . LYS B 1 36  ? -8.359  20.066  -11.363 0.90 51.96  ?  937  LYS B CB  1 
ATOM   1048 C CG  . LYS B 1 36  ? -7.497  21.005  -12.191 0.90 54.22  ?  937  LYS B CG  1 
ATOM   1049 C CD  . LYS B 1 36  ? -8.132  21.300  -13.541 0.90 68.96  ?  937  LYS B CD  1 
ATOM   1050 C CE  . LYS B 1 36  ? -8.314  22.796  -13.750 0.90 86.12  ?  937  LYS B CE  1 
ATOM   1051 N NZ  . LYS B 1 36  ? -9.316  23.094  -14.811 0.90 72.21  1  937  LYS B NZ  1 
ATOM   1052 N N   . LEU B 1 37  ? -9.173  18.481  -8.461  1.00 39.59  ?  938  LEU B N   1 
ATOM   1053 C CA  . LEU B 1 37  ? -10.241 17.826  -7.720  1.00 41.48  ?  938  LEU B CA  1 
ATOM   1054 C C   . LEU B 1 37  ? -10.729 18.725  -6.591  1.00 39.74  ?  938  LEU B C   1 
ATOM   1055 O O   . LEU B 1 37  ? -9.943  19.431  -5.954  1.00 37.53  ?  938  LEU B O   1 
ATOM   1056 C CB  . LEU B 1 37  ? -9.756  16.492  -7.147  1.00 41.84  ?  938  LEU B CB  1 
ATOM   1057 C CG  . LEU B 1 37  ? -9.424  15.345  -8.105  1.00 39.15  ?  938  LEU B CG  1 
ATOM   1058 C CD1 . LEU B 1 37  ? -8.990  14.114  -7.322  1.00 39.28  ?  938  LEU B CD1 1 
ATOM   1059 C CD2 . LEU B 1 37  ? -10.612 15.024  -8.995  1.00 33.20  ?  938  LEU B CD2 1 
ATOM   1060 N N   . THR B 1 38  ? -12.036 18.699  -6.346  1.00 38.92  ?  939  THR B N   1 
ATOM   1061 C CA  . THR B 1 38  ? -12.571 19.399  -5.191  1.00 46.98  ?  939  THR B CA  1 
ATOM   1062 C C   . THR B 1 38  ? -12.141 18.688  -3.909  1.00 43.90  ?  939  THR B C   1 
ATOM   1063 O O   . THR B 1 38  ? -11.648 17.556  -3.927  1.00 39.90  ?  939  THR B O   1 
ATOM   1064 C CB  . THR B 1 38  ? -14.095 19.500  -5.274  1.00 42.36  ?  939  THR B CB  1 
ATOM   1065 O OG1 . THR B 1 38  ? -14.667 18.188  -5.348  1.00 43.01  ?  939  THR B OG1 1 
ATOM   1066 C CG2 . THR B 1 38  ? -14.504 20.299  -6.502  1.00 37.72  ?  939  THR B CG2 1 
ATOM   1067 N N   . LEU B 1 39  ? -12.327 19.379  -2.780  1.00 49.57  ?  940  LEU B N   1 
ATOM   1068 C CA  . LEU B 1 39  ? -11.851 18.858  -1.503  1.00 46.43  ?  940  LEU B CA  1 
ATOM   1069 C C   . LEU B 1 39  ? -12.455 17.493  -1.194  1.00 43.04  ?  940  LEU B C   1 
ATOM   1070 O O   . LEU B 1 39  ? -11.748 16.579  -0.756  1.00 49.50  ?  940  LEU B O   1 
ATOM   1071 C CB  . LEU B 1 39  ? -12.163 19.850  -0.382  1.00 46.29  ?  940  LEU B CB  1 
ATOM   1072 C CG  . LEU B 1 39  ? -11.567 19.533  0.991   1.00 48.63  ?  940  LEU B CG  1 
ATOM   1073 C CD1 . LEU B 1 39  ? -10.047 19.553  0.938   1.00 47.33  ?  940  LEU B CD1 1 
ATOM   1074 C CD2 . LEU B 1 39  ? -12.085 20.512  2.035   1.00 52.66  ?  940  LEU B CD2 1 
ATOM   1075 N N   . ASP B 1 40  ? -13.760 17.334  -1.426  1.00 42.98  ?  941  ASP B N   1 
ATOM   1076 C CA  . ASP B 1 40  ? -14.403 16.051  -1.161  1.00 54.63  ?  941  ASP B CA  1 
ATOM   1077 C C   . ASP B 1 40  ? -13.865 14.962  -2.081  1.00 51.28  ?  941  ASP B C   1 
ATOM   1078 O O   . ASP B 1 40  ? -13.693 13.813  -1.660  1.00 52.63  ?  941  ASP B O   1 
ATOM   1079 C CB  . ASP B 1 40  ? -15.919 16.181  -1.309  1.00 57.39  ?  941  ASP B CB  1 
ATOM   1080 C CG  . ASP B 1 40  ? -16.566 16.854  -0.114  1.00 76.84  ?  941  ASP B CG  1 
ATOM   1081 O OD1 . ASP B 1 40  ? -16.050 16.694  1.012   1.00 75.61  ?  941  ASP B OD1 1 
ATOM   1082 O OD2 . ASP B 1 40  ? -17.594 17.540  -0.300  1.00 80.07  -1 941  ASP B OD2 1 
ATOM   1083 N N   . GLU B 1 41  ? -13.595 15.305  -3.344  1.00 48.54  ?  942  GLU B N   1 
ATOM   1084 C CA  . GLU B 1 41  ? -13.015 14.334  -4.266  1.00 52.60  ?  942  GLU B CA  1 
ATOM   1085 C C   . GLU B 1 41  ? -11.596 13.963  -3.853  1.00 48.63  ?  942  GLU B C   1 
ATOM   1086 O O   . GLU B 1 41  ? -11.200 12.796  -3.953  1.00 53.59  ?  942  GLU B O   1 
ATOM   1087 C CB  . GLU B 1 41  ? -13.033 14.884  -5.691  1.00 43.53  ?  942  GLU B CB  1 
ATOM   1088 C CG  . GLU B 1 41  ? -14.378 14.780  -6.387  1.00 39.91  ?  942  GLU B CG  1 
ATOM   1089 C CD  . GLU B 1 41  ? -14.454 15.633  -7.638  1.00 44.86  ?  942  GLU B CD  1 
ATOM   1090 O OE1 . GLU B 1 41  ? -13.846 16.724  -7.652  1.00 48.89  ?  942  GLU B OE1 1 
ATOM   1091 O OE2 . GLU B 1 41  ? -15.122 15.215  -8.607  1.00 55.48  -1 942  GLU B OE2 1 
ATOM   1092 N N   . LYS B 1 42  ? -10.815 14.945  -3.394  1.00 42.52  ?  943  LYS B N   1 
ATOM   1093 C CA  . LYS B 1 42  ? -9.480  14.655  -2.881  1.00 45.81  ?  943  LYS B CA  1 
ATOM   1094 C C   . LYS B 1 42  ? -9.548  13.677  -1.716  1.00 47.94  ?  943  LYS B C   1 
ATOM   1095 O O   . LYS B 1 42  ? -8.753  12.733  -1.631  1.00 51.40  ?  943  LYS B O   1 
ATOM   1096 C CB  . LYS B 1 42  ? -8.787  15.950  -2.452  1.00 44.17  ?  943  LYS B CB  1 
ATOM   1097 C CG  . LYS B 1 42  ? -8.269  16.812  -3.595  1.00 48.63  ?  943  LYS B CG  1 
ATOM   1098 C CD  . LYS B 1 42  ? -7.244  17.819  -3.090  1.00 38.29  ?  943  LYS B CD  1 
ATOM   1099 C CE  . LYS B 1 42  ? -6.770  18.746  -4.199  1.00 40.97  ?  943  LYS B CE  1 
ATOM   1100 N NZ  . LYS B 1 42  ? -7.867  19.619  -4.704  1.00 37.27  1  943  LYS B NZ  1 
ATOM   1101 N N   . LYS B 1 43  ? -10.500 13.889  -0.805  1.00 47.61  ?  944  LYS B N   1 
ATOM   1102 C CA  . LYS B 1 43  ? -10.647 13.001  0.344   1.00 50.60  ?  944  LYS B CA  1 
ATOM   1103 C C   . LYS B 1 43  ? -11.044 11.598  -0.096  1.00 49.20  ?  944  LYS B C   1 
ATOM   1104 O O   . LYS B 1 43  ? -10.487 10.603  0.381   1.00 50.95  ?  944  LYS B O   1 
ATOM   1105 C CB  . LYS B 1 43  ? -11.679 13.572  1.317   1.00 47.33  ?  944  LYS B CB  1 
ATOM   1106 C CG  . LYS B 1 43  ? -11.305 14.922  1.897   1.00 51.42  ?  944  LYS B CG  1 
ATOM   1107 C CD  . LYS B 1 43  ? -11.874 15.084  3.295   1.00 65.00  ?  944  LYS B CD  1 
ATOM   1108 C CE  . LYS B 1 43  ? -12.649 16.382  3.443   1.00 70.26  ?  944  LYS B CE  1 
ATOM   1109 N NZ  . LYS B 1 43  ? -13.404 16.427  4.728   1.00 73.58  1  944  LYS B NZ  1 
ATOM   1110 N N   . LYS B 1 44  ? -12.018 11.501  -1.004  1.00 45.79  ?  945  LYS B N   1 
ATOM   1111 C CA  . LYS B 1 44  ? -12.419 10.196  -1.518  1.00 53.59  ?  945  LYS B CA  1 
ATOM   1112 C C   . LYS B 1 44  ? -11.271 9.507   -2.241  1.00 63.80  ?  945  LYS B C   1 
ATOM   1113 O O   . LYS B 1 44  ? -11.182 8.273   -2.230  1.00 61.74  ?  945  LYS B O   1 
ATOM   1114 C CB  . LYS B 1 44  ? -13.625 10.343  -2.447  1.00 58.04  ?  945  LYS B CB  1 
ATOM   1115 N N   . PHE B 1 45  ? -10.382 10.280  -2.872  1.00 64.30  ?  946  PHE B N   1 
ATOM   1116 C CA  . PHE B 1 45  ? -9.201  9.686   -3.490  1.00 64.38  ?  946  PHE B CA  1 
ATOM   1117 C C   . PHE B 1 45  ? -8.245  9.148   -2.435  1.00 58.33  ?  946  PHE B C   1 
ATOM   1118 O O   . PHE B 1 45  ? -7.694  8.052   -2.588  1.00 59.40  ?  946  PHE B O   1 
ATOM   1119 C CB  . PHE B 1 45  ? -8.496  10.710  -4.380  1.00 57.35  ?  946  PHE B CB  1 
ATOM   1120 C CG  . PHE B 1 45  ? -7.288  10.164  -5.089  1.00 47.84  ?  946  PHE B CG  1 
ATOM   1121 C CD1 . PHE B 1 45  ? -7.426  9.431   -6.256  1.00 53.61  ?  946  PHE B CD1 1 
ATOM   1122 C CD2 . PHE B 1 45  ? -6.015  10.378  -4.586  1.00 54.54  ?  946  PHE B CD2 1 
ATOM   1123 C CE1 . PHE B 1 45  ? -6.319  8.924   -6.910  1.00 50.56  ?  946  PHE B CE1 1 
ATOM   1124 C CE2 . PHE B 1 45  ? -4.902  9.874   -5.234  1.00 54.96  ?  946  PHE B CE2 1 
ATOM   1125 C CZ  . PHE B 1 45  ? -5.055  9.146   -6.398  1.00 53.91  ?  946  PHE B CZ  1 
ATOM   1126 N N   . LEU B 1 46  ? -8.030  9.909   -1.359  1.00 61.11  ?  947  LEU B N   1 
ATOM   1127 C CA  . LEU B 1 46  ? -7.175  9.431   -0.280  1.00 66.24  ?  947  LEU B CA  1 
ATOM   1128 C C   . LEU B 1 46  ? -7.797  8.240   0.438   1.00 69.72  ?  947  LEU B C   1 
ATOM   1129 O O   . LEU B 1 46  ? -7.071  7.386   0.959   1.00 65.01  ?  947  LEU B O   1 
ATOM   1130 C CB  . LEU B 1 46  ? -6.889  10.565  0.705   1.00 65.81  ?  947  LEU B CB  1 
ATOM   1131 C CG  . LEU B 1 46  ? -6.061  11.729  0.155   1.00 63.69  ?  947  LEU B CG  1 
ATOM   1132 C CD1 . LEU B 1 46  ? -5.602  12.644  1.279   1.00 70.14  ?  947  LEU B CD1 1 
ATOM   1133 C CD2 . LEU B 1 46  ? -4.870  11.216  -0.638  1.00 63.71  ?  947  LEU B CD2 1 
ATOM   1134 N N   . PHE B 1 47  ? -9.129  8.164   0.475   0.82 66.69  ?  948  PHE B N   1 
ATOM   1135 C CA  . PHE B 1 47  ? -9.782  6.977   1.016   0.82 69.47  ?  948  PHE B CA  1 
ATOM   1136 C C   . PHE B 1 47  ? -9.589  5.780   0.095   0.82 66.85  ?  948  PHE B C   1 
ATOM   1137 O O   . PHE B 1 47  ? -9.346  4.661   0.563   0.82 64.29  ?  948  PHE B O   1 
ATOM   1138 C CB  . PHE B 1 47  ? -11.268 7.248   1.241   0.82 56.69  ?  948  PHE B CB  1 
ATOM   1139 C CG  . PHE B 1 47  ? -12.047 6.035   1.657   0.82 59.79  ?  948  PHE B CG  1 
ATOM   1140 C CD1 . PHE B 1 47  ? -11.836 5.454   2.896   0.82 63.96  ?  948  PHE B CD1 1 
ATOM   1141 C CD2 . PHE B 1 47  ? -12.985 5.472   0.809   0.82 63.01  ?  948  PHE B CD2 1 
ATOM   1142 C CE1 . PHE B 1 47  ? -12.548 4.336   3.284   0.82 66.38  ?  948  PHE B CE1 1 
ATOM   1143 C CE2 . PHE B 1 47  ? -13.700 4.354   1.190   0.82 70.13  ?  948  PHE B CE2 1 
ATOM   1144 C CZ  . PHE B 1 47  ? -13.482 3.785   2.429   0.82 69.17  ?  948  PHE B CZ  1 
ATOM   1145 N N   . PHE B 1 48  ? -9.701  5.996   -1.220  1.00 66.28  ?  949  PHE B N   1 
ATOM   1146 C CA  . PHE B 1 48  ? -9.390  4.945   -2.183  1.00 70.01  ?  949  PHE B CA  1 
ATOM   1147 C C   . PHE B 1 48  ? -7.950  4.475   -2.046  1.00 71.19  ?  949  PHE B C   1 
ATOM   1148 O O   . PHE B 1 48  ? -7.650  3.300   -2.286  1.00 82.02  ?  949  PHE B O   1 
ATOM   1149 C CB  . PHE B 1 48  ? -9.661  5.450   -3.605  1.00 64.97  ?  949  PHE B CB  1 
ATOM   1150 C CG  . PHE B 1 48  ? -8.788  4.821   -4.662  1.00 69.36  ?  949  PHE B CG  1 
ATOM   1151 C CD1 . PHE B 1 48  ? -9.168  3.640   -5.278  1.00 67.95  ?  949  PHE B CD1 1 
ATOM   1152 C CD2 . PHE B 1 48  ? -7.600  5.424   -5.057  1.00 66.80  ?  949  PHE B CD2 1 
ATOM   1153 C CE1 . PHE B 1 48  ? -8.377  3.061   -6.254  1.00 72.62  ?  949  PHE B CE1 1 
ATOM   1154 C CE2 . PHE B 1 48  ? -6.802  4.847   -6.030  1.00 74.84  ?  949  PHE B CE2 1 
ATOM   1155 C CZ  . PHE B 1 48  ? -7.192  3.666   -6.631  1.00 64.56  ?  949  PHE B CZ  1 
ATOM   1156 N N   . LEU B 1 49  ? -7.052  5.375   -1.653  1.00 69.67  ?  950  LEU B N   1 
ATOM   1157 C CA  . LEU B 1 49  ? -5.630  5.082   -1.573  1.00 70.41  ?  950  LEU B CA  1 
ATOM   1158 C C   . LEU B 1 49  ? -5.214  4.532   -0.215  1.00 77.65  ?  950  LEU B C   1 
ATOM   1159 O O   . LEU B 1 49  ? -4.283  3.720   -0.144  1.00 71.61  ?  950  LEU B O   1 
ATOM   1160 C CB  . LEU B 1 49  ? -4.835  6.349   -1.898  1.00 67.64  ?  950  LEU B CB  1 
ATOM   1161 C CG  . LEU B 1 49  ? -3.421  6.535   -1.360  1.00 72.00  ?  950  LEU B CG  1 
ATOM   1162 C CD1 . LEU B 1 49  ? -2.423  5.680   -2.123  1.00 69.38  ?  950  LEU B CD1 1 
ATOM   1163 C CD2 . LEU B 1 49  ? -3.066  8.003   -1.445  1.00 72.01  ?  950  LEU B CD2 1 
ATOM   1164 N N   . THR B 1 50  ? -5.880  4.942   0.859   1.00 81.04  ?  951  THR B N   1 
ATOM   1165 C CA  . THR B 1 50  ? -5.556  4.442   2.190   1.00 78.06  ?  951  THR B CA  1 
ATOM   1166 C C   . THR B 1 50  ? -6.714  3.637   2.772   1.00 78.94  ?  951  THR B C   1 
ATOM   1167 O O   . THR B 1 50  ? -7.034  2.551   2.285   1.00 78.45  ?  951  THR B O   1 
ATOM   1168 C CB  . THR B 1 50  ? -5.204  5.588   3.156   1.00 79.84  ?  951  THR B CB  1 
ATOM   1169 O OG1 . THR B 1 50  ? -6.394  6.311   3.497   1.00 77.64  ?  951  THR B OG1 1 
ATOM   1170 C CG2 . THR B 1 50  ? -4.205  6.535   2.513   1.00 81.16  ?  951  THR B CG2 1 
ATOM   1171 N N   . LEU B 1 55  ? -8.830  12.786  8.484   1.00 92.94  ?  956  LEU B N   1 
ATOM   1172 C CA  . LEU B 1 55  ? -7.541  13.334  8.076   1.00 95.63  ?  956  LEU B CA  1 
ATOM   1173 C C   . LEU B 1 55  ? -7.250  14.632  8.822   1.00 101.49 ?  956  LEU B C   1 
ATOM   1174 O O   . LEU B 1 55  ? -7.765  14.859  9.918   1.00 99.60  ?  956  LEU B O   1 
ATOM   1175 C CB  . LEU B 1 55  ? -7.485  13.585  6.560   1.00 95.69  ?  956  LEU B CB  1 
ATOM   1176 C CG  . LEU B 1 55  ? -8.251  14.702  5.828   1.00 91.07  ?  956  LEU B CG  1 
ATOM   1177 C CD1 . LEU B 1 55  ? -8.057  14.656  4.312   1.00 89.01  ?  956  LEU B CD1 1 
ATOM   1178 C CD2 . LEU B 1 55  ? -9.735  14.723  6.201   1.00 82.98  ?  956  LEU B CD2 1 
ATOM   1179 N N   . HIS B 1 56  ? -6.420  15.476  8.217   1.00 105.29 ?  957  HIS B N   1 
ATOM   1180 C CA  . HIS B 1 56  ? -6.071  16.771  8.791   1.00 99.52  ?  957  HIS B CA  1 
ATOM   1181 C C   . HIS B 1 56  ? -5.435  17.675  7.737   1.00 88.99  ?  957  HIS B C   1 
ATOM   1182 O O   . HIS B 1 56  ? -4.552  18.479  8.037   1.00 87.11  ?  957  HIS B O   1 
ATOM   1183 C CB  . HIS B 1 56  ? -5.126  16.597  9.983   1.00 106.00 ?  957  HIS B CB  1 
ATOM   1184 C CG  . HIS B 1 56  ? -3.771  16.081  9.610   1.00 104.52 ?  957  HIS B CG  1 
ATOM   1185 N ND1 . HIS B 1 56  ? -2.658  16.893  9.546   1.00 100.25 ?  957  HIS B ND1 1 
ATOM   1186 C CD2 . HIS B 1 56  ? -3.349  14.837  9.281   1.00 101.78 ?  957  HIS B CD2 1 
ATOM   1187 C CE1 . HIS B 1 56  ? -1.609  16.170  9.195   1.00 102.43 ?  957  HIS B CE1 1 
ATOM   1188 N NE2 . HIS B 1 56  ? -2.001  14.920  9.027   1.00 101.35 ?  957  HIS B NE2 1 
ATOM   1189 N N   . ILE B 1 60  ? -3.954  14.728  3.646   0.93 78.41  ?  961  ILE B N   1 
ATOM   1190 C CA  . ILE B 1 60  ? -3.152  14.911  4.848   0.93 89.61  ?  961  ILE B CA  1 
ATOM   1191 C C   . ILE B 1 60  ? -2.008  15.883  4.583   0.93 97.25  ?  961  ILE B C   1 
ATOM   1192 O O   . ILE B 1 60  ? -1.995  16.584  3.570   0.93 88.09  ?  961  ILE B O   1 
ATOM   1193 C CB  . ILE B 1 60  ? -2.610  13.566  5.364   0.93 87.34  ?  961  ILE B CB  1 
ATOM   1194 N N   . GLN B 1 61  ? -1.051  15.925  5.512   0.94 96.71  ?  962  GLN B N   1 
ATOM   1195 C CA  . GLN B 1 61  ? 0.154   16.723  5.340   0.94 94.61  ?  962  GLN B CA  1 
ATOM   1196 C C   . GLN B 1 61  ? 1.424   15.969  5.709   0.94 92.10  ?  962  GLN B C   1 
ATOM   1197 O O   . GLN B 1 61  ? 2.514   16.535  5.584   0.94 78.77  ?  962  GLN B O   1 
ATOM   1198 C CB  . GLN B 1 61  ? 0.069   18.016  6.166   0.94 95.00  ?  962  GLN B CB  1 
ATOM   1199 N N   . LYS B 1 62  ? 1.319   14.721  6.168   1.00 91.63  ?  963  LYS B N   1 
ATOM   1200 C CA  . LYS B 1 62  ? 2.476   13.877  6.415   1.00 86.28  ?  963  LYS B CA  1 
ATOM   1201 C C   . LYS B 1 62  ? 2.409   12.546  5.683   1.00 87.17  ?  963  LYS B C   1 
ATOM   1202 O O   . LYS B 1 62  ? 3.382   11.787  5.733   1.00 84.33  ?  963  LYS B O   1 
ATOM   1203 C CB  . LYS B 1 62  ? 2.644   13.613  7.918   1.00 89.57  ?  963  LYS B CB  1 
ATOM   1204 N N   . MET B 1 63  ? 1.299   12.238  5.020   0.94 87.02  ?  964  MET B N   1 
ATOM   1205 C CA  . MET B 1 63  ? 1.196   11.017  4.236   0.94 76.91  ?  964  MET B CA  1 
ATOM   1206 C C   . MET B 1 63  ? 2.052   11.120  2.982   0.94 72.01  ?  964  MET B C   1 
ATOM   1207 O O   . MET B 1 63  ? 2.080   12.154  2.311   0.94 62.96  ?  964  MET B O   1 
ATOM   1208 C CB  . MET B 1 63  ? -0.258  10.756  3.853   0.94 76.81  ?  964  MET B CB  1 
ATOM   1209 C CG  . MET B 1 63  ? -0.553  9.327   3.434   0.94 85.41  ?  964  MET B CG  1 
ATOM   1210 S SD  . MET B 1 63  ? -1.953  9.247   2.300   0.94 108.97 ?  964  MET B SD  1 
ATOM   1211 C CE  . MET B 1 63  ? -3.086  10.397  3.079   0.94 86.37  ?  964  MET B CE  1 
ATOM   1212 N N   . GLU B 1 64  ? 2.750   10.035  2.664   1.00 78.17  ?  965  GLU B N   1 
ATOM   1213 C CA  . GLU B 1 64  ? 3.579   9.959   1.470   1.00 69.67  ?  965  GLU B CA  1 
ATOM   1214 C C   . GLU B 1 64  ? 3.032   8.874   0.556   1.00 70.33  ?  965  GLU B C   1 
ATOM   1215 O O   . GLU B 1 64  ? 2.665   7.787   1.021   1.00 75.45  ?  965  GLU B O   1 
ATOM   1216 C CB  . GLU B 1 64  ? 5.042   9.682   1.831   1.00 71.00  ?  965  GLU B CB  1 
ATOM   1217 C CG  . GLU B 1 64  ? 5.319   8.294   2.382   1.00 80.01  ?  965  GLU B CG  1 
ATOM   1218 C CD  . GLU B 1 64  ? 6.732   7.846   2.105   1.00 83.96  ?  965  GLU B CD  1 
ATOM   1219 O OE1 . GLU B 1 64  ? 7.622   8.719   2.052   1.00 83.23  ?  965  GLU B OE1 1 
ATOM   1220 O OE2 . GLU B 1 64  ? 6.953   6.628   1.932   1.00 87.70  -1 965  GLU B OE2 1 
ATOM   1221 N N   . ILE B 1 65  ? 2.947   9.178   -0.735  1.00 63.15  ?  966  ILE B N   1 
ATOM   1222 C CA  . ILE B 1 65  ? 2.519   8.216   -1.740  1.00 55.99  ?  966  ILE B CA  1 
ATOM   1223 C C   . ILE B 1 65  ? 3.685   7.966   -2.681  1.00 47.30  ?  966  ILE B C   1 
ATOM   1224 O O   . ILE B 1 65  ? 4.427   8.892   -3.034  1.00 40.13  ?  966  ILE B O   1 
ATOM   1225 C CB  . ILE B 1 65  ? 1.261   8.695   -2.497  1.00 59.37  ?  966  ILE B CB  1 
ATOM   1226 C CG1 . ILE B 1 65  ? 1.589   9.825   -3.475  1.00 67.20  ?  966  ILE B CG1 1 
ATOM   1227 C CG2 . ILE B 1 65  ? 0.216   9.172   -1.511  1.00 73.22  ?  966  ILE B CG2 1 
ATOM   1228 C CD1 . ILE B 1 65  ? 0.369   10.567  -3.990  1.00 59.19  ?  966  ILE B CD1 1 
ATOM   1229 N N   . VAL B 1 66  ? 3.874   6.707   -3.056  1.00 45.76  ?  967  VAL B N   1 
ATOM   1230 C CA  . VAL B 1 66  ? 4.990   6.288   -3.893  1.00 43.83  ?  967  VAL B CA  1 
ATOM   1231 C C   . VAL B 1 66  ? 4.438   5.889   -5.251  1.00 40.68  ?  967  VAL B C   1 
ATOM   1232 O O   . VAL B 1 66  ? 3.525   5.058   -5.339  1.00 43.64  ?  967  VAL B O   1 
ATOM   1233 C CB  . VAL B 1 66  ? 5.776   5.134   -3.249  1.00 42.68  ?  967  VAL B CB  1 
ATOM   1234 C CG1 . VAL B 1 66  ? 7.027   4.836   -4.053  1.00 45.61  ?  967  VAL B CG1 1 
ATOM   1235 C CG2 . VAL B 1 66  ? 6.129   5.473   -1.806  1.00 37.64  ?  967  VAL B CG2 1 
ATOM   1236 N N   . PHE B 1 67  ? 4.980   6.483   -6.307  1.00 39.36  ?  968  PHE B N   1 
ATOM   1237 C CA  . PHE B 1 67  ? 4.529   6.218   -7.665  1.00 42.75  ?  968  PHE B CA  1 
ATOM   1238 C C   . PHE B 1 67  ? 5.406   5.152   -8.307  1.00 44.56  ?  968  PHE B C   1 
ATOM   1239 O O   . PHE B 1 67  ? 6.627   5.144   -8.129  1.00 41.39  ?  968  PHE B O   1 
ATOM   1240 C CB  . PHE B 1 67  ? 4.552   7.491   -8.511  1.00 42.60  ?  968  PHE B CB  1 
ATOM   1241 C CG  . PHE B 1 67  ? 3.564   8.532   -8.071  1.00 38.03  ?  968  PHE B CG  1 
ATOM   1242 C CD1 . PHE B 1 67  ? 2.328   8.632   -8.684  1.00 42.39  ?  968  PHE B CD1 1 
ATOM   1243 C CD2 . PHE B 1 67  ? 3.877   9.417   -7.053  1.00 48.18  ?  968  PHE B CD2 1 
ATOM   1244 C CE1 . PHE B 1 67  ? 1.418   9.590   -8.286  1.00 49.47  ?  968  PHE B CE1 1 
ATOM   1245 C CE2 . PHE B 1 67  ? 2.972   10.379  -6.651  1.00 46.00  ?  968  PHE B CE2 1 
ATOM   1246 C CZ  . PHE B 1 67  ? 1.741   10.465  -7.267  1.00 49.08  ?  968  PHE B CZ  1 
ATOM   1247 N N   . ARG B 1 68  ? 4.771   4.254   -9.058  1.00 43.24  ?  969  ARG B N   1 
ATOM   1248 C CA  . ARG B 1 68  ? 5.471   3.203   -9.777  1.00 46.69  ?  969  ARG B CA  1 
ATOM   1249 C C   . ARG B 1 68  ? 4.754   2.934   -11.090 1.00 48.51  ?  969  ARG B C   1 
ATOM   1250 O O   . ARG B 1 68  ? 3.522   2.948   -11.148 1.00 39.68  ?  969  ARG B O   1 
ATOM   1251 C CB  . ARG B 1 68  ? 5.554   1.913   -8.952  1.00 48.30  ?  969  ARG B CB  1 
ATOM   1252 N N   . SER B 1 69  ? 5.532   2.699   -12.138 1.00 36.81  ?  970  SER B N   1 
ATOM   1253 C CA  . SER B 1 69  ? 4.960   2.333   -13.424 1.00 41.46  ?  970  SER B CA  1 
ATOM   1254 C C   . SER B 1 69  ? 4.469   0.886   -13.376 1.00 43.83  ?  970  SER B C   1 
ATOM   1255 O O   . SER B 1 69  ? 5.112   0.034   -12.760 1.00 51.47  ?  970  SER B O   1 
ATOM   1256 C CB  . SER B 1 69  ? 5.995   2.500   -14.535 1.00 43.62  ?  970  SER B CB  1 
ATOM   1257 O OG  . SER B 1 69  ? 5.376   2.810   -15.772 1.00 64.25  ?  970  SER B OG  1 
ATOM   1258 N N   . PRO B 1 70  ? 3.330   0.587   -14.011 1.00 44.15  ?  971  PRO B N   1 
ATOM   1259 C CA  . PRO B 1 70  ? 2.759   -0.767  -13.886 1.00 43.61  ?  971  PRO B CA  1 
ATOM   1260 C C   . PRO B 1 70  ? 3.658   -1.874  -14.412 1.00 49.18  ?  971  PRO B C   1 
ATOM   1261 O O   . PRO B 1 70  ? 3.610   -2.994  -13.887 1.00 48.09  ?  971  PRO B O   1 
ATOM   1262 C CB  . PRO B 1 70  ? 1.458   -0.667  -14.696 1.00 46.25  ?  971  PRO B CB  1 
ATOM   1263 C CG  . PRO B 1 70  ? 1.120   0.789   -14.700 1.00 41.91  ?  971  PRO B CG  1 
ATOM   1264 C CD  . PRO B 1 70  ? 2.441   1.498   -14.749 1.00 49.12  ?  971  PRO B CD  1 
ATOM   1265 N N   . GLU B 1 71  ? 4.483   -1.603  -15.425 1.00 48.24  ?  972  GLU B N   1 
ATOM   1266 C CA  . GLU B 1 71  ? 5.302   -2.653  -16.024 1.00 58.13  ?  972  GLU B CA  1 
ATOM   1267 C C   . GLU B 1 71  ? 6.465   -3.091  -15.140 1.00 58.38  ?  972  GLU B C   1 
ATOM   1268 O O   . GLU B 1 71  ? 7.182   -4.025  -15.518 1.00 63.22  ?  972  GLU B O   1 
ATOM   1269 C CB  . GLU B 1 71  ? 5.837   -2.192  -17.382 1.00 56.04  ?  972  GLU B CB  1 
ATOM   1270 C CG  . GLU B 1 71  ? 7.090   -1.327  -17.304 1.00 51.75  ?  972  GLU B CG  1 
ATOM   1271 C CD  . GLU B 1 71  ? 6.776   0.149   -17.155 1.00 61.34  ?  972  GLU B CD  1 
ATOM   1272 O OE1 . GLU B 1 71  ? 5.584   0.490   -16.998 1.00 55.81  ?  972  GLU B OE1 1 
ATOM   1273 O OE2 . GLU B 1 71  ? 7.719   0.968   -17.197 1.00 54.26  -1 972  GLU B OE2 1 
ATOM   1274 N N   . THR B 1 72  ? 6.667   -2.462  -13.983 1.00 42.94  ?  973  THR B N   1 
ATOM   1275 C CA  . THR B 1 72  ? 7.815   -2.730  -13.127 1.00 54.50  ?  973  THR B CA  1 
ATOM   1276 C C   . THR B 1 72  ? 7.428   -3.476  -11.852 1.00 64.17  ?  973  THR B C   1 
ATOM   1277 O O   . THR B 1 72  ? 8.031   -3.264  -10.798 1.00 68.33  ?  973  THR B O   1 
ATOM   1278 C CB  . THR B 1 72  ? 8.528   -1.425  -12.770 1.00 54.08  ?  973  THR B CB  1 
ATOM   1279 O OG1 . THR B 1 72  ? 7.767   -0.721  -11.780 1.00 48.21  ?  973  THR B OG1 1 
ATOM   1280 C CG2 . THR B 1 72  ? 8.680   -0.544  -14.001 1.00 47.62  ?  973  THR B CG2 1 
ATOM   1281 N N   . PHE B 1 73  ? 6.432   -4.358  -11.931 1.00 64.12  ?  974  PHE B N   1 
ATOM   1282 C CA  . PHE B 1 73  ? 5.911   -4.994  -10.726 1.00 70.72  ?  974  PHE B CA  1 
ATOM   1283 C C   . PHE B 1 73  ? 6.036   -6.512  -10.760 1.00 84.04  ?  974  PHE B C   1 
ATOM   1284 O O   . PHE B 1 73  ? 6.946   -7.076  -10.142 1.00 87.05  ?  974  PHE B O   1 
ATOM   1285 C CB  . PHE B 1 73  ? 4.449   -4.599  -10.512 1.00 67.00  ?  974  PHE B CB  1 
ATOM   1286 N N   . SER B 1 74  ? 5.122   -7.172  -11.469 0.67 79.74  ?  975  SER B N   1 
ATOM   1287 C CA  . SER B 1 74  ? 4.979   -8.632  -11.452 0.67 76.45  ?  975  SER B CA  1 
ATOM   1288 C C   . SER B 1 74  ? 6.296   -9.386  -11.617 0.67 71.65  ?  975  SER B C   1 
ATOM   1289 O O   . SER B 1 74  ? 6.742   -10.076 -10.699 0.67 77.85  ?  975  SER B O   1 
ATOM   1290 C CB  . SER B 1 74  ? 4.005   -9.072  -12.548 0.67 70.41  ?  975  SER B CB  1 
ATOM   1291 O OG  . SER B 1 74  ? 2.680   -9.153  -12.052 0.67 75.54  ?  975  SER B OG  1 
ATOM   1292 N N   . PRO B 1 79  ? -2.889  -2.429  -15.309 1.00 72.21  ?  980  PRO B N   1 
ATOM   1293 C CA  . PRO B 1 79  ? -2.182  -2.040  -16.533 1.00 78.79  ?  980  PRO B CA  1 
ATOM   1294 C C   . PRO B 1 79  ? -2.814  -0.829  -17.210 1.00 70.47  ?  980  PRO B C   1 
ATOM   1295 O O   . PRO B 1 79  ? -2.097  0.047   -17.688 1.00 65.83  ?  980  PRO B O   1 
ATOM   1296 C CB  . PRO B 1 79  ? -2.298  -3.286  -17.418 1.00 72.24  ?  980  PRO B CB  1 
ATOM   1297 C CG  . PRO B 1 79  ? -3.508  -3.995  -16.917 1.00 68.63  ?  980  PRO B CG  1 
ATOM   1298 C CD  . PRO B 1 79  ? -3.546  -3.740  -15.439 1.00 89.07  ?  980  PRO B CD  1 
ATOM   1299 N N   . THR B 1 80  ? -4.145  -0.785  -17.239 1.00 59.25  ?  981  THR B N   1 
ATOM   1300 C CA  . THR B 1 80  ? -4.885  0.321   -17.832 1.00 67.78  ?  981  THR B CA  1 
ATOM   1301 C C   . THR B 1 80  ? -5.491  1.261   -16.800 1.00 64.22  ?  981  THR B C   1 
ATOM   1302 O O   . THR B 1 80  ? -5.606  2.460   -17.066 1.00 60.60  ?  981  THR B O   1 
ATOM   1303 C CB  . THR B 1 80  ? -5.996  -0.225  -18.747 1.00 82.44  ?  981  THR B CB  1 
ATOM   1304 O OG1 . THR B 1 80  ? -5.403  -0.943  -19.836 1.00 76.64  ?  981  THR B OG1 1 
ATOM   1305 C CG2 . THR B 1 80  ? -6.863  0.896   -19.311 1.00 78.41  ?  981  THR B CG2 1 
ATOM   1306 N N   . SER B 1 81  ? -5.842  0.759   -15.621 1.00 63.38  ?  982  SER B N   1 
ATOM   1307 C CA  . SER B 1 81  ? -6.466  1.558   -14.578 1.00 65.28  ?  982  SER B CA  1 
ATOM   1308 C C   . SER B 1 81  ? -5.513  1.768   -13.406 1.00 56.54  ?  982  SER B C   1 
ATOM   1309 O O   . SER B 1 81  ? -4.537  1.036   -13.225 1.00 51.73  ?  982  SER B O   1 
ATOM   1310 C CB  . SER B 1 81  ? -7.758  0.895   -14.086 1.00 66.63  ?  982  SER B CB  1 
ATOM   1311 O OG  . SER B 1 81  ? -7.640  -0.517  -14.094 1.00 70.47  ?  982  SER B OG  1 
ATOM   1312 N N   . ILE B 1 82  ? -5.821  2.791   -12.607 1.00 51.26  ?  983  ILE B N   1 
ATOM   1313 C CA  . ILE B 1 82  ? -5.045  3.094   -11.410 1.00 44.12  ?  983  ILE B CA  1 
ATOM   1314 C C   . ILE B 1 82  ? -5.364  2.071   -10.327 1.00 56.09  ?  983  ILE B C   1 
ATOM   1315 O O   . ILE B 1 82  ? -6.536  1.781   -10.052 1.00 52.88  ?  983  ILE B O   1 
ATOM   1316 C CB  . ILE B 1 82  ? -5.344  4.521   -10.927 1.00 44.93  ?  983  ILE B CB  1 
ATOM   1317 C CG1 . ILE B 1 82  ? -4.850  5.554   -11.940 1.00 47.96  ?  983  ILE B CG1 1 
ATOM   1318 C CG2 . ILE B 1 82  ? -4.734  4.772   -9.554  1.00 46.56  ?  983  ILE B CG2 1 
ATOM   1319 C CD1 . ILE B 1 82  ? -5.286  6.967   -11.621 1.00 50.99  ?  983  ILE B CD1 1 
ATOM   1320 N N   . THR B 1 83  ? -4.321  1.519   -9.705  1.00 49.90  ?  984  THR B N   1 
ATOM   1321 C CA  . THR B 1 83  ? -4.474  0.593   -8.591  1.00 46.72  ?  984  THR B CA  1 
ATOM   1322 C C   . THR B 1 83  ? -3.513  0.970   -7.473  1.00 46.66  ?  984  THR B C   1 
ATOM   1323 O O   . THR B 1 83  ? -2.452  1.553   -7.711  1.00 43.56  ?  984  THR B O   1 
ATOM   1324 C CB  . THR B 1 83  ? -4.227  -0.868  -9.009  1.00 47.01  ?  984  THR B CB  1 
ATOM   1325 O OG1 . THR B 1 83  ? -2.911  -0.998  -9.562  1.00 50.53  ?  984  THR B OG1 1 
ATOM   1326 C CG2 . THR B 1 83  ? -5.258  -1.325  -10.035 1.00 50.10  ?  984  THR B CG2 1 
ATOM   1327 N N   . CYS B 1 84  ? -3.897  0.629   -6.245  1.00 46.87  ?  985  CYS B N   1 
ATOM   1328 C CA  . CYS B 1 84  ? -3.092  0.884   -5.061  1.00 51.06  ?  985  CYS B CA  1 
ATOM   1329 C C   . CYS B 1 84  ? -2.655  -0.441  -4.453  1.00 51.88  ?  985  CYS B C   1 
ATOM   1330 O O   . CYS B 1 84  ? -3.396  -1.428  -4.495  1.00 56.00  ?  985  CYS B O   1 
ATOM   1331 C CB  . CYS B 1 84  ? -3.869  1.705   -4.026  1.00 57.66  ?  985  CYS B CB  1 
ATOM   1332 S SG  . CYS B 1 84  ? -2.944  2.065   -2.514  1.00 82.51  ?  985  CYS B SG  1 
ATOM   1333 N N   . HIS B 1 85  ? -1.450  -0.460  -3.890  1.00 47.72  ?  986  HIS B N   1 
ATOM   1334 C CA  . HIS B 1 85  ? -0.878  -1.671  -3.319  1.00 54.60  ?  986  HIS B CA  1 
ATOM   1335 C C   . HIS B 1 85  ? -0.279  -1.366  -1.956  1.00 52.75  ?  986  HIS B C   1 
ATOM   1336 O O   . HIS B 1 85  ? 0.533   -0.444  -1.822  1.00 49.58  ?  986  HIS B O   1 
ATOM   1337 C CB  . HIS B 1 85  ? 0.191   -2.265  -4.240  1.00 48.29  ?  986  HIS B CB  1 
ATOM   1338 C CG  . HIS B 1 85  ? -0.349  -2.767  -5.543  1.00 59.02  ?  986  HIS B CG  1 
ATOM   1339 N ND1 . HIS B 1 85  ? -1.375  -3.684  -5.619  1.00 71.78  ?  986  HIS B ND1 1 
ATOM   1340 C CD2 . HIS B 1 85  ? -0.009  -2.476  -6.820  1.00 62.78  ?  986  HIS B CD2 1 
ATOM   1341 C CE1 . HIS B 1 85  ? -1.642  -3.939  -6.887  1.00 62.80  ?  986  HIS B CE1 1 
ATOM   1342 N NE2 . HIS B 1 85  ? -0.827  -3.218  -7.637  1.00 67.45  ?  986  HIS B NE2 1 
ATOM   1343 N N   . ASN B 1 86  ? -0.683  -2.141  -0.951  1.00 43.57  ?  987  ASN B N   1 
ATOM   1344 C CA  . ASN B 1 86  ? -0.064  -2.098  0.369   1.00 49.17  ?  987  ASN B CA  1 
ATOM   1345 C C   . ASN B 1 86  ? 1.101   -3.077  0.370   1.00 48.21  ?  987  ASN B C   1 
ATOM   1346 O O   . ASN B 1 86  ? 0.897   -4.296  0.350   1.00 51.59  ?  987  ASN B O   1 
ATOM   1347 C CB  . ASN B 1 86  ? -1.070  -2.450  1.462   1.00 49.03  ?  987  ASN B CB  1 
ATOM   1348 C CG  . ASN B 1 86  ? -2.206  -1.454  1.553   1.00 55.68  ?  987  ASN B CG  1 
ATOM   1349 O OD1 . ASN B 1 86  ? -2.056  -0.370  2.116   1.00 67.16  ?  987  ASN B OD1 1 
ATOM   1350 N ND2 . ASN B 1 86  ? -3.357  -1.822  1.006   1.00 56.69  ?  987  ASN B ND2 1 
ATOM   1351 N N   . ILE B 1 87  ? 2.321   -2.550  0.387   1.00 48.45  ?  988  ILE B N   1 
ATOM   1352 C CA  . ILE B 1 87  ? 3.521   -3.376  0.397   1.00 53.00  ?  988  ILE B CA  1 
ATOM   1353 C C   . ILE B 1 87  ? 3.979   -3.546  1.839   1.00 55.50  ?  988  ILE B C   1 
ATOM   1354 O O   . ILE B 1 87  ? 3.818   -2.644  2.672   1.00 56.73  ?  988  ILE B O   1 
ATOM   1355 C CB  . ILE B 1 87  ? 4.632   -2.785  -0.508  1.00 52.00  ?  988  ILE B CB  1 
ATOM   1356 C CG1 . ILE B 1 87  ? 5.220   -1.479  0.030   1.00 65.37  ?  988  ILE B CG1 1 
ATOM   1357 C CG2 . ILE B 1 87  ? 4.139   -2.594  -1.937  1.00 55.62  ?  988  ILE B CG2 1 
ATOM   1358 C CD1 . ILE B 1 87  ? 6.411   -1.672  0.926   1.00 75.61  ?  988  ILE B CD1 1 
ATOM   1359 N N   . LEU B 1 88  ? 4.513   -4.721  2.143   1.00 59.49  ?  989  LEU B N   1 
ATOM   1360 C CA  . LEU B 1 88  ? 5.148   -4.998  3.424   1.00 49.28  ?  989  LEU B CA  1 
ATOM   1361 C C   . LEU B 1 88  ? 6.628   -5.232  3.157   1.00 52.51  ?  989  LEU B C   1 
ATOM   1362 O O   . LEU B 1 88  ? 6.989   -6.157  2.421   1.00 48.28  ?  989  LEU B O   1 
ATOM   1363 C CB  . LEU B 1 88  ? 4.518   -6.211  4.110   1.00 49.54  ?  989  LEU B CB  1 
ATOM   1364 C CG  . LEU B 1 88  ? 4.909   -6.436  5.573   1.00 56.89  ?  989  LEU B CG  1 
ATOM   1365 C CD1 . LEU B 1 88  ? 4.487   -5.248  6.422   1.00 61.99  ?  989  LEU B CD1 1 
ATOM   1366 C CD2 . LEU B 1 88  ? 4.306   -7.726  6.117   1.00 51.11  ?  989  LEU B CD2 1 
ATOM   1367 N N   . SER B 1 89  ? 7.471   -4.373  3.720   1.00 44.74  ?  990  SER B N   1 
ATOM   1368 C CA  . SER B 1 89  ? 8.920   -4.533  3.619   1.00 57.37  ?  990  SER B CA  1 
ATOM   1369 C C   . SER B 1 89  ? 9.368   -5.335  4.832   1.00 49.76  ?  990  SER B C   1 
ATOM   1370 O O   . SER B 1 89  ? 9.452   -4.811  5.945   1.00 47.39  ?  990  SER B O   1 
ATOM   1371 C CB  . SER B 1 89  ? 9.611   -3.178  3.541   1.00 58.47  ?  990  SER B CB  1 
ATOM   1372 O OG  . SER B 1 89  ? 11.018  -3.330  3.496   1.00 60.66  ?  990  SER B OG  1 
ATOM   1373 N N   . LEU B 1 90  ? 9.649   -6.617  4.617   1.00 46.73  ?  991  LEU B N   1 
ATOM   1374 C CA  . LEU B 1 90  ? 9.919   -7.543  5.709   1.00 45.97  ?  991  LEU B CA  1 
ATOM   1375 C C   . LEU B 1 90  ? 11.377  -7.977  5.688   1.00 48.32  ?  991  LEU B C   1 
ATOM   1376 O O   . LEU B 1 90  ? 11.786  -8.704  4.769   1.00 50.57  ?  991  LEU B O   1 
ATOM   1377 C CB  . LEU B 1 90  ? 9.001   -8.762  5.607   1.00 46.86  ?  991  LEU B CB  1 
ATOM   1378 C CG  . LEU B 1 90  ? 9.204   -9.854  6.657   1.00 49.37  ?  991  LEU B CG  1 
ATOM   1379 C CD1 . LEU B 1 90  ? 8.830   -9.342  8.037   1.00 45.22  ?  991  LEU B CD1 1 
ATOM   1380 C CD2 . LEU B 1 90  ? 8.396   -11.091 6.300   1.00 44.49  ?  991  LEU B CD2 1 
ATOM   1381 N N   . PRO B 1 91  ? 12.190  -7.568  6.662   1.00 51.50  ?  992  PRO B N   1 
ATOM   1382 C CA  . PRO B 1 91  ? 13.572  -8.053  6.720   1.00 57.94  ?  992  PRO B CA  1 
ATOM   1383 C C   . PRO B 1 91  ? 13.621  -9.568  6.852   1.00 59.03  ?  992  PRO B C   1 
ATOM   1384 O O   . PRO B 1 91  ? 12.777  -10.186 7.507   1.00 57.48  ?  992  PRO B O   1 
ATOM   1385 C CB  . PRO B 1 91  ? 14.143  -7.364  7.965   1.00 55.62  ?  992  PRO B CB  1 
ATOM   1386 C CG  . PRO B 1 91  ? 13.269  -6.169  8.171   1.00 64.29  ?  992  PRO B CG  1 
ATOM   1387 C CD  . PRO B 1 91  ? 11.902  -6.591  7.726   1.00 53.30  ?  992  PRO B CD  1 
ATOM   1388 N N   . LYS B 1 92  ? 14.629  -10.164 6.215   1.00 58.73  ?  993  LYS B N   1 
ATOM   1389 C CA  . LYS B 1 92  ? 14.787  -11.616 6.184   1.00 59.56  ?  993  LYS B CA  1 
ATOM   1390 C C   . LYS B 1 92  ? 15.184  -12.103 7.575   1.00 60.38  ?  993  LYS B C   1 
ATOM   1391 O O   . LYS B 1 92  ? 16.356  -12.316 7.891   1.00 62.90  ?  993  LYS B O   1 
ATOM   1392 C CB  . LYS B 1 92  ? 15.818  -12.022 5.139   1.00 56.17  ?  993  LYS B CB  1 
ATOM   1393 N N   . TYR B 1 93  ? 14.177  -12.277 8.424   1.00 65.09  ?  994  TYR B N   1 
ATOM   1394 C CA  . TYR B 1 93  ? 14.403  -12.838 9.744   1.00 52.90  ?  994  TYR B CA  1 
ATOM   1395 C C   . TYR B 1 93  ? 14.597  -14.346 9.650   1.00 60.52  ?  994  TYR B C   1 
ATOM   1396 O O   . TYR B 1 93  ? 13.991  -15.020 8.811   1.00 56.79  ?  994  TYR B O   1 
ATOM   1397 C CB  . TYR B 1 93  ? 13.232  -12.519 10.673  1.00 55.08  ?  994  TYR B CB  1 
ATOM   1398 C CG  . TYR B 1 93  ? 12.987  -11.039 10.873  1.00 60.54  ?  994  TYR B CG  1 
ATOM   1399 C CD1 . TYR B 1 93  ? 14.018  -10.192 11.261  1.00 58.67  ?  994  TYR B CD1 1 
ATOM   1400 C CD2 . TYR B 1 93  ? 11.725  -10.493 10.685  1.00 55.66  ?  994  TYR B CD2 1 
ATOM   1401 C CE1 . TYR B 1 93  ? 13.798  -8.835  11.449  1.00 55.73  ?  994  TYR B CE1 1 
ATOM   1402 C CE2 . TYR B 1 93  ? 11.496  -9.139  10.872  1.00 51.59  ?  994  TYR B CE2 1 
ATOM   1403 C CZ  . TYR B 1 93  ? 12.535  -8.317  11.255  1.00 58.14  ?  994  TYR B CZ  1 
ATOM   1404 O OH  . TYR B 1 93  ? 12.311  -6.970  11.440  1.00 53.71  ?  994  TYR B OH  1 
ATOM   1405 N N   . SER B 1 94  ? 15.453  -14.875 10.526  1.00 69.15  ?  995  SER B N   1 
ATOM   1406 C CA  . SER B 1 94  ? 15.744  -16.301 10.553  1.00 68.61  ?  995  SER B CA  1 
ATOM   1407 C C   . SER B 1 94  ? 15.197  -17.018 11.778  1.00 63.90  ?  995  SER B C   1 
ATOM   1408 O O   . SER B 1 94  ? 15.294  -18.248 11.843  1.00 68.91  ?  995  SER B O   1 
ATOM   1409 C CB  . SER B 1 94  ? 17.260  -16.533 10.477  1.00 63.39  ?  995  SER B CB  1 
ATOM   1410 O OG  . SER B 1 94  ? 17.940  -15.675 11.377  1.00 72.91  ?  995  SER B OG  1 
ATOM   1411 N N   . THR B 1 95  ? 14.633  -16.296 12.745  1.00 64.33  ?  996  THR B N   1 
ATOM   1412 C CA  . THR B 1 95  ? 14.138  -16.891 13.975  1.00 69.84  ?  996  THR B CA  1 
ATOM   1413 C C   . THR B 1 95  ? 12.649  -16.618 14.124  1.00 60.61  ?  996  THR B C   1 
ATOM   1414 O O   . THR B 1 95  ? 12.111  -15.646 13.587  1.00 63.84  ?  996  THR B O   1 
ATOM   1415 C CB  . THR B 1 95  ? 14.864  -16.351 15.217  1.00 69.08  ?  996  THR B CB  1 
ATOM   1416 O OG1 . THR B 1 95  ? 14.237  -15.143 15.665  1.00 79.18  ?  996  THR B OG1 1 
ATOM   1417 C CG2 . THR B 1 95  ? 16.301  -16.042 14.879  1.00 78.56  ?  996  THR B CG2 1 
ATOM   1418 N N   . MET B 1 96  ? 11.988  -17.486 14.877  1.00 53.89  ?  997  MET B N   1 
ATOM   1419 C CA  . MET B 1 96  ? 10.619  -17.205 15.280  1.00 55.04  ?  997  MET B CA  1 
ATOM   1420 C C   . MET B 1 96  ? 10.577  -16.146 16.375  1.00 63.13  ?  997  MET B C   1 
ATOM   1421 O O   . MET B 1 96  ? 9.618   -15.371 16.447  1.00 60.54  ?  997  MET B O   1 
ATOM   1422 C CB  . MET B 1 96  ? 9.942   -18.499 15.741  1.00 62.51  ?  997  MET B CB  1 
ATOM   1423 C CG  . MET B 1 96  ? 8.529   -18.318 16.238  1.00 71.90  ?  997  MET B CG  1 
ATOM   1424 S SD  . MET B 1 96  ? 7.425   -17.678 14.963  1.00 73.40  ?  997  MET B SD  1 
ATOM   1425 C CE  . MET B 1 96  ? 7.503   -18.993 13.749  1.00 52.06  ?  997  MET B CE  1 
ATOM   1426 N N   . GLU B 1 97  ? 11.614  -16.078 17.215  0.81 60.01  ?  998  GLU B N   1 
ATOM   1427 C CA  . GLU B 1 97  ? 11.574  -15.168 18.355  0.81 61.37  ?  998  GLU B CA  1 
ATOM   1428 C C   . GLU B 1 97  ? 11.768  -13.725 17.915  0.81 55.51  ?  998  GLU B C   1 
ATOM   1429 O O   . GLU B 1 97  ? 11.070  -12.822 18.396  0.81 48.38  ?  998  GLU B O   1 
ATOM   1430 C CB  . GLU B 1 97  ? 12.632  -15.559 19.386  0.81 63.79  ?  998  GLU B CB  1 
ATOM   1431 C CG  . GLU B 1 97  ? 12.658  -14.663 20.622  0.81 65.52  ?  998  GLU B CG  1 
ATOM   1432 C CD  . GLU B 1 97  ? 13.531  -15.219 21.735  0.81 87.43  ?  998  GLU B CD  1 
ATOM   1433 O OE1 . GLU B 1 97  ? 13.513  -16.449 21.955  0.81 97.25  ?  998  GLU B OE1 1 
ATOM   1434 O OE2 . GLU B 1 97  ? 14.238  -14.423 22.390  0.81 83.83  -1 998  GLU B OE2 1 
ATOM   1435 N N   . ARG B 1 98  ? 12.718  -13.485 17.010  0.79 48.16  ?  999  ARG B N   1 
ATOM   1436 C CA  . ARG B 1 98  ? 12.916  -12.134 16.498  0.79 62.06  ?  999  ARG B CA  1 
ATOM   1437 C C   . ARG B 1 98  ? 11.739  -11.700 15.634  0.79 50.44  ?  999  ARG B C   1 
ATOM   1438 O O   . ARG B 1 98  ? 11.293  -10.549 15.717  0.79 50.67  ?  999  ARG B O   1 
ATOM   1439 C CB  . ARG B 1 98  ? 14.230  -12.057 15.718  0.79 53.76  ?  999  ARG B CB  1 
ATOM   1440 C CG  . ARG B 1 98  ? 14.893  -10.680 15.696  0.79 63.44  ?  999  ARG B CG  1 
ATOM   1441 C CD  . ARG B 1 98  ? 14.211  -9.729  14.722  0.79 73.29  ?  999  ARG B CD  1 
ATOM   1442 N NE  . ARG B 1 98  ? 14.475  -8.331  15.048  0.79 78.61  ?  999  ARG B NE  1 
ATOM   1443 C CZ  . ARG B 1 98  ? 13.745  -7.624  15.903  0.79 64.63  ?  999  ARG B CZ  1 
ATOM   1444 N NH1 . ARG B 1 98  ? 12.720  -8.196  16.516  0.79 68.91  1  999  ARG B NH1 1 
ATOM   1445 N NH2 . ARG B 1 98  ? 14.040  -6.356  16.156  0.79 65.80  ?  999  ARG B NH2 1 
ATOM   1446 N N   . MET B 1 99  ? 11.226  -12.602 14.795  1.00 48.09  ?  1000 MET B N   1 
ATOM   1447 C CA  . MET B 1 99  ? 10.033  -12.297 14.012  1.00 51.22  ?  1000 MET B CA  1 
ATOM   1448 C C   . MET B 1 99  ? 8.868   -11.926 14.920  1.00 51.02  ?  1000 MET B C   1 
ATOM   1449 O O   . MET B 1 99  ? 8.164   -10.940 14.677  1.00 51.96  ?  1000 MET B O   1 
ATOM   1450 C CB  . MET B 1 99  ? 9.667   -13.489 13.128  1.00 51.47  ?  1000 MET B CB  1 
ATOM   1451 C CG  . MET B 1 99  ? 8.310   -13.363 12.450  1.00 53.76  ?  1000 MET B CG  1 
ATOM   1452 S SD  . MET B 1 99  ? 8.317   -12.122 11.143  1.00 49.96  ?  1000 MET B SD  1 
ATOM   1453 C CE  . MET B 1 99  ? 9.182   -13.004 9.846   1.00 47.11  ?  1000 MET B CE  1 
ATOM   1454 N N   . GLU B 1 100 ? 8.651   -12.718 15.973  1.00 55.23  ?  1001 GLU B N   1 
ATOM   1455 C CA  . GLU B 1 100 ? 7.621   -12.394 16.956  1.00 40.42  ?  1001 GLU B CA  1 
ATOM   1456 C C   . GLU B 1 100 ? 7.858   -11.020 17.570  1.00 61.34  ?  1001 GLU B C   1 
ATOM   1457 O O   . GLU B 1 100 ? 6.923   -10.221 17.711  1.00 55.24  ?  1001 GLU B O   1 
ATOM   1458 C CB  . GLU B 1 100 ? 7.604   -13.468 18.042  1.00 58.01  ?  1001 GLU B CB  1 
ATOM   1459 C CG  . GLU B 1 100 ? 6.240   -14.028 18.374  1.00 57.81  ?  1001 GLU B CG  1 
ATOM   1460 C CD  . GLU B 1 100 ? 6.334   -15.252 19.261  1.00 66.86  ?  1001 GLU B CD  1 
ATOM   1461 O OE1 . GLU B 1 100 ? 6.658   -16.340 18.742  1.00 64.82  ?  1001 GLU B OE1 1 
ATOM   1462 O OE2 . GLU B 1 100 ? 6.103   -15.122 20.483  1.00 82.51  -1 1001 GLU B OE2 1 
ATOM   1463 N N   . GLU B 1 101 ? 9.108   -10.726 17.936  1.00 54.82  ?  1002 GLU B N   1 
ATOM   1464 C CA  . GLU B 1 101 ? 9.434   -9.437  18.536  1.00 51.96  ?  1002 GLU B CA  1 
ATOM   1465 C C   . GLU B 1 101 ? 9.219   -8.295  17.550  1.00 48.99  ?  1002 GLU B C   1 
ATOM   1466 O O   . GLU B 1 101 ? 8.803   -7.198  17.940  1.00 45.48  ?  1002 GLU B O   1 
ATOM   1467 C CB  . GLU B 1 101 ? 10.879  -9.456  19.038  1.00 60.81  ?  1002 GLU B CB  1 
ATOM   1468 C CG  . GLU B 1 101 ? 11.329  -8.198  19.755  1.00 56.64  ?  1002 GLU B CG  1 
ATOM   1469 C CD  . GLU B 1 101 ? 12.762  -8.298  20.243  1.00 71.77  ?  1002 GLU B CD  1 
ATOM   1470 O OE1 . GLU B 1 101 ? 13.096  -7.657  21.261  1.00 77.04  ?  1002 GLU B OE1 1 
ATOM   1471 O OE2 . GLU B 1 101 ? 13.555  -9.024  19.607  1.00 72.78  -1 1002 GLU B OE2 1 
ATOM   1472 N N   . ALA B 1 102 ? 9.499   -8.536  16.266  1.00 49.61  ?  1003 ALA B N   1 
ATOM   1473 C CA  . ALA B 1 102 ? 9.308   -7.498  15.258  1.00 58.31  ?  1003 ALA B CA  1 
ATOM   1474 C C   . ALA B 1 102 ? 7.834   -7.147  15.094  1.00 50.04  ?  1003 ALA B C   1 
ATOM   1475 O O   . ALA B 1 102 ? 7.481   -5.968  14.979  1.00 52.10  ?  1003 ALA B O   1 
ATOM   1476 C CB  . ALA B 1 102 ? 9.906   -7.947  13.925  1.00 53.87  ?  1003 ALA B CB  1 
ATOM   1477 N N   . LEU B 1 103 ? 6.960   -8.158  15.081  1.00 47.41  ?  1004 LEU B N   1 
ATOM   1478 C CA  . LEU B 1 103 ? 5.526   -7.893  15.001  1.00 52.71  ?  1004 LEU B CA  1 
ATOM   1479 C C   . LEU B 1 103 ? 5.053   -7.064  16.186  1.00 61.34  ?  1004 LEU B C   1 
ATOM   1480 O O   . LEU B 1 103 ? 4.257   -6.131  16.024  1.00 60.37  ?  1004 LEU B O   1 
ATOM   1481 C CB  . LEU B 1 103 ? 4.750   -9.209  14.927  1.00 50.62  ?  1004 LEU B CB  1 
ATOM   1482 C CG  . LEU B 1 103 ? 4.886   -10.041 13.650  1.00 53.82  ?  1004 LEU B CG  1 
ATOM   1483 C CD1 . LEU B 1 103 ? 3.894   -11.195 13.654  1.00 57.92  ?  1004 LEU B CD1 1 
ATOM   1484 C CD2 . LEU B 1 103 ? 4.693   -9.174  12.419  1.00 64.72  ?  1004 LEU B CD2 1 
ATOM   1485 N N   . GLN B 1 104 ? 5.540   -7.383  17.389  1.00 56.60  ?  1005 GLN B N   1 
ATOM   1486 C CA  . GLN B 1 104 ? 5.135   -6.640  18.577  1.00 55.84  ?  1005 GLN B CA  1 
ATOM   1487 C C   . GLN B 1 104 ? 5.561   -5.180  18.503  1.00 61.28  ?  1005 GLN B C   1 
ATOM   1488 O O   . GLN B 1 104 ? 4.867   -4.305  19.033  1.00 60.59  ?  1005 GLN B O   1 
ATOM   1489 C CB  . GLN B 1 104 ? 5.717   -7.299  19.827  1.00 58.87  ?  1005 GLN B CB  1 
ATOM   1490 C CG  . GLN B 1 104 ? 5.102   -8.648  20.156  1.00 61.99  ?  1005 GLN B CG  1 
ATOM   1491 C CD  . GLN B 1 104 ? 3.656   -8.537  20.594  1.00 65.16  ?  1005 GLN B CD  1 
ATOM   1492 O OE1 . GLN B 1 104 ? 3.305   -7.676  21.400  1.00 64.28  ?  1005 GLN B OE1 1 
ATOM   1493 N NE2 . GLN B 1 104 ? 2.807   -9.411  20.063  1.00 65.08  ?  1005 GLN B NE2 1 
ATOM   1494 N N   . VAL B 1 105 ? 6.692   -4.895  17.854  1.00 58.56  ?  1006 VAL B N   1 
ATOM   1495 C CA  . VAL B 1 105 ? 7.129   -3.512  17.712  1.00 61.49  ?  1006 VAL B CA  1 
ATOM   1496 C C   . VAL B 1 105 ? 6.277   -2.787  16.676  1.00 68.57  ?  1006 VAL B C   1 
ATOM   1497 O O   . VAL B 1 105 ? 5.907   -1.622  16.862  1.00 71.25  ?  1006 VAL B O   1 
ATOM   1498 C CB  . VAL B 1 105 ? 8.628   -3.460  17.365  1.00 62.87  ?  1006 VAL B CB  1 
ATOM   1499 C CG1 . VAL B 1 105 ? 9.046   -2.047  16.986  1.00 59.71  ?  1006 VAL B CG1 1 
ATOM   1500 C CG2 . VAL B 1 105 ? 9.456   -3.966  18.537  1.00 58.82  ?  1006 VAL B CG2 1 
ATOM   1501 N N   . ALA B 1 106 ? 5.945   -3.467  15.572  1.00 68.19  ?  1007 ALA B N   1 
ATOM   1502 C CA  . ALA B 1 106 ? 5.030   -2.885  14.595  1.00 69.11  ?  1007 ALA B CA  1 
ATOM   1503 C C   . ALA B 1 106 ? 3.668   -2.598  15.212  1.00 68.01  ?  1007 ALA B C   1 
ATOM   1504 O O   . ALA B 1 106 ? 3.021   -1.606  14.859  1.00 78.52  ?  1007 ALA B O   1 
ATOM   1505 C CB  . ALA B 1 106 ? 4.886   -3.811  13.388  1.00 71.91  ?  1007 ALA B CB  1 
ATOM   1506 N N   . ILE B 1 107 ? 3.217   -3.453  16.130  1.00 74.10  ?  1008 ILE B N   1 
ATOM   1507 C CA  . ILE B 1 107 ? 2.048   -3.156  16.949  1.00 75.98  ?  1008 ILE B CA  1 
ATOM   1508 C C   . ILE B 1 107 ? 2.462   -2.089  17.954  1.00 87.48  ?  1008 ILE B C   1 
ATOM   1509 O O   . ILE B 1 107 ? 2.844   -2.403  19.088  1.00 85.32  ?  1008 ILE B O   1 
ATOM   1510 C CB  . ILE B 1 107 ? 1.508   -4.421  17.642  1.00 70.74  ?  1008 ILE B CB  1 
ATOM   1511 C CG1 . ILE B 1 107 ? 1.223   -5.514  16.610  1.00 58.30  ?  1008 ILE B CG1 1 
ATOM   1512 C CG2 . ILE B 1 107 ? 0.246   -4.104  18.432  1.00 89.14  ?  1008 ILE B CG2 1 
ATOM   1513 C CD1 . ILE B 1 107 ? 0.860   -6.853  17.215  1.00 58.73  ?  1008 ILE B CD1 1 
ATOM   1514 N N   . ASN B 1 108 ? 2.397   -0.827  17.533  0.80 89.29  ?  1009 ASN B N   1 
ATOM   1515 C CA  . ASN B 1 108 ? 2.935   0.313   18.279  0.80 87.10  ?  1009 ASN B CA  1 
ATOM   1516 C C   . ASN B 1 108 ? 2.565   0.317   19.760  0.80 82.17  ?  1009 ASN B C   1 
ATOM   1517 O O   . ASN B 1 108 ? 3.398   0.628   20.613  0.80 85.30  ?  1009 ASN B O   1 
ATOM   1518 C CB  . ASN B 1 108 ? 2.463   1.621   17.638  0.80 84.66  ?  1009 ASN B CB  1 
ATOM   1519 C CG  . ASN B 1 108 ? 3.575   2.353   16.911  0.80 86.05  ?  1009 ASN B CG  1 
ATOM   1520 O OD1 . ASN B 1 108 ? 4.510   1.735   16.402  0.80 78.19  ?  1009 ASN B OD1 1 
ATOM   1521 N ND2 . ASN B 1 108 ? 3.476   3.676   16.857  0.80 85.84  ?  1009 ASN B ND2 1 
HETATM 1522 P P   . PO4 C 2 .   ? 9.740   6.727   -20.709 0.31 34.32  ?  1101 PO4 A P   1 
HETATM 1523 O O1  . PO4 C 2 .   ? 10.747  5.996   -19.853 0.31 36.25  -1 1101 PO4 A O1  1 
HETATM 1524 O O2  . PO4 C 2 .   ? 8.385   6.676   -20.048 0.31 38.03  ?  1101 PO4 A O2  1 
HETATM 1525 O O3  . PO4 C 2 .   ? 9.663   6.069   -22.066 0.31 36.94  ?  1101 PO4 A O3  1 
HETATM 1526 O O4  . PO4 C 2 .   ? 10.168  8.166   -20.871 0.31 36.54  ?  1101 PO4 A O4  1 
HETATM 1527 O O   . HOH D 3 .   ? 0.236   -11.761 20.738  1.00 58.22  ?  1201 HOH A O   1 
HETATM 1528 O O   . HOH D 3 .   ? -13.063 -12.507 7.014   1.00 57.23  ?  1202 HOH A O   1 
HETATM 1529 O O   . HOH D 3 .   ? 0.779   -16.867 0.801   1.00 48.82  ?  1203 HOH A O   1 
HETATM 1530 O O   . HOH D 3 .   ? 8.324   -12.824 -6.139  1.00 63.30  ?  1204 HOH A O   1 
HETATM 1531 O O   . HOH D 3 .   ? 0.784   -20.012 14.379  1.00 59.72  ?  1205 HOH A O   1 
HETATM 1532 O O   . HOH D 3 .   ? -10.990 13.763  -12.562 1.00 46.61  ?  1206 HOH A O   1 
HETATM 1533 O O   . HOH D 3 .   ? 3.630   4.906   1.701   1.00 59.07  ?  1207 HOH A O   1 
HETATM 1534 O O   . HOH D 3 .   ? 1.706   -18.642 2.874   1.00 60.93  ?  1208 HOH A O   1 
HETATM 1535 O O   . HOH D 3 .   ? -12.617 -17.523 1.321   1.00 43.21  ?  1209 HOH A O   1 
HETATM 1536 O O   . HOH D 3 .   ? -9.622  -18.894 7.391   1.00 49.15  ?  1210 HOH A O   1 
HETATM 1537 O O   . HOH D 3 .   ? -14.102 6.180   7.298   1.00 67.93  ?  1211 HOH A O   1 
HETATM 1538 O O   . HOH D 3 .   ? -2.772  -10.530 1.742   1.00 56.98  ?  1212 HOH A O   1 
HETATM 1539 O O   . HOH D 3 .   ? 1.724   2.527   -18.665 1.00 41.87  ?  1213 HOH A O   1 
HETATM 1540 O O   . HOH D 3 .   ? 3.542   -19.597 3.399   1.00 61.45  ?  1214 HOH A O   1 
HETATM 1541 O O   . HOH D 3 .   ? -2.723  16.980  -22.249 1.00 62.79  ?  1215 HOH A O   1 
HETATM 1542 O O   . HOH D 3 .   ? -9.215  4.146   -15.311 1.00 57.46  ?  1216 HOH A O   1 
HETATM 1543 O O   . HOH D 3 .   ? 4.243   -2.428  -7.995  1.00 56.03  ?  1217 HOH A O   1 
HETATM 1544 O O   . HOH D 3 .   ? -4.064  6.468   7.701   1.00 72.11  ?  1218 HOH A O   1 
HETATM 1545 O O   . HOH D 3 .   ? -1.725  5.651   9.150   1.00 70.49  ?  1219 HOH A O   1 
HETATM 1546 O O   . HOH E 3 .   ? 4.615   -13.520 20.984  1.00 61.00  ?  1101 HOH B O   1 
HETATM 1547 O O   . HOH E 3 .   ? -4.349  -3.715  1.953   1.00 62.25  ?  1102 HOH B O   1 
HETATM 1548 O O   . HOH E 3 .   ? 8.846   -2.000  -8.827  1.00 58.32  ?  1103 HOH B O   1 
HETATM 1549 O O   . HOH E 3 .   ? 6.587   14.864  -5.953  1.00 56.09  ?  1104 HOH B O   1 
HETATM 1550 O O   . HOH E 3 .   ? -2.382  -0.421  -12.556 1.00 45.27  ?  1105 HOH B O   1 
HETATM 1551 O O   . HOH E 3 .   ? 2.679   11.823  -1.168  1.00 66.62  ?  1106 HOH B O   1 
HETATM 1552 O O   . HOH E 3 .   ? 2.233   19.223  -12.585 1.00 49.63  ?  1107 HOH B O   1 
HETATM 1553 O O   . HOH E 3 .   ? -6.516  -0.534  -5.590  1.00 63.46  ?  1108 HOH B O   1 
HETATM 1554 O O   . HOH E 3 .   ? -8.389  4.278   -13.014 1.00 44.99  ?  1109 HOH B O   1 
HETATM 1555 O O   . HOH E 3 .   ? 11.844  -0.965  1.797   1.00 71.33  ?  1110 HOH B O   1 
HETATM 1556 O O   . HOH E 3 .   ? -5.002  -0.795  -1.432  1.00 64.14  ?  1111 HOH B O   1 
HETATM 1557 O O   . HOH E 3 .   ? 12.469  12.219  -9.350  1.00 56.32  ?  1112 HOH B O   1 
HETATM 1558 O O   . HOH E 3 .   ? 11.477  10.682  -19.019 1.00 47.93  ?  1113 HOH B O   1 
HETATM 1559 O O   . HOH E 3 .   ? 7.532   -0.398  -8.147  1.00 68.38  ?  1114 HOH B O   1 
HETATM 1560 O O   . HOH E 3 .   ? -15.858 20.006  -2.112  1.00 56.50  ?  1115 HOH B O   1 
HETATM 1561 O O   . HOH E 3 .   ? 3.764   -1.386  -9.775  1.00 59.40  ?  1116 HOH B O   1 
# 
loop_
_pdbx_poly_seq_scheme.asym_id 
_pdbx_poly_seq_scheme.entity_id 
_pdbx_poly_seq_scheme.seq_id 
_pdbx_poly_seq_scheme.mon_id 
_pdbx_poly_seq_scheme.ndb_seq_num 
_pdbx_poly_seq_scheme.pdb_seq_num 
_pdbx_poly_seq_scheme.auth_seq_num 
_pdbx_poly_seq_scheme.pdb_mon_id 
_pdbx_poly_seq_scheme.auth_mon_id 
_pdbx_poly_seq_scheme.pdb_strand_id 
_pdbx_poly_seq_scheme.pdb_ins_code 
_pdbx_poly_seq_scheme.hetero 
A 1 1   GLY 1   902  ?    ?   ?   A . n 
A 1 2   ASN 2   903  ?    ?   ?   A . n 
A 1 3   THR 3   904  ?    ?   ?   A . n 
A 1 4   ASP 4   905  905  ASP ASP A . n 
A 1 5   TYR 5   906  906  TYR TYR A . n 
A 1 6   ASP 6   907  907  ASP ASP A . n 
A 1 7   TRP 7   908  908  TRP TRP A . n 
A 1 8   LYS 8   909  909  LYS LYS A . n 
A 1 9   GLN 9   910  910  GLN GLN A . n 
A 1 10  PHE 10  911  911  PHE PHE A . n 
A 1 11  GLU 11  912  912  GLU GLU A . n 
A 1 12  GLN 12  913  913  GLN GLN A . n 
A 1 13  ASN 13  914  914  ASN ASN A . n 
A 1 14  SER 14  915  915  SER SER A . n 
A 1 15  LYS 15  916  916  LYS LYS A . n 
A 1 16  TYR 16  917  917  TYR TYR A . n 
A 1 17  GLU 17  918  918  GLU GLU A . n 
A 1 18  GLN 18  919  919  GLN GLN A . n 
A 1 19  GLY 19  920  920  GLY GLY A . n 
A 1 20  TYR 20  921  921  TYR TYR A . n 
A 1 21  GLN 21  922  922  GLN GLN A . n 
A 1 22  LYS 22  923  923  LYS LYS A . n 
A 1 23  SER 23  924  924  SER SER A . n 
A 1 24  HIS 24  925  925  HIS HIS A . n 
A 1 25  PRO 25  926  926  PRO PRO A . n 
A 1 26  THR 26  927  927  THR THR A . n 
A 1 27  ILE 27  928  928  ILE ILE A . n 
A 1 28  GLN 28  929  929  GLN GLN A . n 
A 1 29  LEU 29  930  930  LEU LEU A . n 
A 1 30  PHE 30  931  931  PHE PHE A . n 
A 1 31  TRP 31  932  932  TRP TRP A . n 
A 1 32  LYS 32  933  933  LYS LYS A . n 
A 1 33  ALA 33  934  934  ALA ALA A . n 
A 1 34  PHE 34  935  935  PHE PHE A . n 
A 1 35  HIS 35  936  936  HIS HIS A . n 
A 1 36  LYS 36  937  937  LYS LYS A . n 
A 1 37  LEU 37  938  938  LEU LEU A . n 
A 1 38  THR 38  939  939  THR THR A . n 
A 1 39  LEU 39  940  940  LEU LEU A . n 
A 1 40  ASP 40  941  941  ASP ASP A . n 
A 1 41  GLU 41  942  942  GLU GLU A . n 
A 1 42  LYS 42  943  943  LYS LYS A . n 
A 1 43  LYS 43  944  944  LYS LYS A . n 
A 1 44  LYS 44  945  945  LYS LYS A . n 
A 1 45  PHE 45  946  946  PHE PHE A . n 
A 1 46  LEU 46  947  947  LEU LEU A . n 
A 1 47  PHE 47  948  948  PHE PHE A . n 
A 1 48  PHE 48  949  949  PHE PHE A . n 
A 1 49  LEU 49  950  950  LEU LEU A . n 
A 1 50  THR 50  951  951  THR THR A . n 
A 1 51  GLY 51  952  952  GLY GLY A . n 
A 1 52  ARG 52  953  953  ARG ARG A . n 
A 1 53  ASP 53  954  954  ASP ASP A . n 
A 1 54  ARG 54  955  955  ARG ARG A . n 
A 1 55  LEU 55  956  956  LEU LEU A . n 
A 1 56  HIS 56  957  957  HIS HIS A . n 
A 1 57  ALA 57  958  958  ALA ALA A . n 
A 1 58  ARG 58  959  959  ARG ARG A . n 
A 1 59  GLY 59  960  960  GLY GLY A . n 
A 1 60  ILE 60  961  961  ILE ILE A . n 
A 1 61  GLN 61  962  962  GLN GLN A . n 
A 1 62  LYS 62  963  963  LYS LYS A . n 
A 1 63  MET 63  964  964  MET MET A . n 
A 1 64  GLU 64  965  965  GLU GLU A . n 
A 1 65  ILE 65  966  966  ILE ILE A . n 
A 1 66  VAL 66  967  967  VAL VAL A . n 
A 1 67  PHE 67  968  968  PHE PHE A . n 
A 1 68  ARG 68  969  969  ARG ARG A . n 
A 1 69  SER 69  970  970  SER SER A . n 
A 1 70  PRO 70  971  971  PRO PRO A . n 
A 1 71  GLU 71  972  ?    ?   ?   A . n 
A 1 72  THR 72  973  ?    ?   ?   A . n 
A 1 73  PHE 73  974  ?    ?   ?   A . n 
A 1 74  SER 74  975  ?    ?   ?   A . n 
A 1 75  GLU 75  976  ?    ?   ?   A . n 
A 1 76  ARG 76  977  ?    ?   ?   A . n 
A 1 77  ASP 77  978  ?    ?   ?   A . n 
A 1 78  HIS 78  979  ?    ?   ?   A . n 
A 1 79  PRO 79  980  980  PRO PRO A . n 
A 1 80  THR 80  981  981  THR THR A . n 
A 1 81  SER 81  982  982  SER SER A . n 
A 1 82  ILE 82  983  983  ILE ILE A . n 
A 1 83  THR 83  984  984  THR THR A . n 
A 1 84  CYS 84  985  985  CYS CYS A . n 
A 1 85  HIS 85  986  986  HIS HIS A . n 
A 1 86  ASN 86  987  987  ASN ASN A . n 
A 1 87  ILE 87  988  988  ILE ILE A . n 
A 1 88  LEU 88  989  989  LEU LEU A . n 
A 1 89  SER 89  990  990  SER SER A . n 
A 1 90  LEU 90  991  991  LEU LEU A . n 
A 1 91  PRO 91  992  992  PRO PRO A . n 
A 1 92  LYS 92  993  993  LYS LYS A . n 
A 1 93  TYR 93  994  994  TYR TYR A . n 
A 1 94  SER 94  995  995  SER SER A . n 
A 1 95  THR 95  996  996  THR THR A . n 
A 1 96  MET 96  997  997  MET MET A . n 
A 1 97  GLU 97  998  998  GLU GLU A . n 
A 1 98  ARG 98  999  999  ARG ARG A . n 
A 1 99  MET 99  1000 1000 MET MET A . n 
A 1 100 GLU 100 1001 1001 GLU GLU A . n 
A 1 101 GLU 101 1002 1002 GLU GLU A . n 
A 1 102 ALA 102 1003 1003 ALA ALA A . n 
A 1 103 LEU 103 1004 1004 LEU LEU A . n 
A 1 104 GLN 104 1005 1005 GLN GLN A . n 
A 1 105 VAL 105 1006 1006 VAL VAL A . n 
A 1 106 ALA 106 1007 1007 ALA ALA A . n 
A 1 107 ILE 107 1008 1008 ILE ILE A . n 
A 1 108 ASN 108 1009 1009 ASN ASN A . n 
A 1 109 ASN 109 1010 1010 ASN ASN A . n 
A 1 110 ASN 110 1011 ?    ?   ?   A . n 
A 1 111 ARG 111 1012 ?    ?   ?   A . n 
A 1 112 GLY 112 1013 ?    ?   ?   A . n 
A 1 113 PHE 113 1014 ?    ?   ?   A . n 
A 1 114 VAL 114 1015 ?    ?   ?   A . n 
A 1 115 SER 115 1016 ?    ?   ?   A . n 
A 1 116 PRO 116 1017 ?    ?   ?   A . n 
A 1 117 MET 117 1018 ?    ?   ?   A . n 
A 1 118 LEU 118 1019 ?    ?   ?   A . n 
A 1 119 THR 119 1020 ?    ?   ?   A . n 
A 1 120 GLN 120 1021 ?    ?   ?   A . n 
A 1 121 SER 121 1022 ?    ?   ?   A . n 
B 1 1   GLY 1   902  ?    ?   ?   B . n 
B 1 2   ASN 2   903  ?    ?   ?   B . n 
B 1 3   THR 3   904  ?    ?   ?   B . n 
B 1 4   ASP 4   905  ?    ?   ?   B . n 
B 1 5   TYR 5   906  906  TYR TYR B . n 
B 1 6   ASP 6   907  907  ASP ASP B . n 
B 1 7   TRP 7   908  908  TRP TRP B . n 
B 1 8   LYS 8   909  909  LYS LYS B . n 
B 1 9   GLN 9   910  910  GLN GLN B . n 
B 1 10  PHE 10  911  911  PHE PHE B . n 
B 1 11  GLU 11  912  912  GLU GLU B . n 
B 1 12  GLN 12  913  913  GLN GLN B . n 
B 1 13  ASN 13  914  914  ASN ASN B . n 
B 1 14  SER 14  915  915  SER SER B . n 
B 1 15  LYS 15  916  916  LYS LYS B . n 
B 1 16  TYR 16  917  917  TYR TYR B . n 
B 1 17  GLU 17  918  918  GLU GLU B . n 
B 1 18  GLN 18  919  919  GLN GLN B . n 
B 1 19  GLY 19  920  920  GLY GLY B . n 
B 1 20  TYR 20  921  921  TYR TYR B . n 
B 1 21  GLN 21  922  922  GLN GLN B . n 
B 1 22  LYS 22  923  923  LYS LYS B . n 
B 1 23  SER 23  924  924  SER SER B . n 
B 1 24  HIS 24  925  925  HIS HIS B . n 
B 1 25  PRO 25  926  926  PRO PRO B . n 
B 1 26  THR 26  927  927  THR THR B . n 
B 1 27  ILE 27  928  928  ILE ILE B . n 
B 1 28  GLN 28  929  929  GLN GLN B . n 
B 1 29  LEU 29  930  930  LEU LEU B . n 
B 1 30  PHE 30  931  931  PHE PHE B . n 
B 1 31  TRP 31  932  932  TRP TRP B . n 
B 1 32  LYS 32  933  933  LYS LYS B . n 
B 1 33  ALA 33  934  934  ALA ALA B . n 
B 1 34  PHE 34  935  935  PHE PHE B . n 
B 1 35  HIS 35  936  936  HIS HIS B . n 
B 1 36  LYS 36  937  937  LYS LYS B . n 
B 1 37  LEU 37  938  938  LEU LEU B . n 
B 1 38  THR 38  939  939  THR THR B . n 
B 1 39  LEU 39  940  940  LEU LEU B . n 
B 1 40  ASP 40  941  941  ASP ASP B . n 
B 1 41  GLU 41  942  942  GLU GLU B . n 
B 1 42  LYS 42  943  943  LYS LYS B . n 
B 1 43  LYS 43  944  944  LYS LYS B . n 
B 1 44  LYS 44  945  945  LYS LYS B . n 
B 1 45  PHE 45  946  946  PHE PHE B . n 
B 1 46  LEU 46  947  947  LEU LEU B . n 
B 1 47  PHE 47  948  948  PHE PHE B . n 
B 1 48  PHE 48  949  949  PHE PHE B . n 
B 1 49  LEU 49  950  950  LEU LEU B . n 
B 1 50  THR 50  951  951  THR THR B . n 
B 1 51  GLY 51  952  ?    ?   ?   B . n 
B 1 52  ARG 52  953  ?    ?   ?   B . n 
B 1 53  ASP 53  954  ?    ?   ?   B . n 
B 1 54  ARG 54  955  ?    ?   ?   B . n 
B 1 55  LEU 55  956  956  LEU LEU B . n 
B 1 56  HIS 56  957  957  HIS HIS B . n 
B 1 57  ALA 57  958  ?    ?   ?   B . n 
B 1 58  ARG 58  959  ?    ?   ?   B . n 
B 1 59  GLY 59  960  ?    ?   ?   B . n 
B 1 60  ILE 60  961  961  ILE ILE B . n 
B 1 61  GLN 61  962  962  GLN GLN B . n 
B 1 62  LYS 62  963  963  LYS ALA B . n 
B 1 63  MET 63  964  964  MET MET B . n 
B 1 64  GLU 64  965  965  GLU GLU B . n 
B 1 65  ILE 65  966  966  ILE ILE B . n 
B 1 66  VAL 66  967  967  VAL VAL B . n 
B 1 67  PHE 67  968  968  PHE PHE B . n 
B 1 68  ARG 68  969  969  ARG ARG B . n 
B 1 69  SER 69  970  970  SER SER B . n 
B 1 70  PRO 70  971  971  PRO PRO B . n 
B 1 71  GLU 71  972  972  GLU GLU B . n 
B 1 72  THR 72  973  973  THR THR B . n 
B 1 73  PHE 73  974  974  PHE ALA B . n 
B 1 74  SER 74  975  975  SER SER B . n 
B 1 75  GLU 75  976  ?    ?   ?   B . n 
B 1 76  ARG 76  977  ?    ?   ?   B . n 
B 1 77  ASP 77  978  ?    ?   ?   B . n 
B 1 78  HIS 78  979  ?    ?   ?   B . n 
B 1 79  PRO 79  980  980  PRO PRO B . n 
B 1 80  THR 80  981  981  THR THR B . n 
B 1 81  SER 81  982  982  SER SER B . n 
B 1 82  ILE 82  983  983  ILE ILE B . n 
B 1 83  THR 83  984  984  THR THR B . n 
B 1 84  CYS 84  985  985  CYS CYS B . n 
B 1 85  HIS 85  986  986  HIS HIS B . n 
B 1 86  ASN 86  987  987  ASN ASN B . n 
B 1 87  ILE 87  988  988  ILE ILE B . n 
B 1 88  LEU 88  989  989  LEU LEU B . n 
B 1 89  SER 89  990  990  SER SER B . n 
B 1 90  LEU 90  991  991  LEU LEU B . n 
B 1 91  PRO 91  992  992  PRO PRO B . n 
B 1 92  LYS 92  993  993  LYS LYS B . n 
B 1 93  TYR 93  994  994  TYR TYR B . n 
B 1 94  SER 94  995  995  SER SER B . n 
B 1 95  THR 95  996  996  THR THR B . n 
B 1 96  MET 96  997  997  MET MET B . n 
B 1 97  GLU 97  998  998  GLU GLU B . n 
B 1 98  ARG 98  999  999  ARG ARG B . n 
B 1 99  MET 99  1000 1000 MET MET B . n 
B 1 100 GLU 100 1001 1001 GLU GLU B . n 
B 1 101 GLU 101 1002 1002 GLU GLU B . n 
B 1 102 ALA 102 1003 1003 ALA ALA B . n 
B 1 103 LEU 103 1004 1004 LEU LEU B . n 
B 1 104 GLN 104 1005 1005 GLN GLN B . n 
B 1 105 VAL 105 1006 1006 VAL VAL B . n 
B 1 106 ALA 106 1007 1007 ALA ALA B . n 
B 1 107 ILE 107 1008 1008 ILE ILE B . n 
B 1 108 ASN 108 1009 1009 ASN ASN B . n 
B 1 109 ASN 109 1010 ?    ?   ?   B . n 
B 1 110 ASN 110 1011 ?    ?   ?   B . n 
B 1 111 ARG 111 1012 ?    ?   ?   B . n 
B 1 112 GLY 112 1013 ?    ?   ?   B . n 
B 1 113 PHE 113 1014 ?    ?   ?   B . n 
B 1 114 VAL 114 1015 ?    ?   ?   B . n 
B 1 115 SER 115 1016 ?    ?   ?   B . n 
B 1 116 PRO 116 1017 ?    ?   ?   B . n 
B 1 117 MET 117 1018 ?    ?   ?   B . n 
B 1 118 LEU 118 1019 ?    ?   ?   B . n 
B 1 119 THR 119 1020 ?    ?   ?   B . n 
B 1 120 GLN 120 1021 ?    ?   ?   B . n 
B 1 121 SER 121 1022 ?    ?   ?   B . n 
# 
loop_
_pdbx_nonpoly_scheme.asym_id 
_pdbx_nonpoly_scheme.entity_id 
_pdbx_nonpoly_scheme.mon_id 
_pdbx_nonpoly_scheme.ndb_seq_num 
_pdbx_nonpoly_scheme.pdb_seq_num 
_pdbx_nonpoly_scheme.auth_seq_num 
_pdbx_nonpoly_scheme.pdb_mon_id 
_pdbx_nonpoly_scheme.auth_mon_id 
_pdbx_nonpoly_scheme.pdb_strand_id 
_pdbx_nonpoly_scheme.pdb_ins_code 
C 2 PO4 1  1101 880 PO4 PO4 A . 
D 3 HOH 1  1201 901 HOH HOH A . 
D 3 HOH 2  1202 910 HOH HOH A . 
D 3 HOH 3  1203 892 HOH HOH A . 
D 3 HOH 4  1204 911 HOH HOH A . 
D 3 HOH 5  1205 902 HOH HOH A . 
D 3 HOH 6  1206 908 HOH HOH A . 
D 3 HOH 7  1207 894 HOH HOH A . 
D 3 HOH 8  1208 907 HOH HOH A . 
D 3 HOH 9  1209 888 HOH HOH A . 
D 3 HOH 10 1210 900 HOH HOH A . 
D 3 HOH 11 1211 898 HOH HOH A . 
D 3 HOH 12 1212 893 HOH HOH A . 
D 3 HOH 13 1213 880 HOH HOH A . 
D 3 HOH 14 1214 890 HOH HOH A . 
D 3 HOH 15 1215 912 HOH HOH A . 
D 3 HOH 16 1216 895 HOH HOH A . 
D 3 HOH 17 1217 884 HOH HOH A . 
D 3 HOH 18 1218 905 HOH HOH A . 
D 3 HOH 19 1219 906 HOH HOH A . 
E 3 HOH 1  1101 887 HOH HOH B . 
E 3 HOH 2  1102 903 HOH HOH B . 
E 3 HOH 3  1103 896 HOH HOH B . 
E 3 HOH 4  1104 889 HOH HOH B . 
E 3 HOH 5  1105 882 HOH HOH B . 
E 3 HOH 6  1106 909 HOH HOH B . 
E 3 HOH 7  1107 913 HOH HOH B . 
E 3 HOH 8  1108 883 HOH HOH B . 
E 3 HOH 9  1109 881 HOH HOH B . 
E 3 HOH 10 1110 914 HOH HOH B . 
E 3 HOH 11 1111 899 HOH HOH B . 
E 3 HOH 12 1112 891 HOH HOH B . 
E 3 HOH 13 1113 885 HOH HOH B . 
E 3 HOH 14 1114 897 HOH HOH B . 
E 3 HOH 15 1115 904 HOH HOH B . 
E 3 HOH 16 1116 886 HOH HOH B . 
# 
_pdbx_struct_assembly.id                   1 
_pdbx_struct_assembly.details              author_and_software_defined_assembly 
_pdbx_struct_assembly.method_details       PISA 
_pdbx_struct_assembly.oligomeric_details   dimeric 
_pdbx_struct_assembly.oligomeric_count     2 
# 
_pdbx_struct_assembly_gen.assembly_id       1 
_pdbx_struct_assembly_gen.oper_expression   1 
_pdbx_struct_assembly_gen.asym_id_list      A,B,C,D,E 
# 
loop_
_pdbx_struct_assembly_prop.biol_id 
_pdbx_struct_assembly_prop.type 
_pdbx_struct_assembly_prop.value 
_pdbx_struct_assembly_prop.details 
1 'ABSA (A^2)' 5280  ? 
1 MORE         -41   ? 
1 'SSA (A^2)'  10270 ? 
# 
_pdbx_struct_oper_list.id                   1 
_pdbx_struct_oper_list.type                 'identity operation' 
_pdbx_struct_oper_list.name                 1_555 
_pdbx_struct_oper_list.symmetry_operation   x,y,z 
_pdbx_struct_oper_list.matrix[1][1]         1.0000000000 
_pdbx_struct_oper_list.matrix[1][2]         0.0000000000 
_pdbx_struct_oper_list.matrix[1][3]         0.0000000000 
_pdbx_struct_oper_list.vector[1]            0.0000000000 
_pdbx_struct_oper_list.matrix[2][1]         0.0000000000 
_pdbx_struct_oper_list.matrix[2][2]         1.0000000000 
_pdbx_struct_oper_list.matrix[2][3]         0.0000000000 
_pdbx_struct_oper_list.vector[2]            0.0000000000 
_pdbx_struct_oper_list.matrix[3][1]         0.0000000000 
_pdbx_struct_oper_list.matrix[3][2]         0.0000000000 
_pdbx_struct_oper_list.matrix[3][3]         1.0000000000 
_pdbx_struct_oper_list.vector[3]            0.0000000000 
# 
loop_
_pdbx_struct_special_symmetry.id 
_pdbx_struct_special_symmetry.PDB_model_num 
_pdbx_struct_special_symmetry.auth_asym_id 
_pdbx_struct_special_symmetry.auth_comp_id 
_pdbx_struct_special_symmetry.auth_seq_id 
_pdbx_struct_special_symmetry.PDB_ins_code 
_pdbx_struct_special_symmetry.label_asym_id 
_pdbx_struct_special_symmetry.label_comp_id 
_pdbx_struct_special_symmetry.label_seq_id 
1 1 A PO4 1101 ? C PO4 . 
2 1 A PO4 1101 ? C PO4 . 
# 
loop_
_pdbx_audit_revision_history.ordinal 
_pdbx_audit_revision_history.data_content_type 
_pdbx_audit_revision_history.major_revision 
_pdbx_audit_revision_history.minor_revision 
_pdbx_audit_revision_history.revision_date 
1 'Structure model' 1 0 2018-07-04 
2 'Structure model' 1 1 2023-10-04 
# 
_pdbx_audit_revision_details.ordinal             1 
_pdbx_audit_revision_details.revision_ordinal    1 
_pdbx_audit_revision_details.data_content_type   'Structure model' 
_pdbx_audit_revision_details.provider            repository 
_pdbx_audit_revision_details.type                'Initial release' 
_pdbx_audit_revision_details.description         ? 
_pdbx_audit_revision_details.details             ? 
# 
loop_
_pdbx_audit_revision_group.ordinal 
_pdbx_audit_revision_group.revision_ordinal 
_pdbx_audit_revision_group.data_content_type 
_pdbx_audit_revision_group.group 
1 2 'Structure model' 'Data collection'        
2 2 'Structure model' 'Database references'    
3 2 'Structure model' 'Refinement description' 
# 
loop_
_pdbx_audit_revision_category.ordinal 
_pdbx_audit_revision_category.revision_ordinal 
_pdbx_audit_revision_category.data_content_type 
_pdbx_audit_revision_category.category 
1 2 'Structure model' chem_comp_atom                
2 2 'Structure model' chem_comp_bond                
3 2 'Structure model' database_2                    
4 2 'Structure model' pdbx_initial_refinement_model 
# 
loop_
_pdbx_audit_revision_item.ordinal 
_pdbx_audit_revision_item.revision_ordinal 
_pdbx_audit_revision_item.data_content_type 
_pdbx_audit_revision_item.item 
1 2 'Structure model' '_database_2.pdbx_DOI'                
2 2 'Structure model' '_database_2.pdbx_database_accession' 
# 
loop_
_software.citation_id 
_software.classification 
_software.compiler_name 
_software.compiler_version 
_software.contact_author 
_software.contact_author_email 
_software.date 
_software.description 
_software.dependencies 
_software.hardware 
_software.language 
_software.location 
_software.mods 
_software.name 
_software.os 
_software.os_version 
_software.type 
_software.version 
_software.pdbx_ordinal 
? refinement        ? ? ? ? ? ? ? ? ? ? ? PHENIX   ? ? ? '(1.11.1_2575: 000)' 1 
? 'data collection' ? ? ? ? ? ? ? ? ? ? ? HKL-3000 ? ? ? .                    2 
? 'data scaling'    ? ? ? ? ? ? ? ? ? ? ? HKL-3000 ? ? ? .                    3 
? phasing           ? ? ? ? ? ? ? ? ? ? ? PHENIX   ? ? ? .                    4 
? 'data reduction'  ? ? ? ? ? ? ? ? ? ? ? HKL-3000 ? ? ? .                    5 
# 
loop_
_pdbx_validate_close_contact.id 
_pdbx_validate_close_contact.PDB_model_num 
_pdbx_validate_close_contact.auth_atom_id_1 
_pdbx_validate_close_contact.auth_asym_id_1 
_pdbx_validate_close_contact.auth_comp_id_1 
_pdbx_validate_close_contact.auth_seq_id_1 
_pdbx_validate_close_contact.PDB_ins_code_1 
_pdbx_validate_close_contact.label_alt_id_1 
_pdbx_validate_close_contact.auth_atom_id_2 
_pdbx_validate_close_contact.auth_asym_id_2 
_pdbx_validate_close_contact.auth_comp_id_2 
_pdbx_validate_close_contact.auth_seq_id_2 
_pdbx_validate_close_contact.PDB_ins_code_2 
_pdbx_validate_close_contact.label_alt_id_2 
_pdbx_validate_close_contact.dist 
1 1 OE1 A GLU 942  ? ? O A HOH 1201 ? ? 2.09 
2 1 O   A HOH 1217 ? ? O B HOH 1116 ? ? 2.12 
3 1 O   A HOH 1208 ? ? O A HOH 1214 ? ? 2.14 
4 1 O   B HOH 1103 ? ? O B HOH 1114 ? ? 2.18 
# 
_pdbx_validate_symm_contact.id                1 
_pdbx_validate_symm_contact.PDB_model_num     1 
_pdbx_validate_symm_contact.auth_atom_id_1    O 
_pdbx_validate_symm_contact.auth_asym_id_1    A 
_pdbx_validate_symm_contact.auth_comp_id_1    HOH 
_pdbx_validate_symm_contact.auth_seq_id_1     1210 
_pdbx_validate_symm_contact.PDB_ins_code_1    ? 
_pdbx_validate_symm_contact.label_alt_id_1    ? 
_pdbx_validate_symm_contact.site_symmetry_1   1_555 
_pdbx_validate_symm_contact.auth_atom_id_2    O 
_pdbx_validate_symm_contact.auth_asym_id_2    B 
_pdbx_validate_symm_contact.auth_comp_id_2    HOH 
_pdbx_validate_symm_contact.auth_seq_id_2     1115 
_pdbx_validate_symm_contact.PDB_ins_code_2    ? 
_pdbx_validate_symm_contact.label_alt_id_2    ? 
_pdbx_validate_symm_contact.site_symmetry_2   8_444 
_pdbx_validate_symm_contact.dist              1.99 
# 
loop_
_pdbx_validate_torsion.id 
_pdbx_validate_torsion.PDB_model_num 
_pdbx_validate_torsion.auth_comp_id 
_pdbx_validate_torsion.auth_asym_id 
_pdbx_validate_torsion.auth_seq_id 
_pdbx_validate_torsion.PDB_ins_code 
_pdbx_validate_torsion.label_alt_id 
_pdbx_validate_torsion.phi 
_pdbx_validate_torsion.psi 
1 1 GLU A 918  ? ? -109.02 -115.61 
2 1 GLN A 919  ? ? -64.00  98.59   
3 1 THR A 951  ? ? -121.14 -50.35  
4 1 ASN A 1009 ? ? -107.60 54.13   
5 1 GLU B 918  ? ? -96.92  -148.87 
6 1 PHE B 974  ? ? -120.55 -79.34  
# 
loop_
_pdbx_unobs_or_zero_occ_atoms.id 
_pdbx_unobs_or_zero_occ_atoms.PDB_model_num 
_pdbx_unobs_or_zero_occ_atoms.polymer_flag 
_pdbx_unobs_or_zero_occ_atoms.occupancy_flag 
_pdbx_unobs_or_zero_occ_atoms.auth_asym_id 
_pdbx_unobs_or_zero_occ_atoms.auth_comp_id 
_pdbx_unobs_or_zero_occ_atoms.auth_seq_id 
_pdbx_unobs_or_zero_occ_atoms.PDB_ins_code 
_pdbx_unobs_or_zero_occ_atoms.auth_atom_id 
_pdbx_unobs_or_zero_occ_atoms.label_alt_id 
_pdbx_unobs_or_zero_occ_atoms.label_asym_id 
_pdbx_unobs_or_zero_occ_atoms.label_comp_id 
_pdbx_unobs_or_zero_occ_atoms.label_seq_id 
_pdbx_unobs_or_zero_occ_atoms.label_atom_id 
1   1 Y 1 A ASP 905  ? CG  ? A ASP 4   CG  
2   1 Y 1 A ASP 905  ? OD1 ? A ASP 4   OD1 
3   1 Y 1 A ASP 905  ? OD2 ? A ASP 4   OD2 
4   1 Y 1 A GLN 919  ? CG  ? A GLN 18  CG  
5   1 Y 1 A GLN 919  ? CD  ? A GLN 18  CD  
6   1 Y 1 A GLN 919  ? OE1 ? A GLN 18  OE1 
7   1 Y 1 A GLN 919  ? NE2 ? A GLN 18  NE2 
8   1 Y 1 A GLN 922  ? CG  ? A GLN 21  CG  
9   1 Y 1 A GLN 922  ? CD  ? A GLN 21  CD  
10  1 Y 1 A GLN 922  ? OE1 ? A GLN 21  OE1 
11  1 Y 1 A GLN 922  ? NE2 ? A GLN 21  NE2 
12  1 Y 1 A LYS 923  ? CG  ? A LYS 22  CG  
13  1 Y 1 A LYS 923  ? CD  ? A LYS 22  CD  
14  1 Y 1 A LYS 923  ? CE  ? A LYS 22  CE  
15  1 Y 1 A LYS 923  ? NZ  ? A LYS 22  NZ  
16  1 Y 1 A LYS 933  ? CG  ? A LYS 32  CG  
17  1 Y 1 A LYS 933  ? CD  ? A LYS 32  CD  
18  1 Y 1 A LYS 933  ? CE  ? A LYS 32  CE  
19  1 Y 1 A LYS 933  ? NZ  ? A LYS 32  NZ  
20  1 Y 1 A LYS 945  ? CG  ? A LYS 44  CG  
21  1 Y 1 A LYS 945  ? CD  ? A LYS 44  CD  
22  1 Y 1 A LYS 945  ? CE  ? A LYS 44  CE  
23  1 Y 1 A LYS 945  ? NZ  ? A LYS 44  NZ  
24  1 Y 1 A LEU 947  ? CG  ? A LEU 46  CG  
25  1 Y 1 A LEU 947  ? CD1 ? A LEU 46  CD1 
26  1 Y 1 A LEU 947  ? CD2 ? A LEU 46  CD2 
27  1 Y 1 A LEU 950  ? CG  ? A LEU 49  CG  
28  1 Y 1 A LEU 950  ? CD1 ? A LEU 49  CD1 
29  1 Y 1 A LEU 950  ? CD2 ? A LEU 49  CD2 
30  1 Y 1 A ARG 953  ? CG  ? A ARG 52  CG  
31  1 Y 1 A ARG 953  ? CD  ? A ARG 52  CD  
32  1 Y 1 A ARG 953  ? NE  ? A ARG 52  NE  
33  1 Y 1 A ARG 953  ? CZ  ? A ARG 52  CZ  
34  1 Y 1 A ARG 953  ? NH1 ? A ARG 52  NH1 
35  1 Y 1 A ARG 953  ? NH2 ? A ARG 52  NH2 
36  1 Y 1 A ASP 954  ? CG  ? A ASP 53  CG  
37  1 Y 1 A ASP 954  ? OD1 ? A ASP 53  OD1 
38  1 Y 1 A ASP 954  ? OD2 ? A ASP 53  OD2 
39  1 Y 1 A ARG 959  ? CG  ? A ARG 58  CG  
40  1 Y 1 A ARG 959  ? CD  ? A ARG 58  CD  
41  1 Y 1 A ARG 959  ? NE  ? A ARG 58  NE  
42  1 Y 1 A ARG 959  ? CZ  ? A ARG 58  CZ  
43  1 Y 1 A ARG 959  ? NH1 ? A ARG 58  NH1 
44  1 Y 1 A ARG 959  ? NH2 ? A ARG 58  NH2 
45  1 Y 1 A LYS 963  ? CG  ? A LYS 62  CG  
46  1 Y 1 A LYS 963  ? CD  ? A LYS 62  CD  
47  1 Y 1 A LYS 963  ? CE  ? A LYS 62  CE  
48  1 Y 1 A LYS 963  ? NZ  ? A LYS 62  NZ  
49  1 Y 1 A PRO 980  ? CG  ? A PRO 79  CG  
50  1 Y 1 A PRO 980  ? CD  ? A PRO 79  CD  
51  1 Y 1 A THR 981  ? OG1 ? A THR 80  OG1 
52  1 Y 1 A THR 981  ? CG2 ? A THR 80  CG2 
53  1 Y 1 A ASN 1010 ? CG  ? A ASN 109 CG  
54  1 Y 1 A ASN 1010 ? OD1 ? A ASN 109 OD1 
55  1 Y 1 A ASN 1010 ? ND2 ? A ASN 109 ND2 
56  1 Y 1 B LYS 909  ? CG  ? B LYS 8   CG  
57  1 Y 1 B LYS 909  ? CD  ? B LYS 8   CD  
58  1 Y 1 B LYS 909  ? CE  ? B LYS 8   CE  
59  1 Y 1 B LYS 909  ? NZ  ? B LYS 8   NZ  
60  1 Y 1 B GLN 910  ? CG  ? B GLN 9   CG  
61  1 Y 1 B GLN 910  ? CD  ? B GLN 9   CD  
62  1 Y 1 B GLN 910  ? OE1 ? B GLN 9   OE1 
63  1 Y 1 B GLN 910  ? NE2 ? B GLN 9   NE2 
64  1 Y 1 B GLN 913  ? CG  ? B GLN 12  CG  
65  1 Y 1 B GLN 913  ? CD  ? B GLN 12  CD  
66  1 Y 1 B GLN 913  ? OE1 ? B GLN 12  OE1 
67  1 Y 1 B GLN 913  ? NE2 ? B GLN 12  NE2 
68  1 Y 1 B LYS 923  ? CG  ? B LYS 22  CG  
69  1 Y 1 B LYS 923  ? CD  ? B LYS 22  CD  
70  1 Y 1 B LYS 923  ? CE  ? B LYS 22  CE  
71  1 Y 1 B LYS 923  ? NZ  ? B LYS 22  NZ  
72  1 Y 1 B LYS 945  ? CG  ? B LYS 44  CG  
73  1 Y 1 B LYS 945  ? CD  ? B LYS 44  CD  
74  1 Y 1 B LYS 945  ? CE  ? B LYS 44  CE  
75  1 Y 1 B LYS 945  ? NZ  ? B LYS 44  NZ  
76  1 Y 1 B ILE 961  ? CG1 ? B ILE 60  CG1 
77  1 Y 1 B ILE 961  ? CG2 ? B ILE 60  CG2 
78  1 Y 1 B ILE 961  ? CD1 ? B ILE 60  CD1 
79  1 Y 1 B GLN 962  ? CG  ? B GLN 61  CG  
80  1 Y 1 B GLN 962  ? CD  ? B GLN 61  CD  
81  1 Y 1 B GLN 962  ? OE1 ? B GLN 61  OE1 
82  1 Y 1 B GLN 962  ? NE2 ? B GLN 61  NE2 
83  1 Y 1 B LYS 963  ? CG  ? B LYS 62  CG  
84  1 Y 1 B LYS 963  ? CD  ? B LYS 62  CD  
85  1 Y 1 B LYS 963  ? CE  ? B LYS 62  CE  
86  1 Y 1 B LYS 963  ? NZ  ? B LYS 62  NZ  
87  1 Y 1 B ARG 969  ? CG  ? B ARG 68  CG  
88  1 Y 1 B ARG 969  ? CD  ? B ARG 68  CD  
89  1 Y 1 B ARG 969  ? NE  ? B ARG 68  NE  
90  1 Y 1 B ARG 969  ? CZ  ? B ARG 68  CZ  
91  1 Y 1 B ARG 969  ? NH1 ? B ARG 68  NH1 
92  1 Y 1 B ARG 969  ? NH2 ? B ARG 68  NH2 
93  1 Y 1 B PHE 974  ? CG  ? B PHE 73  CG  
94  1 Y 1 B PHE 974  ? CD1 ? B PHE 73  CD1 
95  1 Y 1 B PHE 974  ? CD2 ? B PHE 73  CD2 
96  1 Y 1 B PHE 974  ? CE1 ? B PHE 73  CE1 
97  1 Y 1 B PHE 974  ? CE2 ? B PHE 73  CE2 
98  1 Y 1 B PHE 974  ? CZ  ? B PHE 73  CZ  
99  1 Y 1 B LYS 993  ? CG  ? B LYS 92  CG  
100 1 Y 1 B LYS 993  ? CD  ? B LYS 92  CD  
101 1 Y 1 B LYS 993  ? CE  ? B LYS 92  CE  
102 1 Y 1 B LYS 993  ? NZ  ? B LYS 92  NZ  
# 
loop_
_pdbx_unobs_or_zero_occ_residues.id 
_pdbx_unobs_or_zero_occ_residues.PDB_model_num 
_pdbx_unobs_or_zero_occ_residues.polymer_flag 
_pdbx_unobs_or_zero_occ_residues.occupancy_flag 
_pdbx_unobs_or_zero_occ_residues.auth_asym_id 
_pdbx_unobs_or_zero_occ_residues.auth_comp_id 
_pdbx_unobs_or_zero_occ_residues.auth_seq_id 
_pdbx_unobs_or_zero_occ_residues.PDB_ins_code 
_pdbx_unobs_or_zero_occ_residues.label_asym_id 
_pdbx_unobs_or_zero_occ_residues.label_comp_id 
_pdbx_unobs_or_zero_occ_residues.label_seq_id 
1  1 Y 1 A GLY 902  ? A GLY 1   
2  1 Y 1 A ASN 903  ? A ASN 2   
3  1 Y 1 A THR 904  ? A THR 3   
4  1 Y 1 A GLU 972  ? A GLU 71  
5  1 Y 1 A THR 973  ? A THR 72  
6  1 Y 1 A PHE 974  ? A PHE 73  
7  1 Y 1 A SER 975  ? A SER 74  
8  1 Y 1 A GLU 976  ? A GLU 75  
9  1 Y 1 A ARG 977  ? A ARG 76  
10 1 Y 1 A ASP 978  ? A ASP 77  
11 1 Y 1 A HIS 979  ? A HIS 78  
12 1 Y 1 A ASN 1011 ? A ASN 110 
13 1 Y 1 A ARG 1012 ? A ARG 111 
14 1 Y 1 A GLY 1013 ? A GLY 112 
15 1 Y 1 A PHE 1014 ? A PHE 113 
16 1 Y 1 A VAL 1015 ? A VAL 114 
17 1 Y 1 A SER 1016 ? A SER 115 
18 1 Y 1 A PRO 1017 ? A PRO 116 
19 1 Y 1 A MET 1018 ? A MET 117 
20 1 Y 1 A LEU 1019 ? A LEU 118 
21 1 Y 1 A THR 1020 ? A THR 119 
22 1 Y 1 A GLN 1021 ? A GLN 120 
23 1 Y 1 A SER 1022 ? A SER 121 
24 1 Y 1 B GLY 902  ? B GLY 1   
25 1 Y 1 B ASN 903  ? B ASN 2   
26 1 Y 1 B THR 904  ? B THR 3   
27 1 Y 1 B ASP 905  ? B ASP 4   
28 1 Y 1 B GLY 952  ? B GLY 51  
29 1 Y 1 B ARG 953  ? B ARG 52  
30 1 Y 1 B ASP 954  ? B ASP 53  
31 1 Y 1 B ARG 955  ? B ARG 54  
32 1 Y 1 B ALA 958  ? B ALA 57  
33 1 Y 1 B ARG 959  ? B ARG 58  
34 1 Y 1 B GLY 960  ? B GLY 59  
35 1 Y 1 B GLU 976  ? B GLU 75  
36 1 Y 1 B ARG 977  ? B ARG 76  
37 1 Y 1 B ASP 978  ? B ASP 77  
38 1 Y 1 B HIS 979  ? B HIS 78  
39 1 Y 1 B ASN 1010 ? B ASN 109 
40 1 Y 1 B ASN 1011 ? B ASN 110 
41 1 Y 1 B ARG 1012 ? B ARG 111 
42 1 Y 1 B GLY 1013 ? B GLY 112 
43 1 Y 1 B PHE 1014 ? B PHE 113 
44 1 Y 1 B VAL 1015 ? B VAL 114 
45 1 Y 1 B SER 1016 ? B SER 115 
46 1 Y 1 B PRO 1017 ? B PRO 116 
47 1 Y 1 B MET 1018 ? B MET 117 
48 1 Y 1 B LEU 1019 ? B LEU 118 
49 1 Y 1 B THR 1020 ? B THR 119 
50 1 Y 1 B GLN 1021 ? B GLN 120 
51 1 Y 1 B SER 1022 ? B SER 121 
# 
loop_
_chem_comp_atom.comp_id 
_chem_comp_atom.atom_id 
_chem_comp_atom.type_symbol 
_chem_comp_atom.pdbx_aromatic_flag 
_chem_comp_atom.pdbx_stereo_config 
_chem_comp_atom.pdbx_ordinal 
ALA N    N N N 1   
ALA CA   C N S 2   
ALA C    C N N 3   
ALA O    O N N 4   
ALA CB   C N N 5   
ALA OXT  O N N 6   
ALA H    H N N 7   
ALA H2   H N N 8   
ALA HA   H N N 9   
ALA HB1  H N N 10  
ALA HB2  H N N 11  
ALA HB3  H N N 12  
ALA HXT  H N N 13  
ARG N    N N N 14  
ARG CA   C N S 15  
ARG C    C N N 16  
ARG O    O N N 17  
ARG CB   C N N 18  
ARG CG   C N N 19  
ARG CD   C N N 20  
ARG NE   N N N 21  
ARG CZ   C N N 22  
ARG NH1  N N N 23  
ARG NH2  N N N 24  
ARG OXT  O N N 25  
ARG H    H N N 26  
ARG H2   H N N 27  
ARG HA   H N N 28  
ARG HB2  H N N 29  
ARG HB3  H N N 30  
ARG HG2  H N N 31  
ARG HG3  H N N 32  
ARG HD2  H N N 33  
ARG HD3  H N N 34  
ARG HE   H N N 35  
ARG HH11 H N N 36  
ARG HH12 H N N 37  
ARG HH21 H N N 38  
ARG HH22 H N N 39  
ARG HXT  H N N 40  
ASN N    N N N 41  
ASN CA   C N S 42  
ASN C    C N N 43  
ASN O    O N N 44  
ASN CB   C N N 45  
ASN CG   C N N 46  
ASN OD1  O N N 47  
ASN ND2  N N N 48  
ASN OXT  O N N 49  
ASN H    H N N 50  
ASN H2   H N N 51  
ASN HA   H N N 52  
ASN HB2  H N N 53  
ASN HB3  H N N 54  
ASN HD21 H N N 55  
ASN HD22 H N N 56  
ASN HXT  H N N 57  
ASP N    N N N 58  
ASP CA   C N S 59  
ASP C    C N N 60  
ASP O    O N N 61  
ASP CB   C N N 62  
ASP CG   C N N 63  
ASP OD1  O N N 64  
ASP OD2  O N N 65  
ASP OXT  O N N 66  
ASP H    H N N 67  
ASP H2   H N N 68  
ASP HA   H N N 69  
ASP HB2  H N N 70  
ASP HB3  H N N 71  
ASP HD2  H N N 72  
ASP HXT  H N N 73  
CYS N    N N N 74  
CYS CA   C N R 75  
CYS C    C N N 76  
CYS O    O N N 77  
CYS CB   C N N 78  
CYS SG   S N N 79  
CYS OXT  O N N 80  
CYS H    H N N 81  
CYS H2   H N N 82  
CYS HA   H N N 83  
CYS HB2  H N N 84  
CYS HB3  H N N 85  
CYS HG   H N N 86  
CYS HXT  H N N 87  
GLN N    N N N 88  
GLN CA   C N S 89  
GLN C    C N N 90  
GLN O    O N N 91  
GLN CB   C N N 92  
GLN CG   C N N 93  
GLN CD   C N N 94  
GLN OE1  O N N 95  
GLN NE2  N N N 96  
GLN OXT  O N N 97  
GLN H    H N N 98  
GLN H2   H N N 99  
GLN HA   H N N 100 
GLN HB2  H N N 101 
GLN HB3  H N N 102 
GLN HG2  H N N 103 
GLN HG3  H N N 104 
GLN HE21 H N N 105 
GLN HE22 H N N 106 
GLN HXT  H N N 107 
GLU N    N N N 108 
GLU CA   C N S 109 
GLU C    C N N 110 
GLU O    O N N 111 
GLU CB   C N N 112 
GLU CG   C N N 113 
GLU CD   C N N 114 
GLU OE1  O N N 115 
GLU OE2  O N N 116 
GLU OXT  O N N 117 
GLU H    H N N 118 
GLU H2   H N N 119 
GLU HA   H N N 120 
GLU HB2  H N N 121 
GLU HB3  H N N 122 
GLU HG2  H N N 123 
GLU HG3  H N N 124 
GLU HE2  H N N 125 
GLU HXT  H N N 126 
GLY N    N N N 127 
GLY CA   C N N 128 
GLY C    C N N 129 
GLY O    O N N 130 
GLY OXT  O N N 131 
GLY H    H N N 132 
GLY H2   H N N 133 
GLY HA2  H N N 134 
GLY HA3  H N N 135 
GLY HXT  H N N 136 
HIS N    N N N 137 
HIS CA   C N S 138 
HIS C    C N N 139 
HIS O    O N N 140 
HIS CB   C N N 141 
HIS CG   C Y N 142 
HIS ND1  N Y N 143 
HIS CD2  C Y N 144 
HIS CE1  C Y N 145 
HIS NE2  N Y N 146 
HIS OXT  O N N 147 
HIS H    H N N 148 
HIS H2   H N N 149 
HIS HA   H N N 150 
HIS HB2  H N N 151 
HIS HB3  H N N 152 
HIS HD1  H N N 153 
HIS HD2  H N N 154 
HIS HE1  H N N 155 
HIS HE2  H N N 156 
HIS HXT  H N N 157 
HOH O    O N N 158 
HOH H1   H N N 159 
HOH H2   H N N 160 
ILE N    N N N 161 
ILE CA   C N S 162 
ILE C    C N N 163 
ILE O    O N N 164 
ILE CB   C N S 165 
ILE CG1  C N N 166 
ILE CG2  C N N 167 
ILE CD1  C N N 168 
ILE OXT  O N N 169 
ILE H    H N N 170 
ILE H2   H N N 171 
ILE HA   H N N 172 
ILE HB   H N N 173 
ILE HG12 H N N 174 
ILE HG13 H N N 175 
ILE HG21 H N N 176 
ILE HG22 H N N 177 
ILE HG23 H N N 178 
ILE HD11 H N N 179 
ILE HD12 H N N 180 
ILE HD13 H N N 181 
ILE HXT  H N N 182 
LEU N    N N N 183 
LEU CA   C N S 184 
LEU C    C N N 185 
LEU O    O N N 186 
LEU CB   C N N 187 
LEU CG   C N N 188 
LEU CD1  C N N 189 
LEU CD2  C N N 190 
LEU OXT  O N N 191 
LEU H    H N N 192 
LEU H2   H N N 193 
LEU HA   H N N 194 
LEU HB2  H N N 195 
LEU HB3  H N N 196 
LEU HG   H N N 197 
LEU HD11 H N N 198 
LEU HD12 H N N 199 
LEU HD13 H N N 200 
LEU HD21 H N N 201 
LEU HD22 H N N 202 
LEU HD23 H N N 203 
LEU HXT  H N N 204 
LYS N    N N N 205 
LYS CA   C N S 206 
LYS C    C N N 207 
LYS O    O N N 208 
LYS CB   C N N 209 
LYS CG   C N N 210 
LYS CD   C N N 211 
LYS CE   C N N 212 
LYS NZ   N N N 213 
LYS OXT  O N N 214 
LYS H    H N N 215 
LYS H2   H N N 216 
LYS HA   H N N 217 
LYS HB2  H N N 218 
LYS HB3  H N N 219 
LYS HG2  H N N 220 
LYS HG3  H N N 221 
LYS HD2  H N N 222 
LYS HD3  H N N 223 
LYS HE2  H N N 224 
LYS HE3  H N N 225 
LYS HZ1  H N N 226 
LYS HZ2  H N N 227 
LYS HZ3  H N N 228 
LYS HXT  H N N 229 
MET N    N N N 230 
MET CA   C N S 231 
MET C    C N N 232 
MET O    O N N 233 
MET CB   C N N 234 
MET CG   C N N 235 
MET SD   S N N 236 
MET CE   C N N 237 
MET OXT  O N N 238 
MET H    H N N 239 
MET H2   H N N 240 
MET HA   H N N 241 
MET HB2  H N N 242 
MET HB3  H N N 243 
MET HG2  H N N 244 
MET HG3  H N N 245 
MET HE1  H N N 246 
MET HE2  H N N 247 
MET HE3  H N N 248 
MET HXT  H N N 249 
PHE N    N N N 250 
PHE CA   C N S 251 
PHE C    C N N 252 
PHE O    O N N 253 
PHE CB   C N N 254 
PHE CG   C Y N 255 
PHE CD1  C Y N 256 
PHE CD2  C Y N 257 
PHE CE1  C Y N 258 
PHE CE2  C Y N 259 
PHE CZ   C Y N 260 
PHE OXT  O N N 261 
PHE H    H N N 262 
PHE H2   H N N 263 
PHE HA   H N N 264 
PHE HB2  H N N 265 
PHE HB3  H N N 266 
PHE HD1  H N N 267 
PHE HD2  H N N 268 
PHE HE1  H N N 269 
PHE HE2  H N N 270 
PHE HZ   H N N 271 
PHE HXT  H N N 272 
PO4 P    P N N 273 
PO4 O1   O N N 274 
PO4 O2   O N N 275 
PO4 O3   O N N 276 
PO4 O4   O N N 277 
PRO N    N N N 278 
PRO CA   C N S 279 
PRO C    C N N 280 
PRO O    O N N 281 
PRO CB   C N N 282 
PRO CG   C N N 283 
PRO CD   C N N 284 
PRO OXT  O N N 285 
PRO H    H N N 286 
PRO HA   H N N 287 
PRO HB2  H N N 288 
PRO HB3  H N N 289 
PRO HG2  H N N 290 
PRO HG3  H N N 291 
PRO HD2  H N N 292 
PRO HD3  H N N 293 
PRO HXT  H N N 294 
SER N    N N N 295 
SER CA   C N S 296 
SER C    C N N 297 
SER O    O N N 298 
SER CB   C N N 299 
SER OG   O N N 300 
SER OXT  O N N 301 
SER H    H N N 302 
SER H2   H N N 303 
SER HA   H N N 304 
SER HB2  H N N 305 
SER HB3  H N N 306 
SER HG   H N N 307 
SER HXT  H N N 308 
THR N    N N N 309 
THR CA   C N S 310 
THR C    C N N 311 
THR O    O N N 312 
THR CB   C N R 313 
THR OG1  O N N 314 
THR CG2  C N N 315 
THR OXT  O N N 316 
THR H    H N N 317 
THR H2   H N N 318 
THR HA   H N N 319 
THR HB   H N N 320 
THR HG1  H N N 321 
THR HG21 H N N 322 
THR HG22 H N N 323 
THR HG23 H N N 324 
THR HXT  H N N 325 
TRP N    N N N 326 
TRP CA   C N S 327 
TRP C    C N N 328 
TRP O    O N N 329 
TRP CB   C N N 330 
TRP CG   C Y N 331 
TRP CD1  C Y N 332 
TRP CD2  C Y N 333 
TRP NE1  N Y N 334 
TRP CE2  C Y N 335 
TRP CE3  C Y N 336 
TRP CZ2  C Y N 337 
TRP CZ3  C Y N 338 
TRP CH2  C Y N 339 
TRP OXT  O N N 340 
TRP H    H N N 341 
TRP H2   H N N 342 
TRP HA   H N N 343 
TRP HB2  H N N 344 
TRP HB3  H N N 345 
TRP HD1  H N N 346 
TRP HE1  H N N 347 
TRP HE3  H N N 348 
TRP HZ2  H N N 349 
TRP HZ3  H N N 350 
TRP HH2  H N N 351 
TRP HXT  H N N 352 
TYR N    N N N 353 
TYR CA   C N S 354 
TYR C    C N N 355 
TYR O    O N N 356 
TYR CB   C N N 357 
TYR CG   C Y N 358 
TYR CD1  C Y N 359 
TYR CD2  C Y N 360 
TYR CE1  C Y N 361 
TYR CE2  C Y N 362 
TYR CZ   C Y N 363 
TYR OH   O N N 364 
TYR OXT  O N N 365 
TYR H    H N N 366 
TYR H2   H N N 367 
TYR HA   H N N 368 
TYR HB2  H N N 369 
TYR HB3  H N N 370 
TYR HD1  H N N 371 
TYR HD2  H N N 372 
TYR HE1  H N N 373 
TYR HE2  H N N 374 
TYR HH   H N N 375 
TYR HXT  H N N 376 
VAL N    N N N 377 
VAL CA   C N S 378 
VAL C    C N N 379 
VAL O    O N N 380 
VAL CB   C N N 381 
VAL CG1  C N N 382 
VAL CG2  C N N 383 
VAL OXT  O N N 384 
VAL H    H N N 385 
VAL H2   H N N 386 
VAL HA   H N N 387 
VAL HB   H N N 388 
VAL HG11 H N N 389 
VAL HG12 H N N 390 
VAL HG13 H N N 391 
VAL HG21 H N N 392 
VAL HG22 H N N 393 
VAL HG23 H N N 394 
VAL HXT  H N N 395 
# 
loop_
_chem_comp_bond.comp_id 
_chem_comp_bond.atom_id_1 
_chem_comp_bond.atom_id_2 
_chem_comp_bond.value_order 
_chem_comp_bond.pdbx_aromatic_flag 
_chem_comp_bond.pdbx_stereo_config 
_chem_comp_bond.pdbx_ordinal 
ALA N   CA   sing N N 1   
ALA N   H    sing N N 2   
ALA N   H2   sing N N 3   
ALA CA  C    sing N N 4   
ALA CA  CB   sing N N 5   
ALA CA  HA   sing N N 6   
ALA C   O    doub N N 7   
ALA C   OXT  sing N N 8   
ALA CB  HB1  sing N N 9   
ALA CB  HB2  sing N N 10  
ALA CB  HB3  sing N N 11  
ALA OXT HXT  sing N N 12  
ARG N   CA   sing N N 13  
ARG N   H    sing N N 14  
ARG N   H2   sing N N 15  
ARG CA  C    sing N N 16  
ARG CA  CB   sing N N 17  
ARG CA  HA   sing N N 18  
ARG C   O    doub N N 19  
ARG C   OXT  sing N N 20  
ARG CB  CG   sing N N 21  
ARG CB  HB2  sing N N 22  
ARG CB  HB3  sing N N 23  
ARG CG  CD   sing N N 24  
ARG CG  HG2  sing N N 25  
ARG CG  HG3  sing N N 26  
ARG CD  NE   sing N N 27  
ARG CD  HD2  sing N N 28  
ARG CD  HD3  sing N N 29  
ARG NE  CZ   sing N N 30  
ARG NE  HE   sing N N 31  
ARG CZ  NH1  sing N N 32  
ARG CZ  NH2  doub N N 33  
ARG NH1 HH11 sing N N 34  
ARG NH1 HH12 sing N N 35  
ARG NH2 HH21 sing N N 36  
ARG NH2 HH22 sing N N 37  
ARG OXT HXT  sing N N 38  
ASN N   CA   sing N N 39  
ASN N   H    sing N N 40  
ASN N   H2   sing N N 41  
ASN CA  C    sing N N 42  
ASN CA  CB   sing N N 43  
ASN CA  HA   sing N N 44  
ASN C   O    doub N N 45  
ASN C   OXT  sing N N 46  
ASN CB  CG   sing N N 47  
ASN CB  HB2  sing N N 48  
ASN CB  HB3  sing N N 49  
ASN CG  OD1  doub N N 50  
ASN CG  ND2  sing N N 51  
ASN ND2 HD21 sing N N 52  
ASN ND2 HD22 sing N N 53  
ASN OXT HXT  sing N N 54  
ASP N   CA   sing N N 55  
ASP N   H    sing N N 56  
ASP N   H2   sing N N 57  
ASP CA  C    sing N N 58  
ASP CA  CB   sing N N 59  
ASP CA  HA   sing N N 60  
ASP C   O    doub N N 61  
ASP C   OXT  sing N N 62  
ASP CB  CG   sing N N 63  
ASP CB  HB2  sing N N 64  
ASP CB  HB3  sing N N 65  
ASP CG  OD1  doub N N 66  
ASP CG  OD2  sing N N 67  
ASP OD2 HD2  sing N N 68  
ASP OXT HXT  sing N N 69  
CYS N   CA   sing N N 70  
CYS N   H    sing N N 71  
CYS N   H2   sing N N 72  
CYS CA  C    sing N N 73  
CYS CA  CB   sing N N 74  
CYS CA  HA   sing N N 75  
CYS C   O    doub N N 76  
CYS C   OXT  sing N N 77  
CYS CB  SG   sing N N 78  
CYS CB  HB2  sing N N 79  
CYS CB  HB3  sing N N 80  
CYS SG  HG   sing N N 81  
CYS OXT HXT  sing N N 82  
GLN N   CA   sing N N 83  
GLN N   H    sing N N 84  
GLN N   H2   sing N N 85  
GLN CA  C    sing N N 86  
GLN CA  CB   sing N N 87  
GLN CA  HA   sing N N 88  
GLN C   O    doub N N 89  
GLN C   OXT  sing N N 90  
GLN CB  CG   sing N N 91  
GLN CB  HB2  sing N N 92  
GLN CB  HB3  sing N N 93  
GLN CG  CD   sing N N 94  
GLN CG  HG2  sing N N 95  
GLN CG  HG3  sing N N 96  
GLN CD  OE1  doub N N 97  
GLN CD  NE2  sing N N 98  
GLN NE2 HE21 sing N N 99  
GLN NE2 HE22 sing N N 100 
GLN OXT HXT  sing N N 101 
GLU N   CA   sing N N 102 
GLU N   H    sing N N 103 
GLU N   H2   sing N N 104 
GLU CA  C    sing N N 105 
GLU CA  CB   sing N N 106 
GLU CA  HA   sing N N 107 
GLU C   O    doub N N 108 
GLU C   OXT  sing N N 109 
GLU CB  CG   sing N N 110 
GLU CB  HB2  sing N N 111 
GLU CB  HB3  sing N N 112 
GLU CG  CD   sing N N 113 
GLU CG  HG2  sing N N 114 
GLU CG  HG3  sing N N 115 
GLU CD  OE1  doub N N 116 
GLU CD  OE2  sing N N 117 
GLU OE2 HE2  sing N N 118 
GLU OXT HXT  sing N N 119 
GLY N   CA   sing N N 120 
GLY N   H    sing N N 121 
GLY N   H2   sing N N 122 
GLY CA  C    sing N N 123 
GLY CA  HA2  sing N N 124 
GLY CA  HA3  sing N N 125 
GLY C   O    doub N N 126 
GLY C   OXT  sing N N 127 
GLY OXT HXT  sing N N 128 
HIS N   CA   sing N N 129 
HIS N   H    sing N N 130 
HIS N   H2   sing N N 131 
HIS CA  C    sing N N 132 
HIS CA  CB   sing N N 133 
HIS CA  HA   sing N N 134 
HIS C   O    doub N N 135 
HIS C   OXT  sing N N 136 
HIS CB  CG   sing N N 137 
HIS CB  HB2  sing N N 138 
HIS CB  HB3  sing N N 139 
HIS CG  ND1  sing Y N 140 
HIS CG  CD2  doub Y N 141 
HIS ND1 CE1  doub Y N 142 
HIS ND1 HD1  sing N N 143 
HIS CD2 NE2  sing Y N 144 
HIS CD2 HD2  sing N N 145 
HIS CE1 NE2  sing Y N 146 
HIS CE1 HE1  sing N N 147 
HIS NE2 HE2  sing N N 148 
HIS OXT HXT  sing N N 149 
HOH O   H1   sing N N 150 
HOH O   H2   sing N N 151 
ILE N   CA   sing N N 152 
ILE N   H    sing N N 153 
ILE N   H2   sing N N 154 
ILE CA  C    sing N N 155 
ILE CA  CB   sing N N 156 
ILE CA  HA   sing N N 157 
ILE C   O    doub N N 158 
ILE C   OXT  sing N N 159 
ILE CB  CG1  sing N N 160 
ILE CB  CG2  sing N N 161 
ILE CB  HB   sing N N 162 
ILE CG1 CD1  sing N N 163 
ILE CG1 HG12 sing N N 164 
ILE CG1 HG13 sing N N 165 
ILE CG2 HG21 sing N N 166 
ILE CG2 HG22 sing N N 167 
ILE CG2 HG23 sing N N 168 
ILE CD1 HD11 sing N N 169 
ILE CD1 HD12 sing N N 170 
ILE CD1 HD13 sing N N 171 
ILE OXT HXT  sing N N 172 
LEU N   CA   sing N N 173 
LEU N   H    sing N N 174 
LEU N   H2   sing N N 175 
LEU CA  C    sing N N 176 
LEU CA  CB   sing N N 177 
LEU CA  HA   sing N N 178 
LEU C   O    doub N N 179 
LEU C   OXT  sing N N 180 
LEU CB  CG   sing N N 181 
LEU CB  HB2  sing N N 182 
LEU CB  HB3  sing N N 183 
LEU CG  CD1  sing N N 184 
LEU CG  CD2  sing N N 185 
LEU CG  HG   sing N N 186 
LEU CD1 HD11 sing N N 187 
LEU CD1 HD12 sing N N 188 
LEU CD1 HD13 sing N N 189 
LEU CD2 HD21 sing N N 190 
LEU CD2 HD22 sing N N 191 
LEU CD2 HD23 sing N N 192 
LEU OXT HXT  sing N N 193 
LYS N   CA   sing N N 194 
LYS N   H    sing N N 195 
LYS N   H2   sing N N 196 
LYS CA  C    sing N N 197 
LYS CA  CB   sing N N 198 
LYS CA  HA   sing N N 199 
LYS C   O    doub N N 200 
LYS C   OXT  sing N N 201 
LYS CB  CG   sing N N 202 
LYS CB  HB2  sing N N 203 
LYS CB  HB3  sing N N 204 
LYS CG  CD   sing N N 205 
LYS CG  HG2  sing N N 206 
LYS CG  HG3  sing N N 207 
LYS CD  CE   sing N N 208 
LYS CD  HD2  sing N N 209 
LYS CD  HD3  sing N N 210 
LYS CE  NZ   sing N N 211 
LYS CE  HE2  sing N N 212 
LYS CE  HE3  sing N N 213 
LYS NZ  HZ1  sing N N 214 
LYS NZ  HZ2  sing N N 215 
LYS NZ  HZ3  sing N N 216 
LYS OXT HXT  sing N N 217 
MET N   CA   sing N N 218 
MET N   H    sing N N 219 
MET N   H2   sing N N 220 
MET CA  C    sing N N 221 
MET CA  CB   sing N N 222 
MET CA  HA   sing N N 223 
MET C   O    doub N N 224 
MET C   OXT  sing N N 225 
MET CB  CG   sing N N 226 
MET CB  HB2  sing N N 227 
MET CB  HB3  sing N N 228 
MET CG  SD   sing N N 229 
MET CG  HG2  sing N N 230 
MET CG  HG3  sing N N 231 
MET SD  CE   sing N N 232 
MET CE  HE1  sing N N 233 
MET CE  HE2  sing N N 234 
MET CE  HE3  sing N N 235 
MET OXT HXT  sing N N 236 
PHE N   CA   sing N N 237 
PHE N   H    sing N N 238 
PHE N   H2   sing N N 239 
PHE CA  C    sing N N 240 
PHE CA  CB   sing N N 241 
PHE CA  HA   sing N N 242 
PHE C   O    doub N N 243 
PHE C   OXT  sing N N 244 
PHE CB  CG   sing N N 245 
PHE CB  HB2  sing N N 246 
PHE CB  HB3  sing N N 247 
PHE CG  CD1  doub Y N 248 
PHE CG  CD2  sing Y N 249 
PHE CD1 CE1  sing Y N 250 
PHE CD1 HD1  sing N N 251 
PHE CD2 CE2  doub Y N 252 
PHE CD2 HD2  sing N N 253 
PHE CE1 CZ   doub Y N 254 
PHE CE1 HE1  sing N N 255 
PHE CE2 CZ   sing Y N 256 
PHE CE2 HE2  sing N N 257 
PHE CZ  HZ   sing N N 258 
PHE OXT HXT  sing N N 259 
PO4 P   O1   doub N N 260 
PO4 P   O2   sing N N 261 
PO4 P   O3   sing N N 262 
PO4 P   O4   sing N N 263 
PRO N   CA   sing N N 264 
PRO N   CD   sing N N 265 
PRO N   H    sing N N 266 
PRO CA  C    sing N N 267 
PRO CA  CB   sing N N 268 
PRO CA  HA   sing N N 269 
PRO C   O    doub N N 270 
PRO C   OXT  sing N N 271 
PRO CB  CG   sing N N 272 
PRO CB  HB2  sing N N 273 
PRO CB  HB3  sing N N 274 
PRO CG  CD   sing N N 275 
PRO CG  HG2  sing N N 276 
PRO CG  HG3  sing N N 277 
PRO CD  HD2  sing N N 278 
PRO CD  HD3  sing N N 279 
PRO OXT HXT  sing N N 280 
SER N   CA   sing N N 281 
SER N   H    sing N N 282 
SER N   H2   sing N N 283 
SER CA  C    sing N N 284 
SER CA  CB   sing N N 285 
SER CA  HA   sing N N 286 
SER C   O    doub N N 287 
SER C   OXT  sing N N 288 
SER CB  OG   sing N N 289 
SER CB  HB2  sing N N 290 
SER CB  HB3  sing N N 291 
SER OG  HG   sing N N 292 
SER OXT HXT  sing N N 293 
THR N   CA   sing N N 294 
THR N   H    sing N N 295 
THR N   H2   sing N N 296 
THR CA  C    sing N N 297 
THR CA  CB   sing N N 298 
THR CA  HA   sing N N 299 
THR C   O    doub N N 300 
THR C   OXT  sing N N 301 
THR CB  OG1  sing N N 302 
THR CB  CG2  sing N N 303 
THR CB  HB   sing N N 304 
THR OG1 HG1  sing N N 305 
THR CG2 HG21 sing N N 306 
THR CG2 HG22 sing N N 307 
THR CG2 HG23 sing N N 308 
THR OXT HXT  sing N N 309 
TRP N   CA   sing N N 310 
TRP N   H    sing N N 311 
TRP N   H2   sing N N 312 
TRP CA  C    sing N N 313 
TRP CA  CB   sing N N 314 
TRP CA  HA   sing N N 315 
TRP C   O    doub N N 316 
TRP C   OXT  sing N N 317 
TRP CB  CG   sing N N 318 
TRP CB  HB2  sing N N 319 
TRP CB  HB3  sing N N 320 
TRP CG  CD1  doub Y N 321 
TRP CG  CD2  sing Y N 322 
TRP CD1 NE1  sing Y N 323 
TRP CD1 HD1  sing N N 324 
TRP CD2 CE2  doub Y N 325 
TRP CD2 CE3  sing Y N 326 
TRP NE1 CE2  sing Y N 327 
TRP NE1 HE1  sing N N 328 
TRP CE2 CZ2  sing Y N 329 
TRP CE3 CZ3  doub Y N 330 
TRP CE3 HE3  sing N N 331 
TRP CZ2 CH2  doub Y N 332 
TRP CZ2 HZ2  sing N N 333 
TRP CZ3 CH2  sing Y N 334 
TRP CZ3 HZ3  sing N N 335 
TRP CH2 HH2  sing N N 336 
TRP OXT HXT  sing N N 337 
TYR N   CA   sing N N 338 
TYR N   H    sing N N 339 
TYR N   H2   sing N N 340 
TYR CA  C    sing N N 341 
TYR CA  CB   sing N N 342 
TYR CA  HA   sing N N 343 
TYR C   O    doub N N 344 
TYR C   OXT  sing N N 345 
TYR CB  CG   sing N N 346 
TYR CB  HB2  sing N N 347 
TYR CB  HB3  sing N N 348 
TYR CG  CD1  doub Y N 349 
TYR CG  CD2  sing Y N 350 
TYR CD1 CE1  sing Y N 351 
TYR CD1 HD1  sing N N 352 
TYR CD2 CE2  doub Y N 353 
TYR CD2 HD2  sing N N 354 
TYR CE1 CZ   doub Y N 355 
TYR CE1 HE1  sing N N 356 
TYR CE2 CZ   sing Y N 357 
TYR CE2 HE2  sing N N 358 
TYR CZ  OH   sing N N 359 
TYR OH  HH   sing N N 360 
TYR OXT HXT  sing N N 361 
VAL N   CA   sing N N 362 
VAL N   H    sing N N 363 
VAL N   H2   sing N N 364 
VAL CA  C    sing N N 365 
VAL CA  CB   sing N N 366 
VAL CA  HA   sing N N 367 
VAL C   O    doub N N 368 
VAL C   OXT  sing N N 369 
VAL CB  CG1  sing N N 370 
VAL CB  CG2  sing N N 371 
VAL CB  HB   sing N N 372 
VAL CG1 HG11 sing N N 373 
VAL CG1 HG12 sing N N 374 
VAL CG1 HG13 sing N N 375 
VAL CG2 HG21 sing N N 376 
VAL CG2 HG22 sing N N 377 
VAL CG2 HG23 sing N N 378 
VAL OXT HXT  sing N N 379 
# 
_pdbx_audit_support.funding_organization   'Clark University start-up funds' 
_pdbx_audit_support.country                'United States' 
_pdbx_audit_support.grant_number           ? 
_pdbx_audit_support.ordinal                1 
# 
loop_
_pdbx_entity_nonpoly.entity_id 
_pdbx_entity_nonpoly.name 
_pdbx_entity_nonpoly.comp_id 
2 'PHOSPHATE ION' PO4 
3 water           HOH 
# 
_pdbx_initial_refinement_model.id               1 
_pdbx_initial_refinement_model.entity_id_list   ? 
_pdbx_initial_refinement_model.type             'experimental model' 
_pdbx_initial_refinement_model.source_name      PDB 
_pdbx_initial_refinement_model.accession_code   1C4Z 
_pdbx_initial_refinement_model.details          ? 
# 
_pdbx_struct_assembly_auth_evidence.id                     1 
_pdbx_struct_assembly_auth_evidence.assembly_id            1 
_pdbx_struct_assembly_auth_evidence.experimental_support   'gel filtration' 
_pdbx_struct_assembly_auth_evidence.details                ? 
# 
